data_3RLK
# 
_entry.id   3RLK 
# 
_audit_conform.dict_name       mmcif_pdbx.dic 
_audit_conform.dict_version    5.387 
_audit_conform.dict_location   http://mmcif.pdb.org/dictionaries/ascii/mmcif_pdbx.dic 
# 
loop_
_database_2.database_id 
_database_2.database_code 
_database_2.pdbx_database_accession 
_database_2.pdbx_DOI 
PDB   3RLK         pdb_00003rlk 10.2210/pdb3rlk/pdb 
RCSB  RCSB065081   ?            ?                   
WWPDB D_1000065081 ?            ?                   
# 
loop_
_pdbx_audit_revision_history.ordinal 
_pdbx_audit_revision_history.data_content_type 
_pdbx_audit_revision_history.major_revision 
_pdbx_audit_revision_history.minor_revision 
_pdbx_audit_revision_history.revision_date 
1 'Structure model' 1 0 2011-09-28 
2 'Structure model' 1 1 2013-06-26 
3 'Structure model' 1 2 2024-02-28 
# 
_pdbx_audit_revision_details.ordinal             1 
_pdbx_audit_revision_details.revision_ordinal    1 
_pdbx_audit_revision_details.data_content_type   'Structure model' 
_pdbx_audit_revision_details.provider            repository 
_pdbx_audit_revision_details.type                'Initial release' 
_pdbx_audit_revision_details.description         ? 
_pdbx_audit_revision_details.details             ? 
# 
loop_
_pdbx_audit_revision_group.ordinal 
_pdbx_audit_revision_group.revision_ordinal 
_pdbx_audit_revision_group.data_content_type 
_pdbx_audit_revision_group.group 
1 2 'Structure model' 'Database references'  
2 3 'Structure model' 'Data collection'      
3 3 'Structure model' 'Database references'  
4 3 'Structure model' 'Derived calculations' 
# 
loop_
_pdbx_audit_revision_category.ordinal 
_pdbx_audit_revision_category.revision_ordinal 
_pdbx_audit_revision_category.data_content_type 
_pdbx_audit_revision_category.category 
1 3 'Structure model' chem_comp_atom     
2 3 'Structure model' chem_comp_bond     
3 3 'Structure model' database_2         
4 3 'Structure model' struct_ref_seq_dif 
5 3 'Structure model' struct_site        
# 
loop_
_pdbx_audit_revision_item.ordinal 
_pdbx_audit_revision_item.revision_ordinal 
_pdbx_audit_revision_item.data_content_type 
_pdbx_audit_revision_item.item 
1 3 'Structure model' '_database_2.pdbx_DOI'                
2 3 'Structure model' '_database_2.pdbx_database_accession' 
3 3 'Structure model' '_struct_ref_seq_dif.details'         
4 3 'Structure model' '_struct_site.pdbx_auth_asym_id'      
5 3 'Structure model' '_struct_site.pdbx_auth_comp_id'      
6 3 'Structure model' '_struct_site.pdbx_auth_seq_id'       
# 
_pdbx_database_status.entry_id                        3RLK 
_pdbx_database_status.deposit_site                    RCSB 
_pdbx_database_status.process_site                    RCSB 
_pdbx_database_status.recvd_initial_deposition_date   2011-04-19 
_pdbx_database_status.status_code                     REL 
_pdbx_database_status.status_code_sf                  REL 
_pdbx_database_status.status_code_mr                  ? 
_pdbx_database_status.SG_entry                        ? 
_pdbx_database_status.status_code_cs                  ? 
_pdbx_database_status.pdb_format_compatible           Y 
_pdbx_database_status.status_code_nmr_data            ? 
_pdbx_database_status.methods_development_category    ? 
# 
_pdbx_database_related.db_name        PDB 
_pdbx_database_related.db_id          3RLC 
_pdbx_database_related.details        
'Crystal structure of the read-through domain from bacteriophage Qbeta A1 protein, hexagonal crystal form' 
_pdbx_database_related.content_type   unspecified 
# 
loop_
_audit_author.name 
_audit_author.pdbx_ordinal 
'Rumnieks, J.' 1 
'Tars, K.'     2 
# 
_citation.id                        primary 
_citation.title                     'Crystal structure of the read-through domain from bacteriophage Qbeta  A1 protein' 
_citation.journal_abbrev            'Protein Sci.' 
_citation.journal_volume            20 
_citation.page_first                1707 
_citation.page_last                 1712 
_citation.year                      2011 
_citation.journal_id_ASTM           PRCIEI 
_citation.country                   US 
_citation.journal_id_ISSN           0961-8368 
_citation.journal_id_CSD            0795 
_citation.book_publisher            ? 
_citation.pdbx_database_id_PubMed   21805520 
_citation.pdbx_database_id_DOI      10.1002/pro.704 
# 
loop_
_citation_author.citation_id 
_citation_author.name 
_citation_author.ordinal 
_citation_author.identifier_ORCID 
primary 'Rumnieks, J.' 1 ? 
primary 'Tars, K.'     2 ? 
# 
loop_
_entity.id 
_entity.type 
_entity.src_method 
_entity.pdbx_description 
_entity.formula_weight 
_entity.pdbx_number_of_molecules 
_entity.pdbx_ec 
_entity.pdbx_mutation 
_entity.pdbx_fragment 
_entity.details 
1 polymer     man 'A1 protein'           21794.596 1   ? ? 'Read-through domain, UNP residues 145-329' ? 
2 non-polymer syn 'TETRAETHYLENE GLYCOL' 194.226   1   ? ? ?                                           ? 
3 water       nat water                  18.015    155 ? ? ?                                           ? 
# 
_entity_name_com.entity_id   1 
_entity_name_com.name        'A1 read-through protein' 
# 
_entity_poly.entity_id                      1 
_entity_poly.type                           'polypeptide(L)' 
_entity_poly.nstd_linkage                   no 
_entity_poly.nstd_monomer                   no 
_entity_poly.pdbx_seq_one_letter_code       
;GHHHHHHSKPDPVIPDPPIDPPPGTGKYTCPFAIWSLEEVYEPPTKNRPWPIYNAVELQPREFDVALKDLLGNTKWRDWD
SRLSYTTFRGCRGNGYIDLDATYLATDQAMRDQKYDIREGKKPGAFGNIERFIYLKSINAYCSLSDIAAYHADGVIVGFW
RDPSSGGAIPFDFTKFDKTKCPIQAVIVVPRA
;
_entity_poly.pdbx_seq_one_letter_code_can   
;GHHHHHHSKPDPVIPDPPIDPPPGTGKYTCPFAIWSLEEVYEPPTKNRPWPIYNAVELQPREFDVALKDLLGNTKWRDWD
SRLSYTTFRGCRGNGYIDLDATYLATDQAMRDQKYDIREGKKPGAFGNIERFIYLKSINAYCSLSDIAAYHADGVIVGFW
RDPSSGGAIPFDFTKFDKTKCPIQAVIVVPRA
;
_entity_poly.pdbx_strand_id                 A 
_entity_poly.pdbx_target_identifier         ? 
# 
loop_
_pdbx_entity_nonpoly.entity_id 
_pdbx_entity_nonpoly.name 
_pdbx_entity_nonpoly.comp_id 
2 'TETRAETHYLENE GLYCOL' PG4 
3 water                  HOH 
# 
loop_
_entity_poly_seq.entity_id 
_entity_poly_seq.num 
_entity_poly_seq.mon_id 
_entity_poly_seq.hetero 
1 1   GLY n 
1 2   HIS n 
1 3   HIS n 
1 4   HIS n 
1 5   HIS n 
1 6   HIS n 
1 7   HIS n 
1 8   SER n 
1 9   LYS n 
1 10  PRO n 
1 11  ASP n 
1 12  PRO n 
1 13  VAL n 
1 14  ILE n 
1 15  PRO n 
1 16  ASP n 
1 17  PRO n 
1 18  PRO n 
1 19  ILE n 
1 20  ASP n 
1 21  PRO n 
1 22  PRO n 
1 23  PRO n 
1 24  GLY n 
1 25  THR n 
1 26  GLY n 
1 27  LYS n 
1 28  TYR n 
1 29  THR n 
1 30  CYS n 
1 31  PRO n 
1 32  PHE n 
1 33  ALA n 
1 34  ILE n 
1 35  TRP n 
1 36  SER n 
1 37  LEU n 
1 38  GLU n 
1 39  GLU n 
1 40  VAL n 
1 41  TYR n 
1 42  GLU n 
1 43  PRO n 
1 44  PRO n 
1 45  THR n 
1 46  LYS n 
1 47  ASN n 
1 48  ARG n 
1 49  PRO n 
1 50  TRP n 
1 51  PRO n 
1 52  ILE n 
1 53  TYR n 
1 54  ASN n 
1 55  ALA n 
1 56  VAL n 
1 57  GLU n 
1 58  LEU n 
1 59  GLN n 
1 60  PRO n 
1 61  ARG n 
1 62  GLU n 
1 63  PHE n 
1 64  ASP n 
1 65  VAL n 
1 66  ALA n 
1 67  LEU n 
1 68  LYS n 
1 69  ASP n 
1 70  LEU n 
1 71  LEU n 
1 72  GLY n 
1 73  ASN n 
1 74  THR n 
1 75  LYS n 
1 76  TRP n 
1 77  ARG n 
1 78  ASP n 
1 79  TRP n 
1 80  ASP n 
1 81  SER n 
1 82  ARG n 
1 83  LEU n 
1 84  SER n 
1 85  TYR n 
1 86  THR n 
1 87  THR n 
1 88  PHE n 
1 89  ARG n 
1 90  GLY n 
1 91  CYS n 
1 92  ARG n 
1 93  GLY n 
1 94  ASN n 
1 95  GLY n 
1 96  TYR n 
1 97  ILE n 
1 98  ASP n 
1 99  LEU n 
1 100 ASP n 
1 101 ALA n 
1 102 THR n 
1 103 TYR n 
1 104 LEU n 
1 105 ALA n 
1 106 THR n 
1 107 ASP n 
1 108 GLN n 
1 109 ALA n 
1 110 MET n 
1 111 ARG n 
1 112 ASP n 
1 113 GLN n 
1 114 LYS n 
1 115 TYR n 
1 116 ASP n 
1 117 ILE n 
1 118 ARG n 
1 119 GLU n 
1 120 GLY n 
1 121 LYS n 
1 122 LYS n 
1 123 PRO n 
1 124 GLY n 
1 125 ALA n 
1 126 PHE n 
1 127 GLY n 
1 128 ASN n 
1 129 ILE n 
1 130 GLU n 
1 131 ARG n 
1 132 PHE n 
1 133 ILE n 
1 134 TYR n 
1 135 LEU n 
1 136 LYS n 
1 137 SER n 
1 138 ILE n 
1 139 ASN n 
1 140 ALA n 
1 141 TYR n 
1 142 CYS n 
1 143 SER n 
1 144 LEU n 
1 145 SER n 
1 146 ASP n 
1 147 ILE n 
1 148 ALA n 
1 149 ALA n 
1 150 TYR n 
1 151 HIS n 
1 152 ALA n 
1 153 ASP n 
1 154 GLY n 
1 155 VAL n 
1 156 ILE n 
1 157 VAL n 
1 158 GLY n 
1 159 PHE n 
1 160 TRP n 
1 161 ARG n 
1 162 ASP n 
1 163 PRO n 
1 164 SER n 
1 165 SER n 
1 166 GLY n 
1 167 GLY n 
1 168 ALA n 
1 169 ILE n 
1 170 PRO n 
1 171 PHE n 
1 172 ASP n 
1 173 PHE n 
1 174 THR n 
1 175 LYS n 
1 176 PHE n 
1 177 ASP n 
1 178 LYS n 
1 179 THR n 
1 180 LYS n 
1 181 CYS n 
1 182 PRO n 
1 183 ILE n 
1 184 GLN n 
1 185 ALA n 
1 186 VAL n 
1 187 ILE n 
1 188 VAL n 
1 189 VAL n 
1 190 PRO n 
1 191 ARG n 
1 192 ALA n 
# 
_entity_src_gen.entity_id                          1 
_entity_src_gen.pdbx_src_id                        1 
_entity_src_gen.pdbx_alt_source_flag               sample 
_entity_src_gen.pdbx_seq_type                      ? 
_entity_src_gen.pdbx_beg_seq_num                   ? 
_entity_src_gen.pdbx_end_seq_num                   ? 
_entity_src_gen.gene_src_common_name               ? 
_entity_src_gen.gene_src_genus                     ? 
_entity_src_gen.pdbx_gene_src_gene                 A1 
_entity_src_gen.gene_src_species                   ? 
_entity_src_gen.gene_src_strain                    ? 
_entity_src_gen.gene_src_tissue                    ? 
_entity_src_gen.gene_src_tissue_fraction           ? 
_entity_src_gen.gene_src_details                   ? 
_entity_src_gen.pdbx_gene_src_fragment             ? 
_entity_src_gen.pdbx_gene_src_scientific_name      'Enterobacteria phage Qbeta' 
_entity_src_gen.pdbx_gene_src_ncbi_taxonomy_id     39803 
_entity_src_gen.pdbx_gene_src_variant              ? 
_entity_src_gen.pdbx_gene_src_cell_line            ? 
_entity_src_gen.pdbx_gene_src_atcc                 ? 
_entity_src_gen.pdbx_gene_src_organ                ? 
_entity_src_gen.pdbx_gene_src_organelle            ? 
_entity_src_gen.pdbx_gene_src_cell                 ? 
_entity_src_gen.pdbx_gene_src_cellular_location    ? 
_entity_src_gen.host_org_common_name               ? 
_entity_src_gen.pdbx_host_org_scientific_name      'Escherichia coli' 
_entity_src_gen.pdbx_host_org_ncbi_taxonomy_id     562 
_entity_src_gen.host_org_genus                     ? 
_entity_src_gen.pdbx_host_org_gene                 ? 
_entity_src_gen.pdbx_host_org_organ                ? 
_entity_src_gen.host_org_species                   ? 
_entity_src_gen.pdbx_host_org_tissue               ? 
_entity_src_gen.pdbx_host_org_tissue_fraction      ? 
_entity_src_gen.pdbx_host_org_strain               TOP10 
_entity_src_gen.pdbx_host_org_variant              ? 
_entity_src_gen.pdbx_host_org_cell_line            ? 
_entity_src_gen.pdbx_host_org_atcc                 ? 
_entity_src_gen.pdbx_host_org_culture_collection   ? 
_entity_src_gen.pdbx_host_org_cell                 ? 
_entity_src_gen.pdbx_host_org_organelle            ? 
_entity_src_gen.pdbx_host_org_cellular_location    ? 
_entity_src_gen.pdbx_host_org_vector_type          plasmid 
_entity_src_gen.pdbx_host_org_vector               ? 
_entity_src_gen.host_org_details                   ? 
_entity_src_gen.expression_system_id               ? 
_entity_src_gen.plasmid_name                       pBAD 
_entity_src_gen.plasmid_details                    ? 
_entity_src_gen.pdbx_description                   ? 
# 
loop_
_chem_comp.id 
_chem_comp.type 
_chem_comp.mon_nstd_flag 
_chem_comp.name 
_chem_comp.pdbx_synonyms 
_chem_comp.formula 
_chem_comp.formula_weight 
ALA 'L-peptide linking' y ALANINE                ? 'C3 H7 N O2'     89.093  
ARG 'L-peptide linking' y ARGININE               ? 'C6 H15 N4 O2 1' 175.209 
ASN 'L-peptide linking' y ASPARAGINE             ? 'C4 H8 N2 O3'    132.118 
ASP 'L-peptide linking' y 'ASPARTIC ACID'        ? 'C4 H7 N O4'     133.103 
CYS 'L-peptide linking' y CYSTEINE               ? 'C3 H7 N O2 S'   121.158 
GLN 'L-peptide linking' y GLUTAMINE              ? 'C5 H10 N2 O3'   146.144 
GLU 'L-peptide linking' y 'GLUTAMIC ACID'        ? 'C5 H9 N O4'     147.129 
GLY 'peptide linking'   y GLYCINE                ? 'C2 H5 N O2'     75.067  
HIS 'L-peptide linking' y HISTIDINE              ? 'C6 H10 N3 O2 1' 156.162 
HOH non-polymer         . WATER                  ? 'H2 O'           18.015  
ILE 'L-peptide linking' y ISOLEUCINE             ? 'C6 H13 N O2'    131.173 
LEU 'L-peptide linking' y LEUCINE                ? 'C6 H13 N O2'    131.173 
LYS 'L-peptide linking' y LYSINE                 ? 'C6 H15 N2 O2 1' 147.195 
MET 'L-peptide linking' y METHIONINE             ? 'C5 H11 N O2 S'  149.211 
PG4 non-polymer         . 'TETRAETHYLENE GLYCOL' ? 'C8 H18 O5'      194.226 
PHE 'L-peptide linking' y PHENYLALANINE          ? 'C9 H11 N O2'    165.189 
PRO 'L-peptide linking' y PROLINE                ? 'C5 H9 N O2'     115.130 
SER 'L-peptide linking' y SERINE                 ? 'C3 H7 N O3'     105.093 
THR 'L-peptide linking' y THREONINE              ? 'C4 H9 N O3'     119.119 
TRP 'L-peptide linking' y TRYPTOPHAN             ? 'C11 H12 N2 O2'  204.225 
TYR 'L-peptide linking' y TYROSINE               ? 'C9 H11 N O3'    181.189 
VAL 'L-peptide linking' y VALINE                 ? 'C5 H11 N O2'    117.146 
# 
loop_
_pdbx_poly_seq_scheme.asym_id 
_pdbx_poly_seq_scheme.entity_id 
_pdbx_poly_seq_scheme.seq_id 
_pdbx_poly_seq_scheme.mon_id 
_pdbx_poly_seq_scheme.ndb_seq_num 
_pdbx_poly_seq_scheme.pdb_seq_num 
_pdbx_poly_seq_scheme.auth_seq_num 
_pdbx_poly_seq_scheme.pdb_mon_id 
_pdbx_poly_seq_scheme.auth_mon_id 
_pdbx_poly_seq_scheme.pdb_strand_id 
_pdbx_poly_seq_scheme.pdb_ins_code 
_pdbx_poly_seq_scheme.hetero 
A 1 1   GLY 1   137 ?   ?   ?   A . n 
A 1 2   HIS 2   138 ?   ?   ?   A . n 
A 1 3   HIS 3   139 ?   ?   ?   A . n 
A 1 4   HIS 4   140 ?   ?   ?   A . n 
A 1 5   HIS 5   141 ?   ?   ?   A . n 
A 1 6   HIS 6   142 ?   ?   ?   A . n 
A 1 7   HIS 7   143 ?   ?   ?   A . n 
A 1 8   SER 8   144 ?   ?   ?   A . n 
A 1 9   LYS 9   145 ?   ?   ?   A . n 
A 1 10  PRO 10  146 146 PRO PRO A . n 
A 1 11  ASP 11  147 147 ASP ASP A . n 
A 1 12  PRO 12  148 148 PRO PRO A . n 
A 1 13  VAL 13  149 149 VAL VAL A . n 
A 1 14  ILE 14  150 150 ILE ILE A . n 
A 1 15  PRO 15  151 151 PRO PRO A . n 
A 1 16  ASP 16  152 152 ASP ASP A . n 
A 1 17  PRO 17  153 153 PRO PRO A . n 
A 1 18  PRO 18  154 154 PRO PRO A . n 
A 1 19  ILE 19  155 155 ILE ILE A . n 
A 1 20  ASP 20  156 156 ASP ASP A . n 
A 1 21  PRO 21  157 157 PRO PRO A . n 
A 1 22  PRO 22  158 158 PRO PRO A . n 
A 1 23  PRO 23  159 159 PRO PRO A . n 
A 1 24  GLY 24  160 160 GLY GLY A . n 
A 1 25  THR 25  161 161 THR THR A . n 
A 1 26  GLY 26  162 162 GLY GLY A . n 
A 1 27  LYS 27  163 163 LYS LYS A . n 
A 1 28  TYR 28  164 164 TYR TYR A . n 
A 1 29  THR 29  165 165 THR THR A . n 
A 1 30  CYS 30  166 166 CYS CYS A . n 
A 1 31  PRO 31  167 167 PRO PRO A . n 
A 1 32  PHE 32  168 168 PHE PHE A . n 
A 1 33  ALA 33  169 169 ALA ALA A . n 
A 1 34  ILE 34  170 170 ILE ILE A . n 
A 1 35  TRP 35  171 171 TRP TRP A . n 
A 1 36  SER 36  172 172 SER SER A . n 
A 1 37  LEU 37  173 173 LEU LEU A . n 
A 1 38  GLU 38  174 174 GLU GLU A . n 
A 1 39  GLU 39  175 175 GLU GLU A . n 
A 1 40  VAL 40  176 176 VAL VAL A . n 
A 1 41  TYR 41  177 177 TYR TYR A . n 
A 1 42  GLU 42  178 178 GLU GLU A . n 
A 1 43  PRO 43  179 179 PRO PRO A . n 
A 1 44  PRO 44  180 180 PRO PRO A . n 
A 1 45  THR 45  181 181 THR THR A . n 
A 1 46  LYS 46  182 182 LYS LYS A . n 
A 1 47  ASN 47  183 183 ASN ASN A . n 
A 1 48  ARG 48  184 184 ARG ARG A . n 
A 1 49  PRO 49  185 185 PRO PRO A . n 
A 1 50  TRP 50  186 186 TRP TRP A . n 
A 1 51  PRO 51  187 187 PRO PRO A . n 
A 1 52  ILE 52  188 188 ILE ILE A . n 
A 1 53  TYR 53  189 189 TYR TYR A . n 
A 1 54  ASN 54  190 190 ASN ASN A . n 
A 1 55  ALA 55  191 191 ALA ALA A . n 
A 1 56  VAL 56  192 192 VAL VAL A . n 
A 1 57  GLU 57  193 193 GLU GLU A . n 
A 1 58  LEU 58  194 194 LEU LEU A . n 
A 1 59  GLN 59  195 195 GLN GLN A . n 
A 1 60  PRO 60  196 196 PRO PRO A . n 
A 1 61  ARG 61  197 197 ARG ARG A . n 
A 1 62  GLU 62  198 198 GLU GLU A . n 
A 1 63  PHE 63  199 199 PHE PHE A . n 
A 1 64  ASP 64  200 200 ASP ASP A . n 
A 1 65  VAL 65  201 201 VAL VAL A . n 
A 1 66  ALA 66  202 202 ALA ALA A . n 
A 1 67  LEU 67  203 203 LEU LEU A . n 
A 1 68  LYS 68  204 204 LYS LYS A . n 
A 1 69  ASP 69  205 205 ASP ASP A . n 
A 1 70  LEU 70  206 206 LEU LEU A . n 
A 1 71  LEU 71  207 207 LEU LEU A . n 
A 1 72  GLY 72  208 208 GLY GLY A . n 
A 1 73  ASN 73  209 209 ASN ASN A . n 
A 1 74  THR 74  210 210 THR THR A . n 
A 1 75  LYS 75  211 211 LYS LYS A . n 
A 1 76  TRP 76  212 212 TRP TRP A . n 
A 1 77  ARG 77  213 213 ARG ARG A . n 
A 1 78  ASP 78  214 214 ASP ASP A . n 
A 1 79  TRP 79  215 215 TRP TRP A . n 
A 1 80  ASP 80  216 216 ASP ASP A . n 
A 1 81  SER 81  217 217 SER SER A . n 
A 1 82  ARG 82  218 218 ARG ARG A . n 
A 1 83  LEU 83  219 219 LEU LEU A . n 
A 1 84  SER 84  220 220 SER SER A . n 
A 1 85  TYR 85  221 221 TYR TYR A . n 
A 1 86  THR 86  222 222 THR THR A . n 
A 1 87  THR 87  223 223 THR THR A . n 
A 1 88  PHE 88  224 224 PHE PHE A . n 
A 1 89  ARG 89  225 225 ARG ARG A . n 
A 1 90  GLY 90  226 226 GLY GLY A . n 
A 1 91  CYS 91  227 227 CYS CYS A . n 
A 1 92  ARG 92  228 228 ARG ARG A . n 
A 1 93  GLY 93  229 229 GLY GLY A . n 
A 1 94  ASN 94  230 230 ASN ASN A . n 
A 1 95  GLY 95  231 231 GLY GLY A . n 
A 1 96  TYR 96  232 232 TYR TYR A . n 
A 1 97  ILE 97  233 233 ILE ILE A . n 
A 1 98  ASP 98  234 234 ASP ASP A . n 
A 1 99  LEU 99  235 235 LEU LEU A . n 
A 1 100 ASP 100 236 236 ASP ASP A . n 
A 1 101 ALA 101 237 237 ALA ALA A . n 
A 1 102 THR 102 238 238 THR THR A . n 
A 1 103 TYR 103 239 239 TYR TYR A . n 
A 1 104 LEU 104 240 240 LEU LEU A . n 
A 1 105 ALA 105 241 241 ALA ALA A . n 
A 1 106 THR 106 242 242 THR THR A . n 
A 1 107 ASP 107 243 243 ASP ASP A . n 
A 1 108 GLN 108 244 244 GLN GLN A . n 
A 1 109 ALA 109 245 245 ALA ALA A . n 
A 1 110 MET 110 246 246 MET MET A . n 
A 1 111 ARG 111 247 247 ARG ARG A . n 
A 1 112 ASP 112 248 248 ASP ASP A . n 
A 1 113 GLN 113 249 249 GLN GLN A . n 
A 1 114 LYS 114 250 250 LYS LYS A . n 
A 1 115 TYR 115 251 251 TYR TYR A . n 
A 1 116 ASP 116 252 252 ASP ASP A . n 
A 1 117 ILE 117 253 253 ILE ILE A . n 
A 1 118 ARG 118 254 254 ARG ARG A . n 
A 1 119 GLU 119 255 255 GLU GLU A . n 
A 1 120 GLY 120 256 256 GLY GLY A . n 
A 1 121 LYS 121 257 257 LYS LYS A . n 
A 1 122 LYS 122 258 258 LYS LYS A . n 
A 1 123 PRO 123 259 259 PRO PRO A . n 
A 1 124 GLY 124 260 260 GLY GLY A . n 
A 1 125 ALA 125 261 261 ALA ALA A . n 
A 1 126 PHE 126 262 262 PHE PHE A . n 
A 1 127 GLY 127 263 263 GLY GLY A . n 
A 1 128 ASN 128 264 264 ASN ASN A . n 
A 1 129 ILE 129 265 265 ILE ILE A . n 
A 1 130 GLU 130 266 266 GLU GLU A . n 
A 1 131 ARG 131 267 267 ARG ARG A . n 
A 1 132 PHE 132 268 268 PHE PHE A . n 
A 1 133 ILE 133 269 269 ILE ILE A . n 
A 1 134 TYR 134 270 270 TYR TYR A . n 
A 1 135 LEU 135 271 271 LEU LEU A . n 
A 1 136 LYS 136 272 272 LYS LYS A . n 
A 1 137 SER 137 273 273 SER SER A . n 
A 1 138 ILE 138 274 274 ILE ILE A . n 
A 1 139 ASN 139 275 275 ASN ASN A . n 
A 1 140 ALA 140 276 276 ALA ALA A . n 
A 1 141 TYR 141 277 277 TYR TYR A . n 
A 1 142 CYS 142 278 278 CYS CYS A . n 
A 1 143 SER 143 279 279 SER SER A . n 
A 1 144 LEU 144 280 280 LEU LEU A . n 
A 1 145 SER 145 281 281 SER SER A . n 
A 1 146 ASP 146 282 282 ASP ASP A . n 
A 1 147 ILE 147 283 283 ILE ILE A . n 
A 1 148 ALA 148 284 284 ALA ALA A . n 
A 1 149 ALA 149 285 285 ALA ALA A . n 
A 1 150 TYR 150 286 286 TYR TYR A . n 
A 1 151 HIS 151 287 287 HIS HIS A . n 
A 1 152 ALA 152 288 288 ALA ALA A . n 
A 1 153 ASP 153 289 289 ASP ASP A . n 
A 1 154 GLY 154 290 290 GLY GLY A . n 
A 1 155 VAL 155 291 291 VAL VAL A . n 
A 1 156 ILE 156 292 292 ILE ILE A . n 
A 1 157 VAL 157 293 293 VAL VAL A . n 
A 1 158 GLY 158 294 294 GLY GLY A . n 
A 1 159 PHE 159 295 295 PHE PHE A . n 
A 1 160 TRP 160 296 296 TRP TRP A . n 
A 1 161 ARG 161 297 297 ARG ARG A . n 
A 1 162 ASP 162 298 298 ASP ASP A . n 
A 1 163 PRO 163 299 299 PRO PRO A . n 
A 1 164 SER 164 300 300 SER SER A . n 
A 1 165 SER 165 301 301 SER SER A . n 
A 1 166 GLY 166 302 302 GLY GLY A . n 
A 1 167 GLY 167 303 303 GLY GLY A . n 
A 1 168 ALA 168 304 304 ALA ALA A . n 
A 1 169 ILE 169 305 305 ILE ILE A . n 
A 1 170 PRO 170 306 306 PRO PRO A . n 
A 1 171 PHE 171 307 307 PHE PHE A . n 
A 1 172 ASP 172 308 308 ASP ASP A . n 
A 1 173 PHE 173 309 309 PHE PHE A . n 
A 1 174 THR 174 310 310 THR THR A . n 
A 1 175 LYS 175 311 311 LYS LYS A . n 
A 1 176 PHE 176 312 312 PHE PHE A . n 
A 1 177 ASP 177 313 313 ASP ASP A . n 
A 1 178 LYS 178 314 314 LYS LYS A . n 
A 1 179 THR 179 315 315 THR THR A . n 
A 1 180 LYS 180 316 316 LYS LYS A . n 
A 1 181 CYS 181 317 317 CYS CYS A . n 
A 1 182 PRO 182 318 318 PRO PRO A . n 
A 1 183 ILE 183 319 319 ILE ILE A . n 
A 1 184 GLN 184 320 320 GLN GLN A . n 
A 1 185 ALA 185 321 321 ALA ALA A . n 
A 1 186 VAL 186 322 322 VAL VAL A . n 
A 1 187 ILE 187 323 323 ILE ILE A . n 
A 1 188 VAL 188 324 324 VAL VAL A . n 
A 1 189 VAL 189 325 325 VAL VAL A . n 
A 1 190 PRO 190 326 326 PRO PRO A . n 
A 1 191 ARG 191 327 327 ARG ARG A . n 
A 1 192 ALA 192 328 328 ALA ALA A . n 
# 
loop_
_pdbx_nonpoly_scheme.asym_id 
_pdbx_nonpoly_scheme.entity_id 
_pdbx_nonpoly_scheme.mon_id 
_pdbx_nonpoly_scheme.ndb_seq_num 
_pdbx_nonpoly_scheme.pdb_seq_num 
_pdbx_nonpoly_scheme.auth_seq_num 
_pdbx_nonpoly_scheme.pdb_mon_id 
_pdbx_nonpoly_scheme.auth_mon_id 
_pdbx_nonpoly_scheme.pdb_strand_id 
_pdbx_nonpoly_scheme.pdb_ins_code 
B 2 PG4 1   401 401 PG4 PG4 A . 
C 3 HOH 1   501 501 HOH HOH A . 
C 3 HOH 2   502 502 HOH HOH A . 
C 3 HOH 3   503 503 HOH HOH A . 
C 3 HOH 4   504 504 HOH HOH A . 
C 3 HOH 5   505 505 HOH HOH A . 
C 3 HOH 6   506 506 HOH HOH A . 
C 3 HOH 7   507 507 HOH HOH A . 
C 3 HOH 8   508 508 HOH HOH A . 
C 3 HOH 9   509 509 HOH HOH A . 
C 3 HOH 10  510 510 HOH HOH A . 
C 3 HOH 11  511 511 HOH HOH A . 
C 3 HOH 12  512 512 HOH HOH A . 
C 3 HOH 13  513 513 HOH HOH A . 
C 3 HOH 14  514 514 HOH HOH A . 
C 3 HOH 15  515 515 HOH HOH A . 
C 3 HOH 16  516 516 HOH HOH A . 
C 3 HOH 17  517 517 HOH HOH A . 
C 3 HOH 18  518 518 HOH HOH A . 
C 3 HOH 19  519 519 HOH HOH A . 
C 3 HOH 20  520 520 HOH HOH A . 
C 3 HOH 21  521 521 HOH HOH A . 
C 3 HOH 22  522 522 HOH HOH A . 
C 3 HOH 23  523 523 HOH HOH A . 
C 3 HOH 24  524 524 HOH HOH A . 
C 3 HOH 25  525 525 HOH HOH A . 
C 3 HOH 26  526 526 HOH HOH A . 
C 3 HOH 27  527 527 HOH HOH A . 
C 3 HOH 28  528 528 HOH HOH A . 
C 3 HOH 29  529 529 HOH HOH A . 
C 3 HOH 30  530 530 HOH HOH A . 
C 3 HOH 31  531 531 HOH HOH A . 
C 3 HOH 32  532 532 HOH HOH A . 
C 3 HOH 33  533 533 HOH HOH A . 
C 3 HOH 34  534 534 HOH HOH A . 
C 3 HOH 35  535 535 HOH HOH A . 
C 3 HOH 36  536 536 HOH HOH A . 
C 3 HOH 37  537 537 HOH HOH A . 
C 3 HOH 38  538 538 HOH HOH A . 
C 3 HOH 39  539 539 HOH HOH A . 
C 3 HOH 40  540 540 HOH HOH A . 
C 3 HOH 41  541 541 HOH HOH A . 
C 3 HOH 42  542 542 HOH HOH A . 
C 3 HOH 43  543 543 HOH HOH A . 
C 3 HOH 44  544 544 HOH HOH A . 
C 3 HOH 45  545 545 HOH HOH A . 
C 3 HOH 46  546 546 HOH HOH A . 
C 3 HOH 47  547 547 HOH HOH A . 
C 3 HOH 48  548 548 HOH HOH A . 
C 3 HOH 49  549 549 HOH HOH A . 
C 3 HOH 50  550 550 HOH HOH A . 
C 3 HOH 51  551 551 HOH HOH A . 
C 3 HOH 52  552 552 HOH HOH A . 
C 3 HOH 53  553 553 HOH HOH A . 
C 3 HOH 54  554 554 HOH HOH A . 
C 3 HOH 55  555 555 HOH HOH A . 
C 3 HOH 56  556 556 HOH HOH A . 
C 3 HOH 57  557 557 HOH HOH A . 
C 3 HOH 58  558 558 HOH HOH A . 
C 3 HOH 59  559 559 HOH HOH A . 
C 3 HOH 60  560 560 HOH HOH A . 
C 3 HOH 61  561 561 HOH HOH A . 
C 3 HOH 62  562 562 HOH HOH A . 
C 3 HOH 63  563 563 HOH HOH A . 
C 3 HOH 64  564 564 HOH HOH A . 
C 3 HOH 65  565 565 HOH HOH A . 
C 3 HOH 66  566 566 HOH HOH A . 
C 3 HOH 67  567 567 HOH HOH A . 
C 3 HOH 68  568 568 HOH HOH A . 
C 3 HOH 69  569 569 HOH HOH A . 
C 3 HOH 70  570 570 HOH HOH A . 
C 3 HOH 71  571 571 HOH HOH A . 
C 3 HOH 72  572 572 HOH HOH A . 
C 3 HOH 73  573 573 HOH HOH A . 
C 3 HOH 74  574 574 HOH HOH A . 
C 3 HOH 75  575 575 HOH HOH A . 
C 3 HOH 76  576 576 HOH HOH A . 
C 3 HOH 77  577 577 HOH HOH A . 
C 3 HOH 78  578 578 HOH HOH A . 
C 3 HOH 79  579 579 HOH HOH A . 
C 3 HOH 80  580 580 HOH HOH A . 
C 3 HOH 81  581 581 HOH HOH A . 
C 3 HOH 82  582 582 HOH HOH A . 
C 3 HOH 83  583 583 HOH HOH A . 
C 3 HOH 84  584 584 HOH HOH A . 
C 3 HOH 85  585 585 HOH HOH A . 
C 3 HOH 86  586 586 HOH HOH A . 
C 3 HOH 87  587 587 HOH HOH A . 
C 3 HOH 88  588 588 HOH HOH A . 
C 3 HOH 89  589 589 HOH HOH A . 
C 3 HOH 90  590 590 HOH HOH A . 
C 3 HOH 91  591 591 HOH HOH A . 
C 3 HOH 92  592 592 HOH HOH A . 
C 3 HOH 93  593 593 HOH HOH A . 
C 3 HOH 94  594 594 HOH HOH A . 
C 3 HOH 95  595 595 HOH HOH A . 
C 3 HOH 96  596 596 HOH HOH A . 
C 3 HOH 97  597 597 HOH HOH A . 
C 3 HOH 98  598 598 HOH HOH A . 
C 3 HOH 99  599 599 HOH HOH A . 
C 3 HOH 100 600 600 HOH HOH A . 
C 3 HOH 101 601 601 HOH HOH A . 
C 3 HOH 102 602 602 HOH HOH A . 
C 3 HOH 103 603 603 HOH HOH A . 
C 3 HOH 104 604 604 HOH HOH A . 
C 3 HOH 105 605 605 HOH HOH A . 
C 3 HOH 106 606 606 HOH HOH A . 
C 3 HOH 107 607 607 HOH HOH A . 
C 3 HOH 108 608 608 HOH HOH A . 
C 3 HOH 109 609 609 HOH HOH A . 
C 3 HOH 110 610 610 HOH HOH A . 
C 3 HOH 111 611 611 HOH HOH A . 
C 3 HOH 112 612 612 HOH HOH A . 
C 3 HOH 113 613 613 HOH HOH A . 
C 3 HOH 114 614 614 HOH HOH A . 
C 3 HOH 115 615 615 HOH HOH A . 
C 3 HOH 116 616 616 HOH HOH A . 
C 3 HOH 117 617 617 HOH HOH A . 
C 3 HOH 118 618 618 HOH HOH A . 
C 3 HOH 119 619 619 HOH HOH A . 
C 3 HOH 120 620 620 HOH HOH A . 
C 3 HOH 121 621 621 HOH HOH A . 
C 3 HOH 122 622 622 HOH HOH A . 
C 3 HOH 123 623 623 HOH HOH A . 
C 3 HOH 124 624 624 HOH HOH A . 
C 3 HOH 125 625 625 HOH HOH A . 
C 3 HOH 126 626 626 HOH HOH A . 
C 3 HOH 127 627 627 HOH HOH A . 
C 3 HOH 128 628 628 HOH HOH A . 
C 3 HOH 129 629 629 HOH HOH A . 
C 3 HOH 130 630 630 HOH HOH A . 
C 3 HOH 131 631 631 HOH HOH A . 
C 3 HOH 132 632 632 HOH HOH A . 
C 3 HOH 133 633 633 HOH HOH A . 
C 3 HOH 134 634 634 HOH HOH A . 
C 3 HOH 135 635 635 HOH HOH A . 
C 3 HOH 136 636 636 HOH HOH A . 
C 3 HOH 137 637 637 HOH HOH A . 
C 3 HOH 138 638 638 HOH HOH A . 
C 3 HOH 139 639 639 HOH HOH A . 
C 3 HOH 140 640 640 HOH HOH A . 
C 3 HOH 141 641 641 HOH HOH A . 
C 3 HOH 142 642 642 HOH HOH A . 
C 3 HOH 143 643 643 HOH HOH A . 
C 3 HOH 144 644 644 HOH HOH A . 
C 3 HOH 145 645 645 HOH HOH A . 
C 3 HOH 146 646 646 HOH HOH A . 
C 3 HOH 147 647 647 HOH HOH A . 
C 3 HOH 148 648 648 HOH HOH A . 
C 3 HOH 149 649 649 HOH HOH A . 
C 3 HOH 150 650 650 HOH HOH A . 
C 3 HOH 151 651 651 HOH HOH A . 
C 3 HOH 152 652 652 HOH HOH A . 
C 3 HOH 153 653 653 HOH HOH A . 
C 3 HOH 154 654 654 HOH HOH A . 
C 3 HOH 155 655 655 HOH HOH A . 
# 
loop_
_software.pdbx_ordinal 
_software.name 
_software.version 
_software.date 
_software.type 
_software.contact_author 
_software.contact_author_email 
_software.classification 
_software.location 
_software.language 
_software.citation_id 
1 MOSFLM      .       ?               package 'Andrew G.W. Leslie'  andrew@mrc-lmb.cam.ac.uk        'data reduction'  
http://www.mrc-lmb.cam.ac.uk/harry/mosflm/   ?          ? 
2 SCALA       3.3.9   2008/10/21      other   'Phil R. Evans'       pre@mrc-lmb.cam.ac.uk           'data scaling'    
http://www.ccp4.ac.uk/dist/html/scala.html   Fortran_77 ? 
3 SHARP       .       ?               package 'Eric de La Fortelle' sharp-develop@globalphasing.com phasing           
http://www.globalphasing.com/sharp/          ?          ? 
4 SOLOMON     .       ?               program 'Jan P. Abrahams'     ccp4@ccp4.ac.uk                 phasing           
http://www.ccp4.ac.uk/dist/html/solomon.html Fortran_77 ? 
5 REFMAC      .       ?               program 'Garib N. Murshudov'  garib@ysbl.york.ac.uk           refinement        
http://www.ccp4.ac.uk/dist/html/refmac5.html Fortran_77 ? 
6 PDB_EXTRACT 3.10    'June 10, 2010' package PDB                   deposit@deposit.rcsb.org        'data extraction' 
http://sw-tools.pdb.org/apps/PDB_EXTRACT/    C++        ? 
7 ADSC        Quantum ?               ?       ?                     ?                               'data collection' ? ?          
? 
# 
_cell.entry_id           3RLK 
_cell.length_a           44.010 
_cell.length_b           49.120 
_cell.length_c           44.260 
_cell.angle_alpha        90.00 
_cell.angle_beta         118.41 
_cell.angle_gamma        90.00 
_cell.Z_PDB              2 
_cell.pdbx_unique_axis   ? 
_cell.length_a_esd       ? 
_cell.length_b_esd       ? 
_cell.length_c_esd       ? 
_cell.angle_alpha_esd    ? 
_cell.angle_beta_esd     ? 
_cell.angle_gamma_esd    ? 
# 
_symmetry.entry_id                         3RLK 
_symmetry.space_group_name_H-M             'P 1 21 1' 
_symmetry.pdbx_full_space_group_name_H-M   ? 
_symmetry.cell_setting                     ? 
_symmetry.Int_Tables_number                4 
_symmetry.space_group_name_Hall            ? 
# 
_exptl.crystals_number   1 
_exptl.entry_id          3RLK 
_exptl.method            'X-RAY DIFFRACTION' 
# 
_exptl_crystal.id                    1 
_exptl_crystal.density_Matthews      1.93 
_exptl_crystal.density_meas          ? 
_exptl_crystal.density_percent_sol   36.29 
_exptl_crystal.description           ? 
_exptl_crystal.F_000                 ? 
_exptl_crystal.preparation           ? 
# 
_exptl_crystal_grow.crystal_id      1 
_exptl_crystal_grow.method          'VAPOR DIFFUSION, SITTING DROP' 
_exptl_crystal_grow.pH              8.5 
_exptl_crystal_grow.temp            298 
_exptl_crystal_grow.temp_details    ? 
_exptl_crystal_grow.pdbx_details    '0.1 M Tris-HCl, 40% PEG 300, pH 8.5, VAPOR DIFFUSION, SITTING DROP, temperature 298K' 
_exptl_crystal_grow.pdbx_pH_range   ? 
# 
_diffrn.id                     1 
_diffrn.ambient_temp           100 
_diffrn.ambient_temp_details   ? 
_diffrn.crystal_id             1 
# 
_diffrn_detector.diffrn_id              1 
_diffrn_detector.detector               CCD 
_diffrn_detector.type                   'ADSC QUANTUM 315r' 
_diffrn_detector.pdbx_collection_date   2009-03-05 
_diffrn_detector.details                ? 
# 
_diffrn_radiation.diffrn_id                        1 
_diffrn_radiation.wavelength_id                    1 
_diffrn_radiation.pdbx_diffrn_protocol             'SINGLE WAVELENGTH' 
_diffrn_radiation.monochromator                    'Si (311)' 
_diffrn_radiation.pdbx_monochromatic_or_laue_m_l   M 
_diffrn_radiation.pdbx_scattering_type             x-ray 
# 
_diffrn_radiation_wavelength.id           1 
_diffrn_radiation_wavelength.wavelength   0.976180 
_diffrn_radiation_wavelength.wt           1.0 
# 
_diffrn_source.diffrn_id                   1 
_diffrn_source.source                      SYNCHROTRON 
_diffrn_source.type                        'ESRF BEAMLINE ID29' 
_diffrn_source.pdbx_wavelength             ? 
_diffrn_source.pdbx_wavelength_list        0.976180 
_diffrn_source.pdbx_synchrotron_site       ESRF 
_diffrn_source.pdbx_synchrotron_beamline   ID29 
# 
_reflns.entry_id                     3RLK 
_reflns.d_resolution_high            1.760 
_reflns.d_resolution_low             38.930 
_reflns.number_all                   ? 
_reflns.number_obs                   16414 
_reflns.pdbx_netI_over_sigmaI        10.000 
_reflns.pdbx_Rsym_value              0.078 
_reflns.pdbx_redundancy              3.400 
_reflns.percent_possible_obs         99.200 
_reflns.observed_criterion_sigma_F   0 
_reflns.observed_criterion_sigma_I   0 
_reflns.B_iso_Wilson_estimate        ? 
_reflns.R_free_details               ? 
_reflns.limit_h_max                  ? 
_reflns.limit_h_min                  ? 
_reflns.limit_k_max                  ? 
_reflns.limit_k_min                  ? 
_reflns.limit_l_max                  ? 
_reflns.limit_l_min                  ? 
_reflns.observed_criterion_F_max     ? 
_reflns.observed_criterion_F_min     ? 
_reflns.pdbx_chi_squared             ? 
_reflns.pdbx_scaling_rejects         ? 
_reflns.pdbx_Rmerge_I_obs            ? 
_reflns.pdbx_ordinal                 1 
_reflns.pdbx_diffrn_id               1 
# 
loop_
_reflns_shell.d_res_high 
_reflns_shell.d_res_low 
_reflns_shell.number_measured_obs 
_reflns_shell.number_measured_all 
_reflns_shell.number_unique_obs 
_reflns_shell.Rmerge_I_obs 
_reflns_shell.meanI_over_sigI_obs 
_reflns_shell.pdbx_Rsym_value 
_reflns_shell.pdbx_chi_squared 
_reflns_shell.pdbx_redundancy 
_reflns_shell.percent_possible_obs 
_reflns_shell.number_unique_all 
_reflns_shell.percent_possible_all 
_reflns_shell.pdbx_ordinal 
_reflns_shell.pdbx_diffrn_id 
1.760 1.860  ? 7776 ? 0.334 2.200  0.334 ? 3.300 ? 2378 99.500 1  1 
1.860 1.970  ? 7810 ? 0.222 3.300  0.222 ? 3.400 ? 2271 99.600 2  1 
1.970 2.110  ? 7376 ? 0.153 4.800  0.153 ? 3.500 ? 2130 99.300 3  1 
2.110 2.270  ? 6780 ? 0.114 6.400  0.114 ? 3.400 ? 1968 99.400 4  1 
2.270 2.490  ? 6243 ? 0.100 7.000  0.100 ? 3.400 ? 1822 99.600 5  1 
2.490 2.790  ? 5634 ? 0.076 9.000  0.076 ? 3.400 ? 1661 99.400 6  1 
2.790 3.220  ? 4902 ? 0.057 11.500 0.057 ? 3.400 ? 1459 99.200 7  1 
3.220 3.940  ? 4037 ? 0.051 12.100 0.051 ? 3.300 ? 1231 98.600 8  1 
3.940 5.570  ? 2889 ? 0.052 12.000 0.052 ? 3.100 ? 947  96.600 9  1 
5.570 38.930 ? 1874 ? 0.046 13.400 0.046 ? 3.400 ? 547  99.700 10 1 
# 
_refine.entry_id                                 3RLK 
_refine.ls_d_res_high                            1.7600 
_refine.ls_d_res_low                             38.9300 
_refine.pdbx_ls_sigma_F                          0.000 
_refine.pdbx_data_cutoff_high_absF               ? 
_refine.pdbx_data_cutoff_low_absF                ? 
_refine.ls_percent_reflns_obs                    99.1500 
_refine.ls_number_reflns_obs                     15571 
_refine.ls_number_reflns_all                     ? 
_refine.pdbx_ls_cross_valid_method               THROUGHOUT 
_refine.pdbx_R_Free_selection_details            RANDOM 
_refine.details                                  'HYDROGENS HAVE BEEN ADDED IN THE RIDING POSITIONS U VALUES: REFINED INDIVIDUALLY' 
_refine.ls_R_factor_obs                          0.1768 
_refine.ls_R_factor_R_work                       0.1736 
_refine.ls_wR_factor_R_work                      0.1752 
_refine.ls_R_factor_R_free                       0.2418 
_refine.ls_wR_factor_R_free                      0.2437 
_refine.ls_percent_reflns_R_free                 5.1000 
_refine.ls_number_reflns_R_free                  831 
_refine.ls_R_factor_R_free_error                 ? 
_refine.B_iso_mean                               17.1526 
_refine.solvent_model_param_bsol                 ? 
_refine.solvent_model_param_ksol                 ? 
_refine.pdbx_isotropic_thermal_model             ? 
_refine.aniso_B[1][1]                            -0.9500 
_refine.aniso_B[2][2]                            -0.2300 
_refine.aniso_B[3][3]                            1.4700 
_refine.aniso_B[1][2]                            0.0000 
_refine.aniso_B[1][3]                            0.3000 
_refine.aniso_B[2][3]                            0.0000 
_refine.correlation_coeff_Fo_to_Fc               0.9520 
_refine.correlation_coeff_Fo_to_Fc_free          0.9170 
_refine.overall_SU_R_Cruickshank_DPI             0.1325 
_refine.overall_SU_R_free                        0.1407 
_refine.pdbx_overall_ESU_R_Free                  0.1410 
_refine.overall_SU_ML                            0.0870 
_refine.overall_SU_B                             2.6730 
_refine.solvent_model_details                    MASK 
_refine.pdbx_solvent_vdw_probe_radii             1.4000 
_refine.pdbx_solvent_ion_probe_radii             0.8000 
_refine.pdbx_solvent_shrinkage_radii             0.8000 
_refine.ls_number_parameters                     ? 
_refine.ls_number_restraints                     ? 
_refine.pdbx_starting_model                      ? 
_refine.pdbx_method_to_determine_struct          MIRAS 
_refine.pdbx_stereochemistry_target_values       'MAXIMUM LIKELIHOOD' 
_refine.pdbx_stereochem_target_val_spec_case     ? 
_refine.overall_FOM_work_R_set                   0.8732 
_refine.B_iso_max                                43.600 
_refine.B_iso_min                                7.070 
_refine.pdbx_overall_phase_error                 ? 
_refine.occupancy_max                            1.000 
_refine.occupancy_min                            1.000 
_refine.pdbx_ls_sigma_I                          ? 
_refine.ls_redundancy_reflns_obs                 ? 
_refine.ls_R_factor_R_free_error_details         ? 
_refine.pdbx_data_cutoff_high_rms_absF           ? 
_refine.overall_FOM_free_R_set                   ? 
_refine.ls_R_factor_all                          ? 
_refine.pdbx_refine_id                           'X-RAY DIFFRACTION' 
_refine.pdbx_diffrn_id                           1 
_refine.pdbx_overall_ESU_R                       ? 
_refine.pdbx_TLS_residual_ADP_flag               ? 
_refine.pdbx_overall_SU_R_free_Cruickshank_DPI   ? 
_refine.pdbx_overall_SU_R_Blow_DPI               ? 
_refine.pdbx_overall_SU_R_free_Blow_DPI          ? 
# 
_refine_hist.pdbx_refine_id                   'X-RAY DIFFRACTION' 
_refine_hist.cycle_id                         LAST 
_refine_hist.pdbx_number_atoms_protein        1463 
_refine_hist.pdbx_number_atoms_nucleic_acid   0 
_refine_hist.pdbx_number_atoms_ligand         13 
_refine_hist.number_atoms_solvent             155 
_refine_hist.number_atoms_total               1631 
_refine_hist.d_res_high                       1.7600 
_refine_hist.d_res_low                        38.9300 
# 
loop_
_refine_ls_restr.type 
_refine_ls_restr.number 
_refine_ls_restr.dev_ideal 
_refine_ls_restr.dev_ideal_target 
_refine_ls_restr.weight 
_refine_ls_restr.pdbx_restraint_function 
_refine_ls_restr.pdbx_refine_id 
r_bond_refined_d       1523 0.023  0.022  ? ? 'X-RAY DIFFRACTION' 
r_angle_refined_deg    2074 1.925  1.969  ? ? 'X-RAY DIFFRACTION' 
r_dihedral_angle_1_deg 182  6.778  5.000  ? ? 'X-RAY DIFFRACTION' 
r_dihedral_angle_2_deg 70   27.126 23.286 ? ? 'X-RAY DIFFRACTION' 
r_dihedral_angle_3_deg 229  13.795 15.000 ? ? 'X-RAY DIFFRACTION' 
r_dihedral_angle_4_deg 11   24.561 15.000 ? ? 'X-RAY DIFFRACTION' 
r_chiral_restr         213  0.140  0.200  ? ? 'X-RAY DIFFRACTION' 
r_gen_planes_refined   1194 0.011  0.022  ? ? 'X-RAY DIFFRACTION' 
r_mcbond_it            921  1.271  1.500  ? ? 'X-RAY DIFFRACTION' 
r_mcangle_it           1499 1.997  2.000  ? ? 'X-RAY DIFFRACTION' 
r_scbond_it            602  3.225  3.000  ? ? 'X-RAY DIFFRACTION' 
r_scangle_it           575  4.805  4.500  ? ? 'X-RAY DIFFRACTION' 
# 
_refine_ls_shell.d_res_high                       1.760 
_refine_ls_shell.d_res_low                        1.8080 
_refine_ls_shell.pdbx_total_number_of_bins_used   20 
_refine_ls_shell.percent_reflns_obs               99.3500 
_refine_ls_shell.number_reflns_R_work             1151 
_refine_ls_shell.R_factor_all                     ? 
_refine_ls_shell.R_factor_R_work                  0.2450 
_refine_ls_shell.R_factor_R_free                  0.3130 
_refine_ls_shell.percent_reflns_R_free            ? 
_refine_ls_shell.number_reflns_R_free             63 
_refine_ls_shell.R_factor_R_free_error            ? 
_refine_ls_shell.number_reflns_all                1214 
_refine_ls_shell.number_reflns_obs                ? 
_refine_ls_shell.redundancy_reflns_obs            ? 
_refine_ls_shell.pdbx_refine_id                   'X-RAY DIFFRACTION' 
# 
_struct.entry_id                  3RLK 
_struct.title                     
'Crystal structure of the read-through domain from bacteriophage Qbeta A1 protein, monoclinic crystal form' 
_struct.pdbx_model_details        ? 
_struct.pdbx_CASP_flag            ? 
_struct.pdbx_model_type_details   ? 
# 
_struct_keywords.entry_id        3RLK 
_struct_keywords.pdbx_keywords   'STRUCTURAL PROTEIN' 
_struct_keywords.text            'Beta-barrel, polyproline helix, STRUCTURAL PROTEIN' 
# 
loop_
_struct_asym.id 
_struct_asym.pdbx_blank_PDB_chainid_flag 
_struct_asym.pdbx_modified 
_struct_asym.entity_id 
_struct_asym.details 
A N N 1 ? 
B N N 2 ? 
C N N 3 ? 
# 
_struct_ref.id                         1 
_struct_ref.db_name                    UNP 
_struct_ref.db_code                    Q8LTE1_BPQBE 
_struct_ref.pdbx_db_accession          Q8LTE1 
_struct_ref.entity_id                  1 
_struct_ref.pdbx_seq_one_letter_code   
;SKPDPVIPDPPIDPPPGTGKYTCPFAIWSLEEVYEPPTKNRPWPIYNAVELQPREFDVALKDLLGNTKWRDWDSRLSYTT
FRGCRGNGYIDLDATYLATDQAMRDQKYDIREGKKPGAFGNIERFIYLKSINAYCSLSDIAAYHADGVIVGFWRDPSSGG
AIPFDFTKFDKTKCPIQAVIVVPRA
;
_struct_ref.pdbx_align_begin           145 
_struct_ref.pdbx_db_isoform            ? 
# 
_struct_ref_seq.align_id                      1 
_struct_ref_seq.ref_id                        1 
_struct_ref_seq.pdbx_PDB_id_code              3RLK 
_struct_ref_seq.pdbx_strand_id                A 
_struct_ref_seq.seq_align_beg                 8 
_struct_ref_seq.pdbx_seq_align_beg_ins_code   ? 
_struct_ref_seq.seq_align_end                 192 
_struct_ref_seq.pdbx_seq_align_end_ins_code   ? 
_struct_ref_seq.pdbx_db_accession             Q8LTE1 
_struct_ref_seq.db_align_beg                  145 
_struct_ref_seq.pdbx_db_align_beg_ins_code    ? 
_struct_ref_seq.db_align_end                  329 
_struct_ref_seq.pdbx_db_align_end_ins_code    ? 
_struct_ref_seq.pdbx_auth_seq_align_beg       144 
_struct_ref_seq.pdbx_auth_seq_align_end       328 
# 
loop_
_struct_ref_seq_dif.align_id 
_struct_ref_seq_dif.pdbx_pdb_id_code 
_struct_ref_seq_dif.mon_id 
_struct_ref_seq_dif.pdbx_pdb_strand_id 
_struct_ref_seq_dif.seq_num 
_struct_ref_seq_dif.pdbx_pdb_ins_code 
_struct_ref_seq_dif.pdbx_seq_db_name 
_struct_ref_seq_dif.pdbx_seq_db_accession_code 
_struct_ref_seq_dif.db_mon_id 
_struct_ref_seq_dif.pdbx_seq_db_seq_num 
_struct_ref_seq_dif.details 
_struct_ref_seq_dif.pdbx_auth_seq_num 
_struct_ref_seq_dif.pdbx_ordinal 
1 3RLK GLY A 1 ? UNP Q8LTE1 ? ? 'expression tag' 137 1 
1 3RLK HIS A 2 ? UNP Q8LTE1 ? ? 'expression tag' 138 2 
1 3RLK HIS A 3 ? UNP Q8LTE1 ? ? 'expression tag' 139 3 
1 3RLK HIS A 4 ? UNP Q8LTE1 ? ? 'expression tag' 140 4 
1 3RLK HIS A 5 ? UNP Q8LTE1 ? ? 'expression tag' 141 5 
1 3RLK HIS A 6 ? UNP Q8LTE1 ? ? 'expression tag' 142 6 
1 3RLK HIS A 7 ? UNP Q8LTE1 ? ? 'expression tag' 143 7 
# 
_pdbx_struct_assembly.id                   1 
_pdbx_struct_assembly.details              author_and_software_defined_assembly 
_pdbx_struct_assembly.method_details       PISA 
_pdbx_struct_assembly.oligomeric_details   monomeric 
_pdbx_struct_assembly.oligomeric_count     1 
# 
_pdbx_struct_assembly_gen.assembly_id       1 
_pdbx_struct_assembly_gen.oper_expression   1 
_pdbx_struct_assembly_gen.asym_id_list      A,B,C 
# 
_pdbx_struct_oper_list.id                   1 
_pdbx_struct_oper_list.type                 'identity operation' 
_pdbx_struct_oper_list.name                 1_555 
_pdbx_struct_oper_list.symmetry_operation   x,y,z 
_pdbx_struct_oper_list.matrix[1][1]         1.0000000000 
_pdbx_struct_oper_list.matrix[1][2]         0.0000000000 
_pdbx_struct_oper_list.matrix[1][3]         0.0000000000 
_pdbx_struct_oper_list.vector[1]            0.0000000000 
_pdbx_struct_oper_list.matrix[2][1]         0.0000000000 
_pdbx_struct_oper_list.matrix[2][2]         1.0000000000 
_pdbx_struct_oper_list.matrix[2][3]         0.0000000000 
_pdbx_struct_oper_list.vector[2]            0.0000000000 
_pdbx_struct_oper_list.matrix[3][1]         0.0000000000 
_pdbx_struct_oper_list.matrix[3][2]         0.0000000000 
_pdbx_struct_oper_list.matrix[3][3]         1.0000000000 
_pdbx_struct_oper_list.vector[3]            0.0000000000 
# 
_struct_biol.id        1 
_struct_biol.details   ? 
# 
loop_
_struct_conf.conf_type_id 
_struct_conf.id 
_struct_conf.pdbx_PDB_helix_id 
_struct_conf.beg_label_comp_id 
_struct_conf.beg_label_asym_id 
_struct_conf.beg_label_seq_id 
_struct_conf.pdbx_beg_PDB_ins_code 
_struct_conf.end_label_comp_id 
_struct_conf.end_label_asym_id 
_struct_conf.end_label_seq_id 
_struct_conf.pdbx_end_PDB_ins_code 
_struct_conf.beg_auth_comp_id 
_struct_conf.beg_auth_asym_id 
_struct_conf.beg_auth_seq_id 
_struct_conf.end_auth_comp_id 
_struct_conf.end_auth_asym_id 
_struct_conf.end_auth_seq_id 
_struct_conf.pdbx_PDB_helix_class 
_struct_conf.details 
_struct_conf.pdbx_PDB_helix_length 
HELX_P HELX_P1 1 ALA A 66  ? LEU A 71  ? ALA A 202 LEU A 207 5 ? 6 
HELX_P HELX_P2 2 ASP A 100 ? ALA A 105 ? ASP A 236 ALA A 241 1 ? 6 
HELX_P HELX_P3 3 THR A 106 ? GLN A 113 ? THR A 242 GLN A 249 1 ? 8 
HELX_P HELX_P4 4 LEU A 144 ? ALA A 149 ? LEU A 280 ALA A 285 1 ? 6 
HELX_P HELX_P5 5 ASP A 172 ? PHE A 176 ? ASP A 308 PHE A 312 5 ? 5 
# 
_struct_conf_type.id          HELX_P 
_struct_conf_type.criteria    ? 
_struct_conf_type.reference   ? 
# 
loop_
_struct_sheet.id 
_struct_sheet.type 
_struct_sheet.number_strands 
_struct_sheet.details 
A ? 2 ? 
B ? 6 ? 
C ? 3 ? 
# 
loop_
_struct_sheet_order.sheet_id 
_struct_sheet_order.range_id_1 
_struct_sheet_order.range_id_2 
_struct_sheet_order.offset 
_struct_sheet_order.sense 
A 1 2 ? anti-parallel 
B 1 2 ? anti-parallel 
B 2 3 ? parallel      
B 3 4 ? anti-parallel 
B 4 5 ? anti-parallel 
B 5 6 ? anti-parallel 
C 1 2 ? anti-parallel 
C 2 3 ? anti-parallel 
# 
loop_
_struct_sheet_range.sheet_id 
_struct_sheet_range.id 
_struct_sheet_range.beg_label_comp_id 
_struct_sheet_range.beg_label_asym_id 
_struct_sheet_range.beg_label_seq_id 
_struct_sheet_range.pdbx_beg_PDB_ins_code 
_struct_sheet_range.end_label_comp_id 
_struct_sheet_range.end_label_asym_id 
_struct_sheet_range.end_label_seq_id 
_struct_sheet_range.pdbx_end_PDB_ins_code 
_struct_sheet_range.beg_auth_comp_id 
_struct_sheet_range.beg_auth_asym_id 
_struct_sheet_range.beg_auth_seq_id 
_struct_sheet_range.end_auth_comp_id 
_struct_sheet_range.end_auth_asym_id 
_struct_sheet_range.end_auth_seq_id 
A 1 GLY A 26  ? CYS A 30  ? GLY A 162 CYS A 166 
A 2 ARG A 61  ? VAL A 65  ? ARG A 197 VAL A 201 
B 1 ILE A 34  ? GLU A 42  ? ILE A 170 GLU A 178 
B 2 ILE A 52  ? LEU A 58  ? ILE A 188 LEU A 194 
B 3 ASP A 116 ? LYS A 122 ? ASP A 252 LYS A 258 
B 4 ASN A 128 ? LEU A 135 ? ASN A 264 LEU A 271 
B 5 ALA A 140 ? LEU A 144 ? ALA A 276 LEU A 280 
B 6 ILE A 34  ? GLU A 42  ? ILE A 170 GLU A 178 
C 1 GLY A 95  ? LEU A 99  ? GLY A 231 LEU A 235 
C 2 ASP A 153 ? ARG A 161 ? ASP A 289 ARG A 297 
C 3 LYS A 180 ? VAL A 189 ? LYS A 316 VAL A 325 
# 
loop_
_pdbx_struct_sheet_hbond.sheet_id 
_pdbx_struct_sheet_hbond.range_id_1 
_pdbx_struct_sheet_hbond.range_id_2 
_pdbx_struct_sheet_hbond.range_1_label_atom_id 
_pdbx_struct_sheet_hbond.range_1_label_comp_id 
_pdbx_struct_sheet_hbond.range_1_label_asym_id 
_pdbx_struct_sheet_hbond.range_1_label_seq_id 
_pdbx_struct_sheet_hbond.range_1_PDB_ins_code 
_pdbx_struct_sheet_hbond.range_1_auth_atom_id 
_pdbx_struct_sheet_hbond.range_1_auth_comp_id 
_pdbx_struct_sheet_hbond.range_1_auth_asym_id 
_pdbx_struct_sheet_hbond.range_1_auth_seq_id 
_pdbx_struct_sheet_hbond.range_2_label_atom_id 
_pdbx_struct_sheet_hbond.range_2_label_comp_id 
_pdbx_struct_sheet_hbond.range_2_label_asym_id 
_pdbx_struct_sheet_hbond.range_2_label_seq_id 
_pdbx_struct_sheet_hbond.range_2_PDB_ins_code 
_pdbx_struct_sheet_hbond.range_2_auth_atom_id 
_pdbx_struct_sheet_hbond.range_2_auth_comp_id 
_pdbx_struct_sheet_hbond.range_2_auth_asym_id 
_pdbx_struct_sheet_hbond.range_2_auth_seq_id 
A 1 2 N TYR A 28  ? N TYR A 164 O PHE A 63  ? O PHE A 199 
B 1 2 N SER A 36  ? N SER A 172 O VAL A 56  ? O VAL A 192 
B 2 3 N TYR A 53  ? N TYR A 189 O LYS A 121 ? O LYS A 257 
B 3 4 N GLY A 120 ? N GLY A 256 O GLU A 130 ? O GLU A 266 
B 4 5 N LEU A 135 ? N LEU A 271 O ALA A 140 ? O ALA A 276 
B 5 6 O TYR A 141 ? O TYR A 277 N TRP A 35  ? N TRP A 171 
C 1 2 N ILE A 97  ? N ILE A 233 O GLY A 158 ? O GLY A 294 
C 2 3 N VAL A 157 ? N VAL A 293 O GLN A 184 ? O GLN A 320 
# 
_struct_site.id                   AC1 
_struct_site.pdbx_evidence_code   Software 
_struct_site.pdbx_auth_asym_id    A 
_struct_site.pdbx_auth_comp_id    PG4 
_struct_site.pdbx_auth_seq_id     401 
_struct_site.pdbx_auth_ins_code   ? 
_struct_site.pdbx_num_residues    3 
_struct_site.details              'BINDING SITE FOR RESIDUE PG4 A 401' 
# 
loop_
_struct_site_gen.id 
_struct_site_gen.site_id 
_struct_site_gen.pdbx_num_res 
_struct_site_gen.label_comp_id 
_struct_site_gen.label_asym_id 
_struct_site_gen.label_seq_id 
_struct_site_gen.pdbx_auth_ins_code 
_struct_site_gen.auth_comp_id 
_struct_site_gen.auth_asym_id 
_struct_site_gen.auth_seq_id 
_struct_site_gen.label_atom_id 
_struct_site_gen.label_alt_id 
_struct_site_gen.symmetry 
_struct_site_gen.details 
1 AC1 3 GLU A 57 ? GLU A 193 . ? 1_555 ? 
2 AC1 3 GLN A 59 ? GLN A 195 . ? 1_555 ? 
3 AC1 3 HOH C .  ? HOH A 655 . ? 1_555 ? 
# 
loop_
_pdbx_validate_rmsd_angle.id 
_pdbx_validate_rmsd_angle.PDB_model_num 
_pdbx_validate_rmsd_angle.auth_atom_id_1 
_pdbx_validate_rmsd_angle.auth_asym_id_1 
_pdbx_validate_rmsd_angle.auth_comp_id_1 
_pdbx_validate_rmsd_angle.auth_seq_id_1 
_pdbx_validate_rmsd_angle.PDB_ins_code_1 
_pdbx_validate_rmsd_angle.label_alt_id_1 
_pdbx_validate_rmsd_angle.auth_atom_id_2 
_pdbx_validate_rmsd_angle.auth_asym_id_2 
_pdbx_validate_rmsd_angle.auth_comp_id_2 
_pdbx_validate_rmsd_angle.auth_seq_id_2 
_pdbx_validate_rmsd_angle.PDB_ins_code_2 
_pdbx_validate_rmsd_angle.label_alt_id_2 
_pdbx_validate_rmsd_angle.auth_atom_id_3 
_pdbx_validate_rmsd_angle.auth_asym_id_3 
_pdbx_validate_rmsd_angle.auth_comp_id_3 
_pdbx_validate_rmsd_angle.auth_seq_id_3 
_pdbx_validate_rmsd_angle.PDB_ins_code_3 
_pdbx_validate_rmsd_angle.label_alt_id_3 
_pdbx_validate_rmsd_angle.angle_value 
_pdbx_validate_rmsd_angle.angle_target_value 
_pdbx_validate_rmsd_angle.angle_deviation 
_pdbx_validate_rmsd_angle.angle_standard_deviation 
_pdbx_validate_rmsd_angle.linker_flag 
1 1 NE A ARG 184 ? ? CZ A ARG 184 ? ? NH1 A ARG 184 ? ? 127.35 120.30 7.05  0.50 N 
2 1 NE A ARG 184 ? ? CZ A ARG 184 ? ? NH2 A ARG 184 ? ? 112.85 120.30 -7.45 0.50 N 
# 
loop_
_pdbx_validate_torsion.id 
_pdbx_validate_torsion.PDB_model_num 
_pdbx_validate_torsion.auth_comp_id 
_pdbx_validate_torsion.auth_asym_id 
_pdbx_validate_torsion.auth_seq_id 
_pdbx_validate_torsion.PDB_ins_code 
_pdbx_validate_torsion.label_alt_id 
_pdbx_validate_torsion.phi 
_pdbx_validate_torsion.psi 
1 1 GLU A 174 ? ? -133.23 -34.13 
2 1 ASP A 200 ? ? -94.82  48.20  
3 1 ASN A 230 ? ? 39.16   47.19  
4 1 ASN A 275 ? ? 39.02   63.01  
# 
_diffrn_reflns.diffrn_id                   1 
_diffrn_reflns.pdbx_d_res_high             3.500 
_diffrn_reflns.pdbx_d_res_low              38.650 
_diffrn_reflns.pdbx_number_obs             2104 
_diffrn_reflns.pdbx_Rmerge_I_obs           ? 
_diffrn_reflns.pdbx_Rsym_value             0.077 
_diffrn_reflns.pdbx_chi_squared            ? 
_diffrn_reflns.av_sigmaI_over_netI         8.50 
_diffrn_reflns.pdbx_redundancy             4.30 
_diffrn_reflns.pdbx_percent_possible_obs   96.80 
_diffrn_reflns.number                      8965 
_diffrn_reflns.pdbx_observed_criterion     ? 
_diffrn_reflns.limit_h_max                 ? 
_diffrn_reflns.limit_h_min                 ? 
_diffrn_reflns.limit_k_max                 ? 
_diffrn_reflns.limit_k_min                 ? 
_diffrn_reflns.limit_l_max                 ? 
_diffrn_reflns.limit_l_min                 ? 
# 
loop_
_pdbx_diffrn_reflns_shell.diffrn_id 
_pdbx_diffrn_reflns_shell.d_res_high 
_pdbx_diffrn_reflns_shell.d_res_low 
_pdbx_diffrn_reflns_shell.number_obs 
_pdbx_diffrn_reflns_shell.rejects 
_pdbx_diffrn_reflns_shell.Rmerge_I_obs 
_pdbx_diffrn_reflns_shell.Rsym_value 
_pdbx_diffrn_reflns_shell.chi_squared 
_pdbx_diffrn_reflns_shell.redundancy 
_pdbx_diffrn_reflns_shell.percent_possible_obs 
1 11.07 38.65 ? ? 0.070 0.070 ? 3.00 85.50 
1 7.83  11.07 ? ? 0.069 0.069 ? 3.60 90.50 
1 6.39  7.83  ? ? 0.080 0.080 ? 4.00 93.30 
1 5.53  6.39  ? ? 0.083 0.083 ? 3.70 93.70 
1 4.95  5.53  ? ? 0.086 0.086 ? 4.10 98.60 
1 4.52  4.95  ? ? 0.062 0.062 ? 4.40 98.20 
1 4.18  4.52  ? ? 0.066 0.066 ? 4.50 99.60 
1 3.91  4.18  ? ? 0.076 0.076 ? 4.30 99.40 
1 3.69  3.91  ? ? 0.080 0.080 ? 4.70 97.50 
1 3.50  3.69  ? ? 0.092 0.092 ? 4.60 97.90 
# 
_phasing.method   MIRAS 
# 
_phasing_MIR.entry_id          3RLK 
_phasing_MIR.d_res_low         38.930 
_phasing_MIR.d_res_high        1.760 
_phasing_MIR.reflns_acentric   15619 
_phasing_MIR.FOM_acentric      0.340 
_phasing_MIR.reflns_centric    853 
_phasing_MIR.FOM_centric       0.400 
# 
loop_
_phasing_MIR_der.id 
_phasing_MIR_der.der_set_id 
_phasing_MIR_der.native_set_id 
_phasing_MIR_der.d_res_low 
_phasing_MIR_der.d_res_high 
_phasing_MIR_der.reflns_acentric 
_phasing_MIR_der.reflns_centric 
_phasing_MIR_der.power_acentric 
_phasing_MIR_der.power_centric 
ISO_1 1 1 38.93 1.76 3810 306 0.000 0.000 
ISO_2 2 1 38.93 1.76 3802 288 0.460 0.320 
ISO_3 3 1 38.93 1.76 3694 306 0.649 0.495 
ISO_4 4 1 38.93 1.76 3644 289 2.247 1.540 
ISO_5 5 1 38.93 1.76 3368 282 2.139 1.495 
# 
loop_
_phasing_MIR_der_shell.der_id 
_phasing_MIR_der_shell.d_res_low 
_phasing_MIR_der_shell.d_res_high 
_phasing_MIR_der_shell.pdbx_reflns_acentric 
_phasing_MIR_der_shell.pdbx_reflns_centric 
_phasing_MIR_der_shell.pdbx_power_acentric 
_phasing_MIR_der_shell.pdbx_power_centric 
ISO_1 38.93 7.73 154 32 0.000 0.000 
ISO_1 7.73  5.52 292 34 0.000 0.000 
ISO_1 5.52  4.52 406 40 0.000 0.000 
ISO_1 4.52  3.92 486 46 0.000 0.000 
ISO_1 3.92  3.51 531 35 0.000 0.000 
ISO_1 3.51  3.21 614 40 0.000 0.000 
ISO_1 3.21  2.97 662 40 0.000 0.000 
ISO_1 2.97  2.78 663 38 0.000 0.000 
ISO_1 2.78  2.62 2   1  0.000 0.000 
ISO_1 2.62  2.49 0   0  0.000 0.000 
ISO_1 2.49  2.37 0   0  0.000 0.000 
ISO_1 2.37  2.27 0   0  0.000 0.000 
ISO_1 2.27  2.18 0   0  0.000 0.000 
ISO_1 2.18  2.11 0   0  0.000 0.000 
ISO_1 2.11  2.03 0   0  0.000 0.000 
ISO_1 2.03  1.97 0   0  0.000 0.000 
ISO_1 1.97  1.91 0   0  0.000 0.000 
ISO_1 1.91  1.86 0   0  0.000 0.000 
ISO_1 1.86  1.81 0   0  0.000 0.000 
ISO_1 1.81  1.76 0   0  0.000 0.000 
ISO_2 38.93 7.73 153 27 0.648 0.507 
ISO_2 7.73  5.52 287 33 0.638 0.492 
ISO_2 5.52  4.52 406 40 0.570 0.397 
ISO_2 4.52  3.92 486 41 0.527 0.346 
ISO_2 3.92  3.51 530 32 0.503 0.261 
ISO_2 3.51  3.21 614 38 0.418 0.278 
ISO_2 3.21  2.97 662 38 0.390 0.232 
ISO_2 2.97  2.78 662 38 0.353 0.261 
ISO_2 2.78  2.62 2   1  0.191 0.128 
ISO_2 2.62  2.49 0   0  0.000 0.000 
ISO_2 2.49  2.37 0   0  0.000 0.000 
ISO_2 2.37  2.27 0   0  0.000 0.000 
ISO_2 2.27  2.18 0   0  0.000 0.000 
ISO_2 2.18  2.11 0   0  0.000 0.000 
ISO_2 2.11  2.03 0   0  0.000 0.000 
ISO_2 2.03  1.97 0   0  0.000 0.000 
ISO_2 1.97  1.91 0   0  0.000 0.000 
ISO_2 1.91  1.86 0   0  0.000 0.000 
ISO_2 1.86  1.81 0   0  0.000 0.000 
ISO_2 1.81  1.76 0   0  0.000 0.000 
ISO_3 38.93 7.73 142 32 0.790 0.885 
ISO_3 7.73  5.52 273 34 0.900 0.777 
ISO_3 5.52  4.52 390 40 0.797 0.569 
ISO_3 4.52  3.92 477 46 0.725 0.503 
ISO_3 3.92  3.51 511 35 0.706 0.430 
ISO_3 3.51  3.21 603 40 0.611 0.400 
ISO_3 3.21  2.97 646 40 0.569 0.398 
ISO_3 2.97  2.78 650 38 0.497 0.375 
ISO_3 2.78  2.62 2   1  0.299 0.149 
ISO_3 2.62  2.49 0   0  0.000 0.000 
ISO_3 2.49  2.37 0   0  0.000 0.000 
ISO_3 2.37  2.27 0   0  0.000 0.000 
ISO_3 2.27  2.18 0   0  0.000 0.000 
ISO_3 2.18  2.11 0   0  0.000 0.000 
ISO_3 2.11  2.03 0   0  0.000 0.000 
ISO_3 2.03  1.97 0   0  0.000 0.000 
ISO_3 1.97  1.91 0   0  0.000 0.000 
ISO_3 1.91  1.86 0   0  0.000 0.000 
ISO_3 1.86  1.81 0   0  0.000 0.000 
ISO_3 1.81  1.76 0   0  0.000 0.000 
ISO_4 38.93 7.73 141 31 1.507 1.490 
ISO_4 7.73  5.52 273 34 1.925 1.616 
ISO_4 5.52  4.52 381 34 1.878 1.350 
ISO_4 4.52  3.92 464 36 1.618 0.894 
ISO_4 3.92  3.51 500 35 1.577 1.032 
ISO_4 3.51  3.21 598 40 1.629 0.947 
ISO_4 3.21  2.97 642 40 1.794 1.303 
ISO_4 2.97  2.78 643 38 1.833 1.237 
ISO_4 2.78  2.62 2   1  1.555 0.730 
ISO_4 2.62  2.49 0   0  0.000 0.000 
ISO_4 2.49  2.37 0   0  0.000 0.000 
ISO_4 2.37  2.27 0   0  0.000 0.000 
ISO_4 2.27  2.18 0   0  0.000 0.000 
ISO_4 2.18  2.11 0   0  0.000 0.000 
ISO_4 2.11  2.03 0   0  0.000 0.000 
ISO_4 2.03  1.97 0   0  0.000 0.000 
ISO_4 1.97  1.91 0   0  0.000 0.000 
ISO_4 1.91  1.86 0   0  0.000 0.000 
ISO_4 1.86  1.81 0   0  0.000 0.000 
ISO_4 1.81  1.76 0   0  0.000 0.000 
ISO_5 38.93 7.73 154 31 2.128 1.661 
ISO_5 7.73  5.52 292 34 2.661 2.215 
ISO_5 5.52  4.52 406 40 2.335 1.493 
ISO_5 4.52  3.92 485 46 2.023 1.302 
ISO_5 3.92  3.51 531 35 2.001 1.223 
ISO_5 3.51  3.21 614 40 1.984 1.337 
ISO_5 3.21  2.97 662 40 2.156 1.476 
ISO_5 2.97  2.78 224 16 2.016 1.753 
ISO_5 2.78  2.62 0   0  0.000 0.000 
ISO_5 2.62  2.49 0   0  0.000 0.000 
ISO_5 2.49  2.37 0   0  0.000 0.000 
ISO_5 2.37  2.27 0   0  0.000 0.000 
ISO_5 2.27  2.18 0   0  0.000 0.000 
ISO_5 2.18  2.11 0   0  0.000 0.000 
ISO_5 2.11  2.03 0   0  0.000 0.000 
ISO_5 2.03  1.97 0   0  0.000 0.000 
ISO_5 1.97  1.91 0   0  0.000 0.000 
ISO_5 1.91  1.86 0   0  0.000 0.000 
ISO_5 1.86  1.81 0   0  0.000 0.000 
ISO_5 1.81  1.76 0   0  0.000 0.000 
# 
loop_
_phasing_MIR_shell.d_res_low 
_phasing_MIR_shell.d_res_high 
_phasing_MIR_shell.reflns_acentric 
_phasing_MIR_shell.FOM_acentric 
_phasing_MIR_shell.reflns_centric 
_phasing_MIR_shell.FOM_centric 
38.93 7.73 168  0.867 44 0.751 
7.73  5.52 309  0.867 43 0.785 
5.52  4.52 412  0.881 42 0.801 
4.52  3.92 487  0.858 47 0.780 
3.92  3.51 543  0.831 41 0.784 
3.51  3.21 615  0.815 44 0.649 
3.21  2.97 665  0.760 42 0.801 
2.97  2.78 716  0.632 42 0.564 
2.78  2.62 765  0.277 44 0.256 
2.62  2.49 808  0.267 45 0.224 
2.49  2.37 849  0.267 42 0.248 
2.37  2.27 894  0.292 42 0.202 
2.27  2.18 930  0.263 41 0.208 
2.18  2.11 954  0.265 36 0.213 
2.11  2.03 995  0.241 48 0.211 
2.03  1.97 1040 0.168 42 0.174 
1.97  1.91 1071 0.128 44 0.101 
1.91  1.86 1105 0.105 43 0.086 
1.86  1.81 1120 0.067 40 0.065 
1.81  1.76 1173 0.045 41 0.033 
# 
loop_
_phasing_set.id 
_phasing_set.pdbx_d_res_high 
_phasing_set.pdbx_d_res_low 
1 . . 
2 . . 
3 . . 
4 . . 
5 . . 
# 
loop_
_pdbx_unobs_or_zero_occ_residues.id 
_pdbx_unobs_or_zero_occ_residues.PDB_model_num 
_pdbx_unobs_or_zero_occ_residues.polymer_flag 
_pdbx_unobs_or_zero_occ_residues.occupancy_flag 
_pdbx_unobs_or_zero_occ_residues.auth_asym_id 
_pdbx_unobs_or_zero_occ_residues.auth_comp_id 
_pdbx_unobs_or_zero_occ_residues.auth_seq_id 
_pdbx_unobs_or_zero_occ_residues.PDB_ins_code 
_pdbx_unobs_or_zero_occ_residues.label_asym_id 
_pdbx_unobs_or_zero_occ_residues.label_comp_id 
_pdbx_unobs_or_zero_occ_residues.label_seq_id 
1 1 Y 1 A GLY 137 ? A GLY 1 
2 1 Y 1 A HIS 138 ? A HIS 2 
3 1 Y 1 A HIS 139 ? A HIS 3 
4 1 Y 1 A HIS 140 ? A HIS 4 
5 1 Y 1 A HIS 141 ? A HIS 5 
6 1 Y 1 A HIS 142 ? A HIS 6 
7 1 Y 1 A HIS 143 ? A HIS 7 
8 1 Y 1 A SER 144 ? A SER 8 
9 1 Y 1 A LYS 145 ? A LYS 9 
# 
loop_
_chem_comp_atom.comp_id 
_chem_comp_atom.atom_id 
_chem_comp_atom.type_symbol 
_chem_comp_atom.pdbx_aromatic_flag 
_chem_comp_atom.pdbx_stereo_config 
_chem_comp_atom.pdbx_ordinal 
ALA N    N N N 1   
ALA CA   C N S 2   
ALA C    C N N 3   
ALA O    O N N 4   
ALA CB   C N N 5   
ALA OXT  O N N 6   
ALA H    H N N 7   
ALA H2   H N N 8   
ALA HA   H N N 9   
ALA HB1  H N N 10  
ALA HB2  H N N 11  
ALA HB3  H N N 12  
ALA HXT  H N N 13  
ARG N    N N N 14  
ARG CA   C N S 15  
ARG C    C N N 16  
ARG O    O N N 17  
ARG CB   C N N 18  
ARG CG   C N N 19  
ARG CD   C N N 20  
ARG NE   N N N 21  
ARG CZ   C N N 22  
ARG NH1  N N N 23  
ARG NH2  N N N 24  
ARG OXT  O N N 25  
ARG H    H N N 26  
ARG H2   H N N 27  
ARG HA   H N N 28  
ARG HB2  H N N 29  
ARG HB3  H N N 30  
ARG HG2  H N N 31  
ARG HG3  H N N 32  
ARG HD2  H N N 33  
ARG HD3  H N N 34  
ARG HE   H N N 35  
ARG HH11 H N N 36  
ARG HH12 H N N 37  
ARG HH21 H N N 38  
ARG HH22 H N N 39  
ARG HXT  H N N 40  
ASN N    N N N 41  
ASN CA   C N S 42  
ASN C    C N N 43  
ASN O    O N N 44  
ASN CB   C N N 45  
ASN CG   C N N 46  
ASN OD1  O N N 47  
ASN ND2  N N N 48  
ASN OXT  O N N 49  
ASN H    H N N 50  
ASN H2   H N N 51  
ASN HA   H N N 52  
ASN HB2  H N N 53  
ASN HB3  H N N 54  
ASN HD21 H N N 55  
ASN HD22 H N N 56  
ASN HXT  H N N 57  
ASP N    N N N 58  
ASP CA   C N S 59  
ASP C    C N N 60  
ASP O    O N N 61  
ASP CB   C N N 62  
ASP CG   C N N 63  
ASP OD1  O N N 64  
ASP OD2  O N N 65  
ASP OXT  O N N 66  
ASP H    H N N 67  
ASP H2   H N N 68  
ASP HA   H N N 69  
ASP HB2  H N N 70  
ASP HB3  H N N 71  
ASP HD2  H N N 72  
ASP HXT  H N N 73  
CYS N    N N N 74  
CYS CA   C N R 75  
CYS C    C N N 76  
CYS O    O N N 77  
CYS CB   C N N 78  
CYS SG   S N N 79  
CYS OXT  O N N 80  
CYS H    H N N 81  
CYS H2   H N N 82  
CYS HA   H N N 83  
CYS HB2  H N N 84  
CYS HB3  H N N 85  
CYS HG   H N N 86  
CYS HXT  H N N 87  
GLN N    N N N 88  
GLN CA   C N S 89  
GLN C    C N N 90  
GLN O    O N N 91  
GLN CB   C N N 92  
GLN CG   C N N 93  
GLN CD   C N N 94  
GLN OE1  O N N 95  
GLN NE2  N N N 96  
GLN OXT  O N N 97  
GLN H    H N N 98  
GLN H2   H N N 99  
GLN HA   H N N 100 
GLN HB2  H N N 101 
GLN HB3  H N N 102 
GLN HG2  H N N 103 
GLN HG3  H N N 104 
GLN HE21 H N N 105 
GLN HE22 H N N 106 
GLN HXT  H N N 107 
GLU N    N N N 108 
GLU CA   C N S 109 
GLU C    C N N 110 
GLU O    O N N 111 
GLU CB   C N N 112 
GLU CG   C N N 113 
GLU CD   C N N 114 
GLU OE1  O N N 115 
GLU OE2  O N N 116 
GLU OXT  O N N 117 
GLU H    H N N 118 
GLU H2   H N N 119 
GLU HA   H N N 120 
GLU HB2  H N N 121 
GLU HB3  H N N 122 
GLU HG2  H N N 123 
GLU HG3  H N N 124 
GLU HE2  H N N 125 
GLU HXT  H N N 126 
GLY N    N N N 127 
GLY CA   C N N 128 
GLY C    C N N 129 
GLY O    O N N 130 
GLY OXT  O N N 131 
GLY H    H N N 132 
GLY H2   H N N 133 
GLY HA2  H N N 134 
GLY HA3  H N N 135 
GLY HXT  H N N 136 
HIS N    N N N 137 
HIS CA   C N S 138 
HIS C    C N N 139 
HIS O    O N N 140 
HIS CB   C N N 141 
HIS CG   C Y N 142 
HIS ND1  N Y N 143 
HIS CD2  C Y N 144 
HIS CE1  C Y N 145 
HIS NE2  N Y N 146 
HIS OXT  O N N 147 
HIS H    H N N 148 
HIS H2   H N N 149 
HIS HA   H N N 150 
HIS HB2  H N N 151 
HIS HB3  H N N 152 
HIS HD1  H N N 153 
HIS HD2  H N N 154 
HIS HE1  H N N 155 
HIS HE2  H N N 156 
HIS HXT  H N N 157 
HOH O    O N N 158 
HOH H1   H N N 159 
HOH H2   H N N 160 
ILE N    N N N 161 
ILE CA   C N S 162 
ILE C    C N N 163 
ILE O    O N N 164 
ILE CB   C N S 165 
ILE CG1  C N N 166 
ILE CG2  C N N 167 
ILE CD1  C N N 168 
ILE OXT  O N N 169 
ILE H    H N N 170 
ILE H2   H N N 171 
ILE HA   H N N 172 
ILE HB   H N N 173 
ILE HG12 H N N 174 
ILE HG13 H N N 175 
ILE HG21 H N N 176 
ILE HG22 H N N 177 
ILE HG23 H N N 178 
ILE HD11 H N N 179 
ILE HD12 H N N 180 
ILE HD13 H N N 181 
ILE HXT  H N N 182 
LEU N    N N N 183 
LEU CA   C N S 184 
LEU C    C N N 185 
LEU O    O N N 186 
LEU CB   C N N 187 
LEU CG   C N N 188 
LEU CD1  C N N 189 
LEU CD2  C N N 190 
LEU OXT  O N N 191 
LEU H    H N N 192 
LEU H2   H N N 193 
LEU HA   H N N 194 
LEU HB2  H N N 195 
LEU HB3  H N N 196 
LEU HG   H N N 197 
LEU HD11 H N N 198 
LEU HD12 H N N 199 
LEU HD13 H N N 200 
LEU HD21 H N N 201 
LEU HD22 H N N 202 
LEU HD23 H N N 203 
LEU HXT  H N N 204 
LYS N    N N N 205 
LYS CA   C N S 206 
LYS C    C N N 207 
LYS O    O N N 208 
LYS CB   C N N 209 
LYS CG   C N N 210 
LYS CD   C N N 211 
LYS CE   C N N 212 
LYS NZ   N N N 213 
LYS OXT  O N N 214 
LYS H    H N N 215 
LYS H2   H N N 216 
LYS HA   H N N 217 
LYS HB2  H N N 218 
LYS HB3  H N N 219 
LYS HG2  H N N 220 
LYS HG3  H N N 221 
LYS HD2  H N N 222 
LYS HD3  H N N 223 
LYS HE2  H N N 224 
LYS HE3  H N N 225 
LYS HZ1  H N N 226 
LYS HZ2  H N N 227 
LYS HZ3  H N N 228 
LYS HXT  H N N 229 
MET N    N N N 230 
MET CA   C N S 231 
MET C    C N N 232 
MET O    O N N 233 
MET CB   C N N 234 
MET CG   C N N 235 
MET SD   S N N 236 
MET CE   C N N 237 
MET OXT  O N N 238 
MET H    H N N 239 
MET H2   H N N 240 
MET HA   H N N 241 
MET HB2  H N N 242 
MET HB3  H N N 243 
MET HG2  H N N 244 
MET HG3  H N N 245 
MET HE1  H N N 246 
MET HE2  H N N 247 
MET HE3  H N N 248 
MET HXT  H N N 249 
PG4 O1   O N N 250 
PG4 C1   C N N 251 
PG4 C2   C N N 252 
PG4 O2   O N N 253 
PG4 C3   C N N 254 
PG4 C4   C N N 255 
PG4 O3   O N N 256 
PG4 C5   C N N 257 
PG4 C6   C N N 258 
PG4 O4   O N N 259 
PG4 C7   C N N 260 
PG4 C8   C N N 261 
PG4 O5   O N N 262 
PG4 HO1  H N N 263 
PG4 H11  H N N 264 
PG4 H12  H N N 265 
PG4 H21  H N N 266 
PG4 H22  H N N 267 
PG4 H31  H N N 268 
PG4 H32  H N N 269 
PG4 H41  H N N 270 
PG4 H42  H N N 271 
PG4 H51  H N N 272 
PG4 H52  H N N 273 
PG4 H61  H N N 274 
PG4 H62  H N N 275 
PG4 H71  H N N 276 
PG4 H72  H N N 277 
PG4 H81  H N N 278 
PG4 H82  H N N 279 
PG4 HO5  H N N 280 
PHE N    N N N 281 
PHE CA   C N S 282 
PHE C    C N N 283 
PHE O    O N N 284 
PHE CB   C N N 285 
PHE CG   C Y N 286 
PHE CD1  C Y N 287 
PHE CD2  C Y N 288 
PHE CE1  C Y N 289 
PHE CE2  C Y N 290 
PHE CZ   C Y N 291 
PHE OXT  O N N 292 
PHE H    H N N 293 
PHE H2   H N N 294 
PHE HA   H N N 295 
PHE HB2  H N N 296 
PHE HB3  H N N 297 
PHE HD1  H N N 298 
PHE HD2  H N N 299 
PHE HE1  H N N 300 
PHE HE2  H N N 301 
PHE HZ   H N N 302 
PHE HXT  H N N 303 
PRO N    N N N 304 
PRO CA   C N S 305 
PRO C    C N N 306 
PRO O    O N N 307 
PRO CB   C N N 308 
PRO CG   C N N 309 
PRO CD   C N N 310 
PRO OXT  O N N 311 
PRO H    H N N 312 
PRO HA   H N N 313 
PRO HB2  H N N 314 
PRO HB3  H N N 315 
PRO HG2  H N N 316 
PRO HG3  H N N 317 
PRO HD2  H N N 318 
PRO HD3  H N N 319 
PRO HXT  H N N 320 
SER N    N N N 321 
SER CA   C N S 322 
SER C    C N N 323 
SER O    O N N 324 
SER CB   C N N 325 
SER OG   O N N 326 
SER OXT  O N N 327 
SER H    H N N 328 
SER H2   H N N 329 
SER HA   H N N 330 
SER HB2  H N N 331 
SER HB3  H N N 332 
SER HG   H N N 333 
SER HXT  H N N 334 
THR N    N N N 335 
THR CA   C N S 336 
THR C    C N N 337 
THR O    O N N 338 
THR CB   C N R 339 
THR OG1  O N N 340 
THR CG2  C N N 341 
THR OXT  O N N 342 
THR H    H N N 343 
THR H2   H N N 344 
THR HA   H N N 345 
THR HB   H N N 346 
THR HG1  H N N 347 
THR HG21 H N N 348 
THR HG22 H N N 349 
THR HG23 H N N 350 
THR HXT  H N N 351 
TRP N    N N N 352 
TRP CA   C N S 353 
TRP C    C N N 354 
TRP O    O N N 355 
TRP CB   C N N 356 
TRP CG   C Y N 357 
TRP CD1  C Y N 358 
TRP CD2  C Y N 359 
TRP NE1  N Y N 360 
TRP CE2  C Y N 361 
TRP CE3  C Y N 362 
TRP CZ2  C Y N 363 
TRP CZ3  C Y N 364 
TRP CH2  C Y N 365 
TRP OXT  O N N 366 
TRP H    H N N 367 
TRP H2   H N N 368 
TRP HA   H N N 369 
TRP HB2  H N N 370 
TRP HB3  H N N 371 
TRP HD1  H N N 372 
TRP HE1  H N N 373 
TRP HE3  H N N 374 
TRP HZ2  H N N 375 
TRP HZ3  H N N 376 
TRP HH2  H N N 377 
TRP HXT  H N N 378 
TYR N    N N N 379 
TYR CA   C N S 380 
TYR C    C N N 381 
TYR O    O N N 382 
TYR CB   C N N 383 
TYR CG   C Y N 384 
TYR CD1  C Y N 385 
TYR CD2  C Y N 386 
TYR CE1  C Y N 387 
TYR CE2  C Y N 388 
TYR CZ   C Y N 389 
TYR OH   O N N 390 
TYR OXT  O N N 391 
TYR H    H N N 392 
TYR H2   H N N 393 
TYR HA   H N N 394 
TYR HB2  H N N 395 
TYR HB3  H N N 396 
TYR HD1  H N N 397 
TYR HD2  H N N 398 
TYR HE1  H N N 399 
TYR HE2  H N N 400 
TYR HH   H N N 401 
TYR HXT  H N N 402 
VAL N    N N N 403 
VAL CA   C N S 404 
VAL C    C N N 405 
VAL O    O N N 406 
VAL CB   C N N 407 
VAL CG1  C N N 408 
VAL CG2  C N N 409 
VAL OXT  O N N 410 
VAL H    H N N 411 
VAL H2   H N N 412 
VAL HA   H N N 413 
VAL HB   H N N 414 
VAL HG11 H N N 415 
VAL HG12 H N N 416 
VAL HG13 H N N 417 
VAL HG21 H N N 418 
VAL HG22 H N N 419 
VAL HG23 H N N 420 
VAL HXT  H N N 421 
# 
loop_
_chem_comp_bond.comp_id 
_chem_comp_bond.atom_id_1 
_chem_comp_bond.atom_id_2 
_chem_comp_bond.value_order 
_chem_comp_bond.pdbx_aromatic_flag 
_chem_comp_bond.pdbx_stereo_config 
_chem_comp_bond.pdbx_ordinal 
ALA N   CA   sing N N 1   
ALA N   H    sing N N 2   
ALA N   H2   sing N N 3   
ALA CA  C    sing N N 4   
ALA CA  CB   sing N N 5   
ALA CA  HA   sing N N 6   
ALA C   O    doub N N 7   
ALA C   OXT  sing N N 8   
ALA CB  HB1  sing N N 9   
ALA CB  HB2  sing N N 10  
ALA CB  HB3  sing N N 11  
ALA OXT HXT  sing N N 12  
ARG N   CA   sing N N 13  
ARG N   H    sing N N 14  
ARG N   H2   sing N N 15  
ARG CA  C    sing N N 16  
ARG CA  CB   sing N N 17  
ARG CA  HA   sing N N 18  
ARG C   O    doub N N 19  
ARG C   OXT  sing N N 20  
ARG CB  CG   sing N N 21  
ARG CB  HB2  sing N N 22  
ARG CB  HB3  sing N N 23  
ARG CG  CD   sing N N 24  
ARG CG  HG2  sing N N 25  
ARG CG  HG3  sing N N 26  
ARG CD  NE   sing N N 27  
ARG CD  HD2  sing N N 28  
ARG CD  HD3  sing N N 29  
ARG NE  CZ   sing N N 30  
ARG NE  HE   sing N N 31  
ARG CZ  NH1  sing N N 32  
ARG CZ  NH2  doub N N 33  
ARG NH1 HH11 sing N N 34  
ARG NH1 HH12 sing N N 35  
ARG NH2 HH21 sing N N 36  
ARG NH2 HH22 sing N N 37  
ARG OXT HXT  sing N N 38  
ASN N   CA   sing N N 39  
ASN N   H    sing N N 40  
ASN N   H2   sing N N 41  
ASN CA  C    sing N N 42  
ASN CA  CB   sing N N 43  
ASN CA  HA   sing N N 44  
ASN C   O    doub N N 45  
ASN C   OXT  sing N N 46  
ASN CB  CG   sing N N 47  
ASN CB  HB2  sing N N 48  
ASN CB  HB3  sing N N 49  
ASN CG  OD1  doub N N 50  
ASN CG  ND2  sing N N 51  
ASN ND2 HD21 sing N N 52  
ASN ND2 HD22 sing N N 53  
ASN OXT HXT  sing N N 54  
ASP N   CA   sing N N 55  
ASP N   H    sing N N 56  
ASP N   H2   sing N N 57  
ASP CA  C    sing N N 58  
ASP CA  CB   sing N N 59  
ASP CA  HA   sing N N 60  
ASP C   O    doub N N 61  
ASP C   OXT  sing N N 62  
ASP CB  CG   sing N N 63  
ASP CB  HB2  sing N N 64  
ASP CB  HB3  sing N N 65  
ASP CG  OD1  doub N N 66  
ASP CG  OD2  sing N N 67  
ASP OD2 HD2  sing N N 68  
ASP OXT HXT  sing N N 69  
CYS N   CA   sing N N 70  
CYS N   H    sing N N 71  
CYS N   H2   sing N N 72  
CYS CA  C    sing N N 73  
CYS CA  CB   sing N N 74  
CYS CA  HA   sing N N 75  
CYS C   O    doub N N 76  
CYS C   OXT  sing N N 77  
CYS CB  SG   sing N N 78  
CYS CB  HB2  sing N N 79  
CYS CB  HB3  sing N N 80  
CYS SG  HG   sing N N 81  
CYS OXT HXT  sing N N 82  
GLN N   CA   sing N N 83  
GLN N   H    sing N N 84  
GLN N   H2   sing N N 85  
GLN CA  C    sing N N 86  
GLN CA  CB   sing N N 87  
GLN CA  HA   sing N N 88  
GLN C   O    doub N N 89  
GLN C   OXT  sing N N 90  
GLN CB  CG   sing N N 91  
GLN CB  HB2  sing N N 92  
GLN CB  HB3  sing N N 93  
GLN CG  CD   sing N N 94  
GLN CG  HG2  sing N N 95  
GLN CG  HG3  sing N N 96  
GLN CD  OE1  doub N N 97  
GLN CD  NE2  sing N N 98  
GLN NE2 HE21 sing N N 99  
GLN NE2 HE22 sing N N 100 
GLN OXT HXT  sing N N 101 
GLU N   CA   sing N N 102 
GLU N   H    sing N N 103 
GLU N   H2   sing N N 104 
GLU CA  C    sing N N 105 
GLU CA  CB   sing N N 106 
GLU CA  HA   sing N N 107 
GLU C   O    doub N N 108 
GLU C   OXT  sing N N 109 
GLU CB  CG   sing N N 110 
GLU CB  HB2  sing N N 111 
GLU CB  HB3  sing N N 112 
GLU CG  CD   sing N N 113 
GLU CG  HG2  sing N N 114 
GLU CG  HG3  sing N N 115 
GLU CD  OE1  doub N N 116 
GLU CD  OE2  sing N N 117 
GLU OE2 HE2  sing N N 118 
GLU OXT HXT  sing N N 119 
GLY N   CA   sing N N 120 
GLY N   H    sing N N 121 
GLY N   H2   sing N N 122 
GLY CA  C    sing N N 123 
GLY CA  HA2  sing N N 124 
GLY CA  HA3  sing N N 125 
GLY C   O    doub N N 126 
GLY C   OXT  sing N N 127 
GLY OXT HXT  sing N N 128 
HIS N   CA   sing N N 129 
HIS N   H    sing N N 130 
HIS N   H2   sing N N 131 
HIS CA  C    sing N N 132 
HIS CA  CB   sing N N 133 
HIS CA  HA   sing N N 134 
HIS C   O    doub N N 135 
HIS C   OXT  sing N N 136 
HIS CB  CG   sing N N 137 
HIS CB  HB2  sing N N 138 
HIS CB  HB3  sing N N 139 
HIS CG  ND1  sing Y N 140 
HIS CG  CD2  doub Y N 141 
HIS ND1 CE1  doub Y N 142 
HIS ND1 HD1  sing N N 143 
HIS CD2 NE2  sing Y N 144 
HIS CD2 HD2  sing N N 145 
HIS CE1 NE2  sing Y N 146 
HIS CE1 HE1  sing N N 147 
HIS NE2 HE2  sing N N 148 
HIS OXT HXT  sing N N 149 
HOH O   H1   sing N N 150 
HOH O   H2   sing N N 151 
ILE N   CA   sing N N 152 
ILE N   H    sing N N 153 
ILE N   H2   sing N N 154 
ILE CA  C    sing N N 155 
ILE CA  CB   sing N N 156 
ILE CA  HA   sing N N 157 
ILE C   O    doub N N 158 
ILE C   OXT  sing N N 159 
ILE CB  CG1  sing N N 160 
ILE CB  CG2  sing N N 161 
ILE CB  HB   sing N N 162 
ILE CG1 CD1  sing N N 163 
ILE CG1 HG12 sing N N 164 
ILE CG1 HG13 sing N N 165 
ILE CG2 HG21 sing N N 166 
ILE CG2 HG22 sing N N 167 
ILE CG2 HG23 sing N N 168 
ILE CD1 HD11 sing N N 169 
ILE CD1 HD12 sing N N 170 
ILE CD1 HD13 sing N N 171 
ILE OXT HXT  sing N N 172 
LEU N   CA   sing N N 173 
LEU N   H    sing N N 174 
LEU N   H2   sing N N 175 
LEU CA  C    sing N N 176 
LEU CA  CB   sing N N 177 
LEU CA  HA   sing N N 178 
LEU C   O    doub N N 179 
LEU C   OXT  sing N N 180 
LEU CB  CG   sing N N 181 
LEU CB  HB2  sing N N 182 
LEU CB  HB3  sing N N 183 
LEU CG  CD1  sing N N 184 
LEU CG  CD2  sing N N 185 
LEU CG  HG   sing N N 186 
LEU CD1 HD11 sing N N 187 
LEU CD1 HD12 sing N N 188 
LEU CD1 HD13 sing N N 189 
LEU CD2 HD21 sing N N 190 
LEU CD2 HD22 sing N N 191 
LEU CD2 HD23 sing N N 192 
LEU OXT HXT  sing N N 193 
LYS N   CA   sing N N 194 
LYS N   H    sing N N 195 
LYS N   H2   sing N N 196 
LYS CA  C    sing N N 197 
LYS CA  CB   sing N N 198 
LYS CA  HA   sing N N 199 
LYS C   O    doub N N 200 
LYS C   OXT  sing N N 201 
LYS CB  CG   sing N N 202 
LYS CB  HB2  sing N N 203 
LYS CB  HB3  sing N N 204 
LYS CG  CD   sing N N 205 
LYS CG  HG2  sing N N 206 
LYS CG  HG3  sing N N 207 
LYS CD  CE   sing N N 208 
LYS CD  HD2  sing N N 209 
LYS CD  HD3  sing N N 210 
LYS CE  NZ   sing N N 211 
LYS CE  HE2  sing N N 212 
LYS CE  HE3  sing N N 213 
LYS NZ  HZ1  sing N N 214 
LYS NZ  HZ2  sing N N 215 
LYS NZ  HZ3  sing N N 216 
LYS OXT HXT  sing N N 217 
MET N   CA   sing N N 218 
MET N   H    sing N N 219 
MET N   H2   sing N N 220 
MET CA  C    sing N N 221 
MET CA  CB   sing N N 222 
MET CA  HA   sing N N 223 
MET C   O    doub N N 224 
MET C   OXT  sing N N 225 
MET CB  CG   sing N N 226 
MET CB  HB2  sing N N 227 
MET CB  HB3  sing N N 228 
MET CG  SD   sing N N 229 
MET CG  HG2  sing N N 230 
MET CG  HG3  sing N N 231 
MET SD  CE   sing N N 232 
MET CE  HE1  sing N N 233 
MET CE  HE2  sing N N 234 
MET CE  HE3  sing N N 235 
MET OXT HXT  sing N N 236 
PG4 O1  C1   sing N N 237 
PG4 O1  HO1  sing N N 238 
PG4 C1  C2   sing N N 239 
PG4 C1  H11  sing N N 240 
PG4 C1  H12  sing N N 241 
PG4 C2  O2   sing N N 242 
PG4 C2  H21  sing N N 243 
PG4 C2  H22  sing N N 244 
PG4 O2  C3   sing N N 245 
PG4 C3  C4   sing N N 246 
PG4 C3  H31  sing N N 247 
PG4 C3  H32  sing N N 248 
PG4 C4  O3   sing N N 249 
PG4 C4  H41  sing N N 250 
PG4 C4  H42  sing N N 251 
PG4 O3  C5   sing N N 252 
PG4 C5  C6   sing N N 253 
PG4 C5  H51  sing N N 254 
PG4 C5  H52  sing N N 255 
PG4 C6  O4   sing N N 256 
PG4 C6  H61  sing N N 257 
PG4 C6  H62  sing N N 258 
PG4 O4  C7   sing N N 259 
PG4 C7  C8   sing N N 260 
PG4 C7  H71  sing N N 261 
PG4 C7  H72  sing N N 262 
PG4 C8  O5   sing N N 263 
PG4 C8  H81  sing N N 264 
PG4 C8  H82  sing N N 265 
PG4 O5  HO5  sing N N 266 
PHE N   CA   sing N N 267 
PHE N   H    sing N N 268 
PHE N   H2   sing N N 269 
PHE CA  C    sing N N 270 
PHE CA  CB   sing N N 271 
PHE CA  HA   sing N N 272 
PHE C   O    doub N N 273 
PHE C   OXT  sing N N 274 
PHE CB  CG   sing N N 275 
PHE CB  HB2  sing N N 276 
PHE CB  HB3  sing N N 277 
PHE CG  CD1  doub Y N 278 
PHE CG  CD2  sing Y N 279 
PHE CD1 CE1  sing Y N 280 
PHE CD1 HD1  sing N N 281 
PHE CD2 CE2  doub Y N 282 
PHE CD2 HD2  sing N N 283 
PHE CE1 CZ   doub Y N 284 
PHE CE1 HE1  sing N N 285 
PHE CE2 CZ   sing Y N 286 
PHE CE2 HE2  sing N N 287 
PHE CZ  HZ   sing N N 288 
PHE OXT HXT  sing N N 289 
PRO N   CA   sing N N 290 
PRO N   CD   sing N N 291 
PRO N   H    sing N N 292 
PRO CA  C    sing N N 293 
PRO CA  CB   sing N N 294 
PRO CA  HA   sing N N 295 
PRO C   O    doub N N 296 
PRO C   OXT  sing N N 297 
PRO CB  CG   sing N N 298 
PRO CB  HB2  sing N N 299 
PRO CB  HB3  sing N N 300 
PRO CG  CD   sing N N 301 
PRO CG  HG2  sing N N 302 
PRO CG  HG3  sing N N 303 
PRO CD  HD2  sing N N 304 
PRO CD  HD3  sing N N 305 
PRO OXT HXT  sing N N 306 
SER N   CA   sing N N 307 
SER N   H    sing N N 308 
SER N   H2   sing N N 309 
SER CA  C    sing N N 310 
SER CA  CB   sing N N 311 
SER CA  HA   sing N N 312 
SER C   O    doub N N 313 
SER C   OXT  sing N N 314 
SER CB  OG   sing N N 315 
SER CB  HB2  sing N N 316 
SER CB  HB3  sing N N 317 
SER OG  HG   sing N N 318 
SER OXT HXT  sing N N 319 
THR N   CA   sing N N 320 
THR N   H    sing N N 321 
THR N   H2   sing N N 322 
THR CA  C    sing N N 323 
THR CA  CB   sing N N 324 
THR CA  HA   sing N N 325 
THR C   O    doub N N 326 
THR C   OXT  sing N N 327 
THR CB  OG1  sing N N 328 
THR CB  CG2  sing N N 329 
THR CB  HB   sing N N 330 
THR OG1 HG1  sing N N 331 
THR CG2 HG21 sing N N 332 
THR CG2 HG22 sing N N 333 
THR CG2 HG23 sing N N 334 
THR OXT HXT  sing N N 335 
TRP N   CA   sing N N 336 
TRP N   H    sing N N 337 
TRP N   H2   sing N N 338 
TRP CA  C    sing N N 339 
TRP CA  CB   sing N N 340 
TRP CA  HA   sing N N 341 
TRP C   O    doub N N 342 
TRP C   OXT  sing N N 343 
TRP CB  CG   sing N N 344 
TRP CB  HB2  sing N N 345 
TRP CB  HB3  sing N N 346 
TRP CG  CD1  doub Y N 347 
TRP CG  CD2  sing Y N 348 
TRP CD1 NE1  sing Y N 349 
TRP CD1 HD1  sing N N 350 
TRP CD2 CE2  doub Y N 351 
TRP CD2 CE3  sing Y N 352 
TRP NE1 CE2  sing Y N 353 
TRP NE1 HE1  sing N N 354 
TRP CE2 CZ2  sing Y N 355 
TRP CE3 CZ3  doub Y N 356 
TRP CE3 HE3  sing N N 357 
TRP CZ2 CH2  doub Y N 358 
TRP CZ2 HZ2  sing N N 359 
TRP CZ3 CH2  sing Y N 360 
TRP CZ3 HZ3  sing N N 361 
TRP CH2 HH2  sing N N 362 
TRP OXT HXT  sing N N 363 
TYR N   CA   sing N N 364 
TYR N   H    sing N N 365 
TYR N   H2   sing N N 366 
TYR CA  C    sing N N 367 
TYR CA  CB   sing N N 368 
TYR CA  HA   sing N N 369 
TYR C   O    doub N N 370 
TYR C   OXT  sing N N 371 
TYR CB  CG   sing N N 372 
TYR CB  HB2  sing N N 373 
TYR CB  HB3  sing N N 374 
TYR CG  CD1  doub Y N 375 
TYR CG  CD2  sing Y N 376 
TYR CD1 CE1  sing Y N 377 
TYR CD1 HD1  sing N N 378 
TYR CD2 CE2  doub Y N 379 
TYR CD2 HD2  sing N N 380 
TYR CE1 CZ   doub Y N 381 
TYR CE1 HE1  sing N N 382 
TYR CE2 CZ   sing Y N 383 
TYR CE2 HE2  sing N N 384 
TYR CZ  OH   sing N N 385 
TYR OH  HH   sing N N 386 
TYR OXT HXT  sing N N 387 
VAL N   CA   sing N N 388 
VAL N   H    sing N N 389 
VAL N   H2   sing N N 390 
VAL CA  C    sing N N 391 
VAL CA  CB   sing N N 392 
VAL CA  HA   sing N N 393 
VAL C   O    doub N N 394 
VAL C   OXT  sing N N 395 
VAL CB  CG1  sing N N 396 
VAL CB  CG2  sing N N 397 
VAL CB  HB   sing N N 398 
VAL CG1 HG11 sing N N 399 
VAL CG1 HG12 sing N N 400 
VAL CG1 HG13 sing N N 401 
VAL CG2 HG21 sing N N 402 
VAL CG2 HG22 sing N N 403 
VAL CG2 HG23 sing N N 404 
VAL OXT HXT  sing N N 405 
# 
_atom_sites.entry_id                    3RLK 
_atom_sites.fract_transf_matrix[1][1]   0.00950316 
_atom_sites.fract_transf_matrix[1][2]   0.01377216 
_atom_sites.fract_transf_matrix[1][3]   -0.01968186 
_atom_sites.fract_transf_matrix[2][1]   0.01412313 
_atom_sites.fract_transf_matrix[2][2]   -0.01431022 
_atom_sites.fract_transf_matrix[2][3]   -0.00319423 
_atom_sites.fract_transf_matrix[3][1]   -0.00949386 
_atom_sites.fract_transf_matrix[3][2]   -0.00412210 
_atom_sites.fract_transf_matrix[3][3]   -0.02350951 
_atom_sites.fract_transf_vector[1]      0.483438 
_atom_sites.fract_transf_vector[2]      0.174270 
_atom_sites.fract_transf_vector[3]      0.180353 
# 
loop_
_atom_type.symbol 
C 
N 
O 
S 
# 
loop_
_atom_site.group_PDB 
_atom_site.id 
_atom_site.type_symbol 
_atom_site.label_atom_id 
_atom_site.label_alt_id 
_atom_site.label_comp_id 
_atom_site.label_asym_id 
_atom_site.label_entity_id 
_atom_site.label_seq_id 
_atom_site.pdbx_PDB_ins_code 
_atom_site.Cartn_x 
_atom_site.Cartn_y 
_atom_site.Cartn_z 
_atom_site.occupancy 
_atom_site.B_iso_or_equiv 
_atom_site.pdbx_formal_charge 
_atom_site.auth_seq_id 
_atom_site.auth_comp_id 
_atom_site.auth_asym_id 
_atom_site.auth_atom_id 
_atom_site.pdbx_PDB_model_num 
ATOM   1    N N   . PRO A 1 10  ? -39.581 12.744  5.102   1.00 32.85 ? 146 PRO A N   1 
ATOM   2    C CA  . PRO A 1 10  ? -39.024 11.510  5.728   1.00 32.28 ? 146 PRO A CA  1 
ATOM   3    C C   . PRO A 1 10  ? -37.541 11.696  5.956   1.00 30.66 ? 146 PRO A C   1 
ATOM   4    O O   . PRO A 1 10  ? -36.853 12.115  5.015   1.00 30.91 ? 146 PRO A O   1 
ATOM   5    C CB  . PRO A 1 10  ? -39.251 10.405  4.657   1.00 32.85 ? 146 PRO A CB  1 
ATOM   6    C CG  . PRO A 1 10  ? -39.640 11.107  3.394   1.00 34.35 ? 146 PRO A CG  1 
ATOM   7    C CD  . PRO A 1 10  ? -40.201 12.479  3.784   1.00 34.34 ? 146 PRO A CD  1 
ATOM   8    N N   . ASP A 1 11  ? -37.053 11.425  7.179   1.00 29.21 ? 147 ASP A N   1 
ATOM   9    C CA  . ASP A 1 11  ? -35.618 11.596  7.539   1.00 28.43 ? 147 ASP A CA  1 
ATOM   10   C C   . ASP A 1 11  ? -34.683 10.805  6.637   1.00 26.30 ? 147 ASP A C   1 
ATOM   11   O O   . ASP A 1 11  ? -35.097 9.786   6.069   1.00 26.08 ? 147 ASP A O   1 
ATOM   12   C CB  . ASP A 1 11  ? -35.357 11.113  8.966   1.00 28.87 ? 147 ASP A CB  1 
ATOM   13   C CG  . ASP A 1 11  ? -35.750 12.129  10.041  1.00 33.34 ? 147 ASP A CG  1 
ATOM   14   O OD1 . ASP A 1 11  ? -36.408 13.154  9.727   1.00 32.95 ? 147 ASP A OD1 1 
ATOM   15   O OD2 . ASP A 1 11  ? -35.397 11.864  11.226  1.00 35.76 ? 147 ASP A OD2 1 
ATOM   16   N N   . PRO A 1 12  ? -33.409 11.249  6.492   1.00 24.37 ? 148 PRO A N   1 
ATOM   17   C CA  . PRO A 1 12  ? -32.534 10.343  5.725   1.00 23.52 ? 148 PRO A CA  1 
ATOM   18   C C   . PRO A 1 12  ? -32.162 9.147   6.562   1.00 21.99 ? 148 PRO A C   1 
ATOM   19   O O   . PRO A 1 12  ? -32.223 9.205   7.813   1.00 19.88 ? 148 PRO A O   1 
ATOM   20   C CB  . PRO A 1 12  ? -31.266 11.182  5.451   1.00 23.00 ? 148 PRO A CB  1 
ATOM   21   C CG  . PRO A 1 12  ? -31.255 12.154  6.636   1.00 23.78 ? 148 PRO A CG  1 
ATOM   22   C CD  . PRO A 1 12  ? -32.722 12.512  6.822   1.00 25.16 ? 148 PRO A CD  1 
ATOM   23   N N   . VAL A 1 13  ? -31.790 8.094   5.843   1.00 22.70 ? 149 VAL A N   1 
ATOM   24   C CA  . VAL A 1 13  ? -31.347 6.825   6.388   1.00 23.18 ? 149 VAL A CA  1 
ATOM   25   C C   . VAL A 1 13  ? -30.033 7.075   7.109   1.00 23.19 ? 149 VAL A C   1 
ATOM   26   O O   . VAL A 1 13  ? -29.166 7.865   6.652   1.00 20.82 ? 149 VAL A O   1 
ATOM   27   C CB  . VAL A 1 13  ? -31.153 5.786   5.233   1.00 23.37 ? 149 VAL A CB  1 
ATOM   28   C CG1 . VAL A 1 13  ? -30.594 4.492   5.742   1.00 24.43 ? 149 VAL A CG1 1 
ATOM   29   C CG2 . VAL A 1 13  ? -32.507 5.546   4.496   1.00 27.36 ? 149 VAL A CG2 1 
ATOM   30   N N   . ILE A 1 14  ? -29.922 6.450   8.281   1.00 23.54 ? 150 ILE A N   1 
ATOM   31   C CA  . ILE A 1 14  ? -28.714 6.531   9.054   1.00 23.55 ? 150 ILE A CA  1 
ATOM   32   C C   . ILE A 1 14  ? -27.725 5.499   8.464   1.00 23.97 ? 150 ILE A C   1 
ATOM   33   O O   . ILE A 1 14  ? -28.038 4.296   8.367   1.00 23.18 ? 150 ILE A O   1 
ATOM   34   C CB  . ILE A 1 14  ? -29.026 6.333   10.560  1.00 23.58 ? 150 ILE A CB  1 
ATOM   35   C CG1 . ILE A 1 14  ? -29.966 7.474   11.006  1.00 27.16 ? 150 ILE A CG1 1 
ATOM   36   C CG2 . ILE A 1 14  ? -27.761 6.290   11.427  1.00 23.79 ? 150 ILE A CG2 1 
ATOM   37   C CD1 . ILE A 1 14  ? -30.818 7.131   12.198  1.00 29.46 ? 150 ILE A CD1 1 
ATOM   38   N N   . PRO A 1 15  ? -26.563 5.980   7.992   1.00 24.05 ? 151 PRO A N   1 
ATOM   39   C CA  . PRO A 1 15  ? -25.477 5.058   7.563   1.00 24.14 ? 151 PRO A CA  1 
ATOM   40   C C   . PRO A 1 15  ? -24.930 4.166   8.696   1.00 23.48 ? 151 PRO A C   1 
ATOM   41   O O   . PRO A 1 15  ? -24.911 4.591   9.857   1.00 23.77 ? 151 PRO A O   1 
ATOM   42   C CB  . PRO A 1 15  ? -24.362 6.021   7.127   1.00 24.30 ? 151 PRO A CB  1 
ATOM   43   C CG  . PRO A 1 15  ? -24.574 7.242   7.988   1.00 25.92 ? 151 PRO A CG  1 
ATOM   44   C CD  . PRO A 1 15  ? -26.105 7.383   8.028   1.00 24.39 ? 151 PRO A CD  1 
ATOM   45   N N   . ASP A 1 16  ? -24.482 2.953   8.363   1.00 21.53 ? 152 ASP A N   1 
ATOM   46   C CA  . ASP A 1 16  ? -23.775 2.098   9.322   1.00 22.09 ? 152 ASP A CA  1 
ATOM   47   C C   . ASP A 1 16  ? -22.393 2.702   9.574   1.00 20.24 ? 152 ASP A C   1 
ATOM   48   O O   . ASP A 1 16  ? -21.817 3.267   8.670   1.00 20.18 ? 152 ASP A O   1 
ATOM   49   C CB  . ASP A 1 16  ? -23.685 0.669   8.832   1.00 22.20 ? 152 ASP A CB  1 
ATOM   50   C CG  . ASP A 1 16  ? -25.044 -0.014  8.809   1.00 27.80 ? 152 ASP A CG  1 
ATOM   51   O OD1 . ASP A 1 16  ? -25.948 0.355   9.644   1.00 28.50 ? 152 ASP A OD1 1 
ATOM   52   O OD2 . ASP A 1 16  ? -25.220 -0.899  7.946   1.00 29.63 ? 152 ASP A OD2 1 
ATOM   53   N N   . PRO A 1 17  ? -21.945 2.686   10.821  1.00 20.11 ? 153 PRO A N   1 
ATOM   54   C CA  . PRO A 1 17  ? -20.690 3.346   11.257  1.00 18.58 ? 153 PRO A CA  1 
ATOM   55   C C   . PRO A 1 17  ? -19.491 2.570   10.761  1.00 16.95 ? 153 PRO A C   1 
ATOM   56   O O   . PRO A 1 17  ? -19.592 1.367   10.532  1.00 16.19 ? 153 PRO A O   1 
ATOM   57   C CB  . PRO A 1 17  ? -20.761 3.305   12.785  1.00 20.56 ? 153 PRO A CB  1 
ATOM   58   C CG  . PRO A 1 17  ? -22.089 2.820   13.165  1.00 19.63 ? 153 PRO A CG  1 
ATOM   59   C CD  . PRO A 1 17  ? -22.709 2.120   11.949  1.00 20.69 ? 153 PRO A CD  1 
ATOM   60   N N   . PRO A 1 18  ? -18.353 3.253   10.531  1.00 15.40 ? 154 PRO A N   1 
ATOM   61   C CA  . PRO A 1 18  ? -17.232 2.570   9.897   1.00 15.68 ? 154 PRO A CA  1 
ATOM   62   C C   . PRO A 1 18  ? -16.582 1.634   10.912  1.00 16.11 ? 154 PRO A C   1 
ATOM   63   O O   . PRO A 1 18  ? -16.849 1.715   12.129  1.00 17.58 ? 154 PRO A O   1 
ATOM   64   C CB  . PRO A 1 18  ? -16.235 3.714   9.562   1.00 14.78 ? 154 PRO A CB  1 
ATOM   65   C CG  . PRO A 1 18  ? -16.475 4.721   10.636  1.00 13.80 ? 154 PRO A CG  1 
ATOM   66   C CD  . PRO A 1 18  ? -18.045 4.651   10.844  1.00 16.26 ? 154 PRO A CD  1 
ATOM   67   N N   . ILE A 1 19  ? -15.728 0.748   10.416  1.00 15.38 ? 155 ILE A N   1 
ATOM   68   C CA  . ILE A 1 19  ? -15.000 -0.194  11.271  1.00 14.86 ? 155 ILE A CA  1 
ATOM   69   C C   . ILE A 1 19  ? -13.598 0.355   11.569  1.00 16.38 ? 155 ILE A C   1 
ATOM   70   O O   . ILE A 1 19  ? -12.949 0.880   10.658  1.00 16.12 ? 155 ILE A O   1 
ATOM   71   C CB  . ILE A 1 19  ? -14.912 -1.581  10.528  1.00 15.90 ? 155 ILE A CB  1 
ATOM   72   C CG1 . ILE A 1 19  ? -16.325 -2.016  10.055  1.00 16.93 ? 155 ILE A CG1 1 
ATOM   73   C CG2 . ILE A 1 19  ? -14.125 -2.623  11.407  1.00 12.80 ? 155 ILE A CG2 1 
ATOM   74   C CD1 . ILE A 1 19  ? -16.304 -3.120  9.003   1.00 20.23 ? 155 ILE A CD1 1 
ATOM   75   N N   . ASP A 1 20  ? -13.137 0.262   12.816  1.00 17.19 ? 156 ASP A N   1 
ATOM   76   C CA  . ASP A 1 20  ? -11.834 0.865   13.150  1.00 18.27 ? 156 ASP A CA  1 
ATOM   77   C C   . ASP A 1 20  ? -10.724 -0.184  13.295  1.00 17.48 ? 156 ASP A C   1 
ATOM   78   O O   . ASP A 1 20  ? -10.975 -1.257  13.800  1.00 17.11 ? 156 ASP A O   1 
ATOM   79   C CB  . ASP A 1 20  ? -11.934 1.656   14.424  1.00 18.45 ? 156 ASP A CB  1 
ATOM   80   C CG  . ASP A 1 20  ? -13.008 2.737   14.349  1.00 24.02 ? 156 ASP A CG  1 
ATOM   81   O OD1 . ASP A 1 20  ? -13.112 3.417   13.313  1.00 24.62 ? 156 ASP A OD1 1 
ATOM   82   O OD2 . ASP A 1 20  ? -13.774 2.863   15.336  1.00 24.12 ? 156 ASP A OD2 1 
ATOM   83   N N   . PRO A 1 21  ? -9.493  0.139   12.843  1.00 16.97 ? 157 PRO A N   1 
ATOM   84   C CA  . PRO A 1 21  ? -8.483  -0.893  12.992  1.00 18.34 ? 157 PRO A CA  1 
ATOM   85   C C   . PRO A 1 21  ? -8.159  -1.116  14.477  1.00 19.42 ? 157 PRO A C   1 
ATOM   86   O O   . PRO A 1 21  ? -8.375  -0.208  15.259  1.00 20.83 ? 157 PRO A O   1 
ATOM   87   C CB  . PRO A 1 21  ? -7.278  -0.332  12.183  1.00 19.21 ? 157 PRO A CB  1 
ATOM   88   C CG  . PRO A 1 21  ? -7.480  1.092   12.077  1.00 19.07 ? 157 PRO A CG  1 
ATOM   89   C CD  . PRO A 1 21  ? -9.001  1.297   12.065  1.00 18.53 ? 157 PRO A CD  1 
ATOM   90   N N   . PRO A 1 22  ? -7.714  -2.324  14.864  1.00 20.09 ? 158 PRO A N   1 
ATOM   91   C CA  . PRO A 1 22  ? -7.333  -2.629  16.247  1.00 21.05 ? 158 PRO A CA  1 
ATOM   92   C C   . PRO A 1 22  ? -6.026  -1.863  16.555  1.00 21.60 ? 158 PRO A C   1 
ATOM   93   O O   . PRO A 1 22  ? -5.278  -1.485  15.645  1.00 21.98 ? 158 PRO A O   1 
ATOM   94   C CB  . PRO A 1 22  ? -7.073  -4.143  16.210  1.00 21.11 ? 158 PRO A CB  1 
ATOM   95   C CG  . PRO A 1 22  ? -6.724  -4.451  14.859  1.00 20.18 ? 158 PRO A CG  1 
ATOM   96   C CD  . PRO A 1 22  ? -7.537  -3.495  13.981  1.00 21.44 ? 158 PRO A CD  1 
ATOM   97   N N   . PRO A 1 23  ? -5.750  -1.609  17.840  1.00 22.26 ? 159 PRO A N   1 
ATOM   98   C CA  . PRO A 1 23  ? -4.508  -0.853  18.079  1.00 20.93 ? 159 PRO A CA  1 
ATOM   99   C C   . PRO A 1 23  ? -3.301  -1.733  17.840  1.00 18.98 ? 159 PRO A C   1 
ATOM   100  O O   . PRO A 1 23  ? -3.400  -2.960  17.853  1.00 18.00 ? 159 PRO A O   1 
ATOM   101  C CB  . PRO A 1 23  ? -4.587  -0.489  19.562  1.00 22.43 ? 159 PRO A CB  1 
ATOM   102  C CG  . PRO A 1 23  ? -5.445  -1.672  20.204  1.00 21.67 ? 159 PRO A CG  1 
ATOM   103  C CD  . PRO A 1 23  ? -6.326  -2.221  19.057  1.00 22.73 ? 159 PRO A CD  1 
ATOM   104  N N   . GLY A 1 24  ? -2.166  -1.088  17.679  1.00 17.99 ? 160 GLY A N   1 
ATOM   105  C CA  . GLY A 1 24  ? -0.924  -1.819  17.488  1.00 16.04 ? 160 GLY A CA  1 
ATOM   106  C C   . GLY A 1 24  ? -0.346  -2.094  18.866  1.00 17.07 ? 160 GLY A C   1 
ATOM   107  O O   . GLY A 1 24  ? -0.582  -1.351  19.822  1.00 16.60 ? 160 GLY A O   1 
ATOM   108  N N   . THR A 1 25  ? 0.430   -3.168  18.936  1.00 17.21 ? 161 THR A N   1 
ATOM   109  C CA  . THR A 1 25  ? 1.137   -3.543  20.150  1.00 17.46 ? 161 THR A CA  1 
ATOM   110  C C   . THR A 1 25  ? 2.639   -3.322  20.104  1.00 17.07 ? 161 THR A C   1 
ATOM   111  O O   . THR A 1 25  ? 3.355   -3.742  21.037  1.00 18.86 ? 161 THR A O   1 
ATOM   112  C CB  . THR A 1 25  ? 0.968   -5.001  20.467  1.00 17.63 ? 161 THR A CB  1 
ATOM   113  O OG1 . THR A 1 25  ? 1.520   -5.795  19.398  1.00 19.52 ? 161 THR A OG1 1 
ATOM   114  C CG2 . THR A 1 25  ? -0.520  -5.334  20.721  1.00 21.13 ? 161 THR A CG2 1 
ATOM   115  N N   . GLY A 1 26  ? 3.132   -2.698  19.033  1.00 15.83 ? 162 GLY A N   1 
ATOM   116  C CA  . GLY A 1 26  ? 4.606   -2.454  18.914  1.00 14.94 ? 162 GLY A CA  1 
ATOM   117  C C   . GLY A 1 26  ? 4.919   -1.491  17.796  1.00 15.18 ? 162 GLY A C   1 
ATOM   118  O O   . GLY A 1 26  ? 4.046   -0.764  17.300  1.00 13.32 ? 162 GLY A O   1 
ATOM   119  N N   . LYS A 1 27  ? 6.169   -1.498  17.356  1.00 15.37 ? 163 LYS A N   1 
ATOM   120  C CA  . LYS A 1 27  ? 6.585   -0.616  16.211  1.00 14.49 ? 163 LYS A CA  1 
ATOM   121  C C   . LYS A 1 27  ? 7.305   -1.549  15.199  1.00 13.03 ? 163 LYS A C   1 
ATOM   122  O O   . LYS A 1 27  ? 7.796   -2.651  15.539  1.00 14.52 ? 163 LYS A O   1 
ATOM   123  C CB  . LYS A 1 27  ? 7.612   0.433   16.653  1.00 16.04 ? 163 LYS A CB  1 
ATOM   124  C CG  . LYS A 1 27  ? 7.245   1.304   17.883  1.00 21.81 ? 163 LYS A CG  1 
ATOM   125  C CD  . LYS A 1 27  ? 7.095   2.753   17.445  1.00 31.94 ? 163 LYS A CD  1 
ATOM   126  C CE  . LYS A 1 27  ? 6.492   3.694   18.523  1.00 34.58 ? 163 LYS A CE  1 
ATOM   127  N NZ  . LYS A 1 27  ? 4.975   3.703   18.523  1.00 38.73 ? 163 LYS A NZ  1 
ATOM   128  N N   . TYR A 1 28  ? 7.380   -1.105  13.968  1.00 11.62 ? 164 TYR A N   1 
ATOM   129  C CA  . TYR A 1 28  ? 8.024   -1.890  12.893  1.00 10.92 ? 164 TYR A CA  1 
ATOM   130  C C   . TYR A 1 28  ? 8.584   -0.893  11.868  1.00 11.58 ? 164 TYR A C   1 
ATOM   131  O O   . TYR A 1 28  ? 7.836   -0.095  11.256  1.00 11.00 ? 164 TYR A O   1 
ATOM   132  C CB  . TYR A 1 28  ? 6.959   -2.767  12.251  1.00 10.27 ? 164 TYR A CB  1 
ATOM   133  C CG  . TYR A 1 28  ? 7.444   -3.567  11.061  1.00 12.33 ? 164 TYR A CG  1 
ATOM   134  C CD1 . TYR A 1 28  ? 7.094   -3.206  9.740   1.00 12.77 ? 164 TYR A CD1 1 
ATOM   135  C CD2 . TYR A 1 28  ? 8.216   -4.702  11.250  1.00 14.42 ? 164 TYR A CD2 1 
ATOM   136  C CE1 . TYR A 1 28  ? 7.477   -3.921  8.652   1.00 10.51 ? 164 TYR A CE1 1 
ATOM   137  C CE2 . TYR A 1 28  ? 8.632   -5.473  10.121  1.00 12.92 ? 164 TYR A CE2 1 
ATOM   138  C CZ  . TYR A 1 28  ? 8.250   -5.110  8.838   1.00 9.89  ? 164 TYR A CZ  1 
ATOM   139  O OH  . TYR A 1 28  ? 8.728   -5.901  7.815   1.00 11.62 ? 164 TYR A OH  1 
ATOM   140  N N   . THR A 1 29  ? 9.895   -0.956  11.651  1.00 12.84 ? 165 THR A N   1 
ATOM   141  C CA  . THR A 1 29  ? 10.555  -0.095  10.652  1.00 14.12 ? 165 THR A CA  1 
ATOM   142  C C   . THR A 1 29  ? 10.216  -0.554  9.240   1.00 14.01 ? 165 THR A C   1 
ATOM   143  O O   . THR A 1 29  ? 10.326  -1.769  8.943   1.00 13.45 ? 165 THR A O   1 
ATOM   144  C CB  . THR A 1 29  ? 12.079  -0.214  10.769  1.00 16.47 ? 165 THR A CB  1 
ATOM   145  O OG1 . THR A 1 29  ? 12.509  0.153   12.103  1.00 18.23 ? 165 THR A OG1 1 
ATOM   146  C CG2 . THR A 1 29  ? 12.728  0.693   9.793   1.00 13.04 ? 165 THR A CG2 1 
ATOM   147  N N   . CYS A 1 30  ? 9.742   0.374   8.408   1.00 13.41 ? 166 CYS A N   1 
ATOM   148  C CA  . CYS A 1 30  ? 9.455   0.083   7.018   1.00 14.16 ? 166 CYS A CA  1 
ATOM   149  C C   . CYS A 1 30  ? 10.705  -0.545  6.389   1.00 12.53 ? 166 CYS A C   1 
ATOM   150  O O   . CYS A 1 30  ? 11.806  0.030   6.456   1.00 12.07 ? 166 CYS A O   1 
ATOM   151  C CB  . CYS A 1 30  ? 9.108   1.357   6.263   1.00 14.36 ? 166 CYS A CB  1 
ATOM   152  S SG  . CYS A 1 30  ? 8.573   0.993   4.616   1.00 17.65 ? 166 CYS A SG  1 
ATOM   153  N N   . PRO A 1 31  ? 10.577  -1.743  5.843   1.00 13.08 ? 167 PRO A N   1 
ATOM   154  C CA  . PRO A 1 31  ? 11.735  -2.501  5.438   1.00 12.73 ? 167 PRO A CA  1 
ATOM   155  C C   . PRO A 1 31  ? 12.261  -2.182  4.038   1.00 13.71 ? 167 PRO A C   1 
ATOM   156  O O   . PRO A 1 31  ? 13.203  -2.805  3.580   1.00 17.33 ? 167 PRO A O   1 
ATOM   157  C CB  . PRO A 1 31  ? 11.222  -3.947  5.505   1.00 14.93 ? 167 PRO A CB  1 
ATOM   158  C CG  . PRO A 1 31  ? 9.830   -3.885  5.291   1.00 14.54 ? 167 PRO A CG  1 
ATOM   159  C CD  . PRO A 1 31  ? 9.318   -2.510  5.608   1.00 13.95 ? 167 PRO A CD  1 
ATOM   160  N N   . PHE A 1 32  ? 11.673  -1.204  3.368   1.00 10.65 ? 168 PHE A N   1 
ATOM   161  C CA  . PHE A 1 32  ? 12.161  -0.733  2.089   1.00 10.31 ? 168 PHE A CA  1 
ATOM   162  C C   . PHE A 1 32  ? 12.485  0.727   2.201   1.00 10.42 ? 168 PHE A C   1 
ATOM   163  O O   . PHE A 1 32  ? 12.061  1.384   3.178   1.00 10.29 ? 168 PHE A O   1 
ATOM   164  C CB  . PHE A 1 32  ? 11.102  -0.944  1.006   1.00 10.53 ? 168 PHE A CB  1 
ATOM   165  C CG  . PHE A 1 32  ? 10.767  -2.393  0.796   1.00 8.08  ? 168 PHE A CG  1 
ATOM   166  C CD1 . PHE A 1 32  ? 11.623  -3.222  0.092   1.00 14.08 ? 168 PHE A CD1 1 
ATOM   167  C CD2 . PHE A 1 32  ? 9.607   -2.937  1.369   1.00 12.06 ? 168 PHE A CD2 1 
ATOM   168  C CE1 . PHE A 1 32  ? 11.361  -4.600  -0.047  1.00 14.10 ? 168 PHE A CE1 1 
ATOM   169  C CE2 . PHE A 1 32  ? 9.335   -4.294  1.262   1.00 12.57 ? 168 PHE A CE2 1 
ATOM   170  C CZ  . PHE A 1 32  ? 10.212  -5.133  0.508   1.00 12.81 ? 168 PHE A CZ  1 
ATOM   171  N N   . ALA A 1 33  ? 13.300  1.205   1.252   1.00 11.08 ? 169 ALA A N   1 
ATOM   172  C CA  . ALA A 1 33  ? 13.672  2.598   1.229   1.00 10.45 ? 169 ALA A CA  1 
ATOM   173  C C   . ALA A 1 33  ? 12.412  3.453   1.172   1.00 8.89  ? 169 ALA A C   1 
ATOM   174  O O   . ALA A 1 33  ? 11.386  3.153   0.473   1.00 9.93  ? 169 ALA A O   1 
ATOM   175  C CB  . ALA A 1 33  ? 14.552  2.894   0.027   1.00 11.36 ? 169 ALA A CB  1 
ATOM   176  N N   . ILE A 1 34  ? 12.463  4.555   1.903   1.00 11.00 ? 170 ILE A N   1 
ATOM   177  C CA  . ILE A 1 34  ? 11.376  5.547   1.837   1.00 8.34  ? 170 ILE A CA  1 
ATOM   178  C C   . ILE A 1 34  ? 11.849  6.962   1.316   1.00 10.82 ? 170 ILE A C   1 
ATOM   179  O O   . ILE A 1 34  ? 13.028  7.253   1.448   1.00 9.16  ? 170 ILE A O   1 
ATOM   180  C CB  . ILE A 1 34  ? 10.620  5.631   3.132   1.00 8.94  ? 170 ILE A CB  1 
ATOM   181  C CG1 . ILE A 1 34  ? 11.552  6.043   4.274   1.00 12.36 ? 170 ILE A CG1 1 
ATOM   182  C CG2 . ILE A 1 34  ? 9.894   4.286   3.433   1.00 8.09  ? 170 ILE A CG2 1 
ATOM   183  C CD1 . ILE A 1 34  ? 10.716  6.667   5.492   1.00 13.49 ? 170 ILE A CD1 1 
ATOM   184  N N   . TRP A 1 35  ? 10.901  7.771   0.760   1.00 10.79 ? 171 TRP A N   1 
ATOM   185  C CA  . TRP A 1 35  ? 11.274  8.887   -0.123  1.00 10.02 ? 171 TRP A CA  1 
ATOM   186  C C   . TRP A 1 35  ? 10.345  10.029  0.101   1.00 10.77 ? 171 TRP A C   1 
ATOM   187  O O   . TRP A 1 35  ? 9.236   9.821   0.589   1.00 11.87 ? 171 TRP A O   1 
ATOM   188  C CB  . TRP A 1 35  ? 11.097  8.476   -1.582  1.00 11.98 ? 171 TRP A CB  1 
ATOM   189  C CG  . TRP A 1 35  ? 11.885  7.239   -1.888  1.00 10.77 ? 171 TRP A CG  1 
ATOM   190  C CD1 . TRP A 1 35  ? 11.478  5.921   -1.669  1.00 8.35  ? 171 TRP A CD1 1 
ATOM   191  C CD2 . TRP A 1 35  ? 13.221  7.186   -2.405  1.00 7.85  ? 171 TRP A CD2 1 
ATOM   192  N NE1 . TRP A 1 35  ? 12.492  5.070   -2.060  1.00 8.64  ? 171 TRP A NE1 1 
ATOM   193  C CE2 . TRP A 1 35  ? 13.555  5.821   -2.525  1.00 10.84 ? 171 TRP A CE2 1 
ATOM   194  C CE3 . TRP A 1 35  ? 14.162  8.178   -2.848  1.00 8.41  ? 171 TRP A CE3 1 
ATOM   195  C CZ2 . TRP A 1 35  ? 14.782  5.402   -3.055  1.00 12.95 ? 171 TRP A CZ2 1 
ATOM   196  C CZ3 . TRP A 1 35  ? 15.390  7.743   -3.378  1.00 10.93 ? 171 TRP A CZ3 1 
ATOM   197  C CH2 . TRP A 1 35  ? 15.699  6.383   -3.440  1.00 11.66 ? 171 TRP A CH2 1 
ATOM   198  N N   . SER A 1 36  ? 10.817  11.225  -0.310  1.00 11.57 ? 172 SER A N   1 
ATOM   199  C CA  . SER A 1 36  ? 9.960   12.434  -0.391  1.00 12.10 ? 172 SER A CA  1 
ATOM   200  C C   . SER A 1 36  ? 9.882   12.763  -1.886  1.00 11.01 ? 172 SER A C   1 
ATOM   201  O O   . SER A 1 36  ? 10.936  12.842  -2.570  1.00 12.75 ? 172 SER A O   1 
ATOM   202  C CB  . SER A 1 36  ? 10.581  13.599  0.411   1.00 12.22 ? 172 SER A CB  1 
ATOM   203  O OG  . SER A 1 36  ? 9.831   14.792  0.267   1.00 13.77 ? 172 SER A OG  1 
ATOM   204  N N   . LEU A 1 37  ? 8.665   12.914  -2.422  1.00 10.02 ? 173 LEU A N   1 
ATOM   205  C CA  . LEU A 1 37  ? 8.438   13.319  -3.777  1.00 10.74 ? 173 LEU A CA  1 
ATOM   206  C C   . LEU A 1 37  ? 7.687   14.686  -3.800  1.00 12.66 ? 173 LEU A C   1 
ATOM   207  O O   . LEU A 1 37  ? 6.491   14.711  -3.686  1.00 13.50 ? 173 LEU A O   1 
ATOM   208  C CB  . LEU A 1 37  ? 7.608   12.234  -4.498  1.00 11.36 ? 173 LEU A CB  1 
ATOM   209  C CG  . LEU A 1 37  ? 8.417   11.112  -5.139  1.00 11.06 ? 173 LEU A CG  1 
ATOM   210  C CD1 . LEU A 1 37  ? 9.003   10.183  -4.079  1.00 12.17 ? 173 LEU A CD1 1 
ATOM   211  C CD2 . LEU A 1 37  ? 7.395   10.358  -6.101  1.00 12.34 ? 173 LEU A CD2 1 
ATOM   212  N N   . GLU A 1 38  ? 8.412   15.814  -3.909  1.00 12.07 ? 174 GLU A N   1 
ATOM   213  C CA  . GLU A 1 38  ? 7.748   17.120  -3.855  1.00 14.43 ? 174 GLU A CA  1 
ATOM   214  C C   . GLU A 1 38  ? 8.227   18.035  -4.967  1.00 13.50 ? 174 GLU A C   1 
ATOM   215  O O   . GLU A 1 38  ? 7.420   18.825  -5.478  1.00 14.71 ? 174 GLU A O   1 
ATOM   216  C CB  . GLU A 1 38  ? 7.969   17.822  -2.505  1.00 13.92 ? 174 GLU A CB  1 
ATOM   217  C CG  . GLU A 1 38  ? 7.359   17.213  -1.229  1.00 13.68 ? 174 GLU A CG  1 
ATOM   218  C CD  . GLU A 1 38  ? 5.859   16.888  -1.304  1.00 21.26 ? 174 GLU A CD  1 
ATOM   219  O OE1 . GLU A 1 38  ? 5.047   17.539  -2.068  1.00 17.77 ? 174 GLU A OE1 1 
ATOM   220  O OE2 . GLU A 1 38  ? 5.490   15.967  -0.547  1.00 18.30 ? 174 GLU A OE2 1 
ATOM   221  N N   . GLU A 1 39  ? 9.497   17.915  -5.325  1.00 15.15 ? 175 GLU A N   1 
ATOM   222  C CA  . GLU A 1 39  ? 10.111  18.738  -6.382  1.00 17.16 ? 175 GLU A CA  1 
ATOM   223  C C   . GLU A 1 39  ? 9.713   18.153  -7.722  1.00 16.23 ? 175 GLU A C   1 
ATOM   224  O O   . GLU A 1 39  ? 9.825   16.922  -7.944  1.00 14.85 ? 175 GLU A O   1 
ATOM   225  C CB  . GLU A 1 39  ? 11.629  18.723  -6.304  1.00 18.43 ? 175 GLU A CB  1 
ATOM   226  C CG  . GLU A 1 39  ? 12.217  19.677  -7.336  1.00 24.00 ? 175 GLU A CG  1 
ATOM   227  C CD  . GLU A 1 39  ? 13.725  19.718  -7.314  1.00 30.72 ? 175 GLU A CD  1 
ATOM   228  O OE1 . GLU A 1 39  ? 14.346  18.758  -7.797  1.00 32.90 ? 175 GLU A OE1 1 
ATOM   229  O OE2 . GLU A 1 39  ? 14.288  20.733  -6.863  1.00 40.08 ? 175 GLU A OE2 1 
ATOM   230  N N   . VAL A 1 40  ? 9.221   19.003  -8.614  1.00 14.01 ? 176 VAL A N   1 
ATOM   231  C CA  . VAL A 1 40  ? 8.830   18.494  -9.925  1.00 14.01 ? 176 VAL A CA  1 
ATOM   232  C C   . VAL A 1 40  ? 9.966   18.336  -10.930 1.00 14.94 ? 176 VAL A C   1 
ATOM   233  O O   . VAL A 1 40  ? 10.719  19.289  -11.239 1.00 16.21 ? 176 VAL A O   1 
ATOM   234  C CB  . VAL A 1 40  ? 7.728   19.371  -10.554 1.00 13.54 ? 176 VAL A CB  1 
ATOM   235  C CG1 . VAL A 1 40  ? 7.364   18.880  -11.886 1.00 13.07 ? 176 VAL A CG1 1 
ATOM   236  C CG2 . VAL A 1 40  ? 6.491   19.387  -9.625  1.00 19.00 ? 176 VAL A CG2 1 
ATOM   237  N N   . TYR A 1 41  ? 10.056  17.140  -11.483 1.00 14.59 ? 177 TYR A N   1 
ATOM   238  C CA  . TYR A 1 41  ? 10.971  16.846  -12.563 1.00 16.04 ? 177 TYR A CA  1 
ATOM   239  C C   . TYR A 1 41  ? 10.414  17.188  -13.940 1.00 17.45 ? 177 TYR A C   1 
ATOM   240  O O   . TYR A 1 41  ? 11.109  17.816  -14.777 1.00 16.72 ? 177 TYR A O   1 
ATOM   241  C CB  . TYR A 1 41  ? 11.417  15.372  -12.442 1.00 14.48 ? 177 TYR A CB  1 
ATOM   242  C CG  . TYR A 1 41  ? 12.242  14.858  -13.571 1.00 16.34 ? 177 TYR A CG  1 
ATOM   243  C CD1 . TYR A 1 41  ? 13.612  15.154  -13.643 1.00 20.63 ? 177 TYR A CD1 1 
ATOM   244  C CD2 . TYR A 1 41  ? 11.685  14.021  -14.533 1.00 18.17 ? 177 TYR A CD2 1 
ATOM   245  C CE1 . TYR A 1 41  ? 14.433  14.604  -14.691 1.00 19.90 ? 177 TYR A CE1 1 
ATOM   246  C CE2 . TYR A 1 41  ? 12.480  13.481  -15.574 1.00 20.25 ? 177 TYR A CE2 1 
ATOM   247  C CZ  . TYR A 1 41  ? 13.831  13.779  -15.624 1.00 20.05 ? 177 TYR A CZ  1 
ATOM   248  O OH  . TYR A 1 41  ? 14.573  13.252  -16.646 1.00 27.60 ? 177 TYR A OH  1 
ATOM   249  N N   . GLU A 1 42  ? 9.160   16.806  -14.196 1.00 16.02 ? 178 GLU A N   1 
ATOM   250  C CA  . GLU A 1 42  ? 8.527   17.183  -15.433 1.00 17.56 ? 178 GLU A CA  1 
ATOM   251  C C   . GLU A 1 42  ? 7.042   17.440  -15.130 1.00 17.13 ? 178 GLU A C   1 
ATOM   252  O O   . GLU A 1 42  ? 6.428   16.600  -14.487 1.00 16.58 ? 178 GLU A O   1 
ATOM   253  C CB  . GLU A 1 42  ? 8.701   16.053  -16.448 1.00 18.36 ? 178 GLU A CB  1 
ATOM   254  C CG  . GLU A 1 42  ? 8.096   16.334  -17.818 1.00 22.91 ? 178 GLU A CG  1 
ATOM   255  C CD  . GLU A 1 42  ? 8.016   15.077  -18.692 1.00 29.36 ? 178 GLU A CD  1 
ATOM   256  O OE1 . GLU A 1 42  ? 8.841   14.152  -18.522 1.00 34.62 ? 178 GLU A OE1 1 
ATOM   257  O OE2 . GLU A 1 42  ? 7.113   14.986  -19.539 1.00 31.87 ? 178 GLU A OE2 1 
ATOM   258  N N   . PRO A 1 43  ? 6.485   18.588  -15.580 1.00 17.19 ? 179 PRO A N   1 
ATOM   259  C CA  . PRO A 1 43  ? 5.074   18.911  -15.476 1.00 17.67 ? 179 PRO A CA  1 
ATOM   260  C C   . PRO A 1 43  ? 4.202   17.857  -16.207 1.00 17.55 ? 179 PRO A C   1 
ATOM   261  O O   . PRO A 1 43  ? 4.721   17.177  -17.092 1.00 16.51 ? 179 PRO A O   1 
ATOM   262  C CB  . PRO A 1 43  ? 4.948   20.232  -16.278 1.00 18.12 ? 179 PRO A CB  1 
ATOM   263  C CG  . PRO A 1 43  ? 6.330   20.777  -16.378 1.00 18.09 ? 179 PRO A CG  1 
ATOM   264  C CD  . PRO A 1 43  ? 7.247   19.600  -16.354 1.00 18.36 ? 179 PRO A CD  1 
ATOM   265  N N   . PRO A 1 44  ? 2.905   17.759  -15.849 1.00 16.45 ? 180 PRO A N   1 
ATOM   266  C CA  . PRO A 1 44  ? 1.966   16.933  -16.628 1.00 17.85 ? 180 PRO A CA  1 
ATOM   267  C C   . PRO A 1 44  ? 1.924   17.355  -18.093 1.00 19.11 ? 180 PRO A C   1 
ATOM   268  O O   . PRO A 1 44  ? 2.104   18.541  -18.438 1.00 18.20 ? 180 PRO A O   1 
ATOM   269  C CB  . PRO A 1 44  ? 0.592   17.238  -16.046 1.00 17.52 ? 180 PRO A CB  1 
ATOM   270  C CG  . PRO A 1 44  ? 0.802   17.957  -14.723 1.00 17.72 ? 180 PRO A CG  1 
ATOM   271  C CD  . PRO A 1 44  ? 2.268   18.436  -14.694 1.00 17.19 ? 180 PRO A CD  1 
ATOM   272  N N   . THR A 1 45  ? 1.703   16.371  -18.933 1.00 18.62 ? 181 THR A N   1 
ATOM   273  C CA  . THR A 1 45  ? 1.450   16.567  -20.348 1.00 21.01 ? 181 THR A CA  1 
ATOM   274  C C   . THR A 1 45  ? 0.003   16.136  -20.645 1.00 22.18 ? 181 THR A C   1 
ATOM   275  O O   . THR A 1 45  ? -0.665  15.565  -19.792 1.00 21.62 ? 181 THR A O   1 
ATOM   276  C CB  . THR A 1 45  ? 2.397   15.663  -21.133 1.00 21.78 ? 181 THR A CB  1 
ATOM   277  O OG1 . THR A 1 45  ? 2.036   14.306  -20.869 1.00 22.83 ? 181 THR A OG1 1 
ATOM   278  C CG2 . THR A 1 45  ? 3.853   15.898  -20.680 1.00 20.06 ? 181 THR A CG2 1 
ATOM   279  N N   . LYS A 1 46  ? -0.480  16.390  -21.867 1.00 24.73 ? 182 LYS A N   1 
ATOM   280  C CA  . LYS A 1 46  ? -1.835  15.923  -22.242 1.00 26.17 ? 182 LYS A CA  1 
ATOM   281  C C   . LYS A 1 46  ? -2.075  14.416  -22.141 1.00 24.55 ? 182 LYS A C   1 
ATOM   282  O O   . LYS A 1 46  ? -3.170  13.959  -21.771 1.00 26.52 ? 182 LYS A O   1 
ATOM   283  C CB  . LYS A 1 46  ? -2.168  16.430  -23.648 1.00 27.75 ? 182 LYS A CB  1 
ATOM   284  C CG  . LYS A 1 46  ? -2.544  17.929  -23.714 1.00 31.78 ? 182 LYS A CG  1 
ATOM   285  C CD  . LYS A 1 46  ? -2.638  18.367  -25.183 1.00 36.26 ? 182 LYS A CD  1 
ATOM   286  C CE  . LYS A 1 46  ? -3.121  17.244  -26.102 1.00 38.69 ? 182 LYS A CE  1 
ATOM   287  N NZ  . LYS A 1 46  ? -4.584  16.942  -26.041 1.00 38.20 ? 182 LYS A NZ  1 
ATOM   288  N N   . ASN A 1 47  ? -1.070  13.631  -22.504 1.00 23.01 ? 183 ASN A N   1 
ATOM   289  C CA  . ASN A 1 47  ? -1.154  12.172  -22.402 1.00 21.40 ? 183 ASN A CA  1 
ATOM   290  C C   . ASN A 1 47  ? -0.752  11.598  -21.029 1.00 20.55 ? 183 ASN A C   1 
ATOM   291  O O   . ASN A 1 47  ? -1.105  10.467  -20.677 1.00 18.03 ? 183 ASN A O   1 
ATOM   292  C CB  . ASN A 1 47  ? -0.297  11.547  -23.496 1.00 20.54 ? 183 ASN A CB  1 
ATOM   293  C CG  . ASN A 1 47  ? -1.029  11.481  -24.836 1.00 24.50 ? 183 ASN A CG  1 
ATOM   294  O OD1 . ASN A 1 47  ? -0.414  11.285  -25.887 1.00 24.90 ? 183 ASN A OD1 1 
ATOM   295  N ND2 . ASN A 1 47  ? -2.357  11.601  -24.797 1.00 26.84 ? 183 ASN A ND2 1 
ATOM   296  N N   . ARG A 1 48  ? -0.015  12.388  -20.271 1.00 17.84 ? 184 ARG A N   1 
ATOM   297  C CA  . ARG A 1 48  ? 0.365   11.985  -18.910 1.00 20.20 ? 184 ARG A CA  1 
ATOM   298  C C   . ARG A 1 48  ? -0.046  13.068  -17.902 1.00 19.50 ? 184 ARG A C   1 
ATOM   299  O O   . ARG A 1 48  ? 0.706   14.009  -17.652 1.00 21.50 ? 184 ARG A O   1 
ATOM   300  C CB  . ARG A 1 48  ? 1.860   11.645  -18.767 1.00 19.86 ? 184 ARG A CB  1 
ATOM   301  C CG  . ARG A 1 48  ? 2.183   10.813  -17.501 1.00 20.52 ? 184 ARG A CG  1 
ATOM   302  C CD  . ARG A 1 48  ? 3.341   11.335  -16.572 1.00 23.56 ? 184 ARG A CD  1 
ATOM   303  N NE  . ARG A 1 48  ? 4.442   11.752  -17.333 1.00 29.87 ? 184 ARG A NE  1 
ATOM   304  C CZ  . ARG A 1 48  ? 4.951   12.967  -17.441 1.00 22.82 ? 184 ARG A CZ  1 
ATOM   305  N NH1 . ARG A 1 48  ? 4.628   14.056  -16.718 1.00 20.82 ? 184 ARG A NH1 1 
ATOM   306  N NH2 . ARG A 1 48  ? 5.901   13.034  -18.300 1.00 23.28 ? 184 ARG A NH2 1 
ATOM   307  N N   . PRO A 1 49  ? -1.256  12.945  -17.343 1.00 20.51 ? 185 PRO A N   1 
ATOM   308  C CA  . PRO A 1 49  ? -1.871  14.069  -16.641 1.00 20.77 ? 185 PRO A CA  1 
ATOM   309  C C   . PRO A 1 49  ? -1.335  14.228  -15.212 1.00 20.08 ? 185 PRO A C   1 
ATOM   310  O O   . PRO A 1 49  ? -1.999  14.825  -14.401 1.00 21.79 ? 185 PRO A O   1 
ATOM   311  C CB  . PRO A 1 49  ? -3.398  13.738  -16.685 1.00 22.38 ? 185 PRO A CB  1 
ATOM   312  C CG  . PRO A 1 49  ? -3.449  12.251  -16.861 1.00 22.16 ? 185 PRO A CG  1 
ATOM   313  C CD  . PRO A 1 49  ? -2.239  11.900  -17.705 1.00 20.98 ? 185 PRO A CD  1 
ATOM   314  N N   . TRP A 1 50  ? -0.143  13.710  -14.936 1.00 18.30 ? 186 TRP A N   1 
ATOM   315  C CA  . TRP A 1 50  ? 0.452   13.816  -13.572 1.00 16.10 ? 186 TRP A CA  1 
ATOM   316  C C   . TRP A 1 50  ? 1.915   14.256  -13.714 1.00 15.84 ? 186 TRP A C   1 
ATOM   317  O O   . TRP A 1 50  ? 2.536   13.920  -14.699 1.00 16.14 ? 186 TRP A O   1 
ATOM   318  C CB  . TRP A 1 50  ? 0.336   12.483  -12.792 1.00 15.82 ? 186 TRP A CB  1 
ATOM   319  C CG  . TRP A 1 50  ? 0.882   11.268  -13.481 1.00 15.01 ? 186 TRP A CG  1 
ATOM   320  C CD1 . TRP A 1 50  ? 2.155   10.831  -13.457 1.00 16.23 ? 186 TRP A CD1 1 
ATOM   321  C CD2 . TRP A 1 50  ? 0.145   10.335  -14.263 1.00 19.63 ? 186 TRP A CD2 1 
ATOM   322  N NE1 . TRP A 1 50  ? 2.281   9.699   -14.184 1.00 17.88 ? 186 TRP A NE1 1 
ATOM   323  C CE2 . TRP A 1 50  ? 1.058   9.360   -14.697 1.00 20.58 ? 186 TRP A CE2 1 
ATOM   324  C CE3 . TRP A 1 50  ? -1.212  10.225  -14.635 1.00 21.40 ? 186 TRP A CE3 1 
ATOM   325  C CZ2 . TRP A 1 50  ? 0.677   8.273   -15.504 1.00 22.79 ? 186 TRP A CZ2 1 
ATOM   326  C CZ3 . TRP A 1 50  ? -1.592  9.163   -15.474 1.00 19.87 ? 186 TRP A CZ3 1 
ATOM   327  C CH2 . TRP A 1 50  ? -0.648  8.208   -15.894 1.00 20.90 ? 186 TRP A CH2 1 
ATOM   328  N N   . PRO A 1 51  ? 2.467   14.975  -12.706 1.00 15.78 ? 187 PRO A N   1 
ATOM   329  C CA  . PRO A 1 51  ? 3.856   15.336  -12.862 1.00 15.58 ? 187 PRO A CA  1 
ATOM   330  C C   . PRO A 1 51  ? 4.743   14.125  -12.692 1.00 14.58 ? 187 PRO A C   1 
ATOM   331  O O   . PRO A 1 51  ? 4.313   13.076  -12.172 1.00 13.26 ? 187 PRO A O   1 
ATOM   332  C CB  . PRO A 1 51  ? 4.119   16.295  -11.701 1.00 16.29 ? 187 PRO A CB  1 
ATOM   333  C CG  . PRO A 1 51  ? 2.806   16.537  -10.971 1.00 18.50 ? 187 PRO A CG  1 
ATOM   334  C CD  . PRO A 1 51  ? 1.849   15.476  -11.456 1.00 15.74 ? 187 PRO A CD  1 
ATOM   335  N N   . ILE A 1 52  ? 6.014   14.273  -12.996 1.00 12.29 ? 188 ILE A N   1 
ATOM   336  C CA  . ILE A 1 52  ? 7.003   13.317  -12.462 1.00 13.49 ? 188 ILE A CA  1 
ATOM   337  C C   . ILE A 1 52  ? 7.794   14.122  -11.469 1.00 13.48 ? 188 ILE A C   1 
ATOM   338  O O   . ILE A 1 52  ? 8.248   15.252  -11.774 1.00 16.27 ? 188 ILE A O   1 
ATOM   339  C CB  . ILE A 1 52  ? 7.913   12.667  -13.552 1.00 13.37 ? 188 ILE A CB  1 
ATOM   340  C CG1 . ILE A 1 52  ? 7.031   11.904  -14.548 1.00 13.99 ? 188 ILE A CG1 1 
ATOM   341  C CG2 . ILE A 1 52  ? 8.960   11.768  -12.925 1.00 17.80 ? 188 ILE A CG2 1 
ATOM   342  C CD1 . ILE A 1 52  ? 7.757   11.264  -15.716 1.00 16.67 ? 188 ILE A CD1 1 
ATOM   343  N N   . TYR A 1 53  ? 7.999   13.526  -10.316 1.00 11.01 ? 189 TYR A N   1 
ATOM   344  C CA  . TYR A 1 53  ? 8.793   14.147  -9.257  1.00 12.93 ? 189 TYR A CA  1 
ATOM   345  C C   . TYR A 1 53  ? 10.215  13.586  -9.227  1.00 12.35 ? 189 TYR A C   1 
ATOM   346  O O   . TYR A 1 53  ? 10.538  12.487  -9.729  1.00 13.91 ? 189 TYR A O   1 
ATOM   347  C CB  . TYR A 1 53  ? 8.138   13.912  -7.887  1.00 11.82 ? 189 TYR A CB  1 
ATOM   348  C CG  . TYR A 1 53  ? 6.779   14.569  -7.768  1.00 14.79 ? 189 TYR A CG  1 
ATOM   349  C CD1 . TYR A 1 53  ? 6.644   15.819  -7.190  1.00 13.76 ? 189 TYR A CD1 1 
ATOM   350  C CD2 . TYR A 1 53  ? 5.609   13.904  -8.209  1.00 16.99 ? 189 TYR A CD2 1 
ATOM   351  C CE1 . TYR A 1 53  ? 5.382   16.448  -7.084  1.00 14.70 ? 189 TYR A CE1 1 
ATOM   352  C CE2 . TYR A 1 53  ? 4.358   14.506  -8.102  1.00 14.91 ? 189 TYR A CE2 1 
ATOM   353  C CZ  . TYR A 1 53  ? 4.259   15.781  -7.528  1.00 16.87 ? 189 TYR A CZ  1 
ATOM   354  O OH  . TYR A 1 53  ? 3.026   16.402  -7.418  1.00 15.25 ? 189 TYR A OH  1 
ATOM   355  N N   . ASN A 1 54  ? 11.071  14.373  -8.614  1.00 12.03 ? 190 ASN A N   1 
ATOM   356  C CA  . ASN A 1 54  ? 12.370  13.895  -8.229  1.00 11.81 ? 190 ASN A CA  1 
ATOM   357  C C   . ASN A 1 54  ? 12.203  13.255  -6.869  1.00 10.15 ? 190 ASN A C   1 
ATOM   358  O O   . ASN A 1 54  ? 11.749  13.919  -5.918  1.00 12.88 ? 190 ASN A O   1 
ATOM   359  C CB  . ASN A 1 54  ? 13.301  15.096  -8.110  1.00 11.22 ? 190 ASN A CB  1 
ATOM   360  C CG  . ASN A 1 54  ? 13.845  15.580  -9.465  1.00 14.92 ? 190 ASN A CG  1 
ATOM   361  O OD1 . ASN A 1 54  ? 14.210  14.793  -10.331 1.00 25.47 ? 190 ASN A OD1 1 
ATOM   362  N ND2 . ASN A 1 54  ? 13.945  16.876  -9.618  1.00 22.27 ? 190 ASN A ND2 1 
ATOM   363  N N   . ALA A 1 55  ? 12.571  11.977  -6.744  1.00 10.49 ? 191 ALA A N   1 
ATOM   364  C CA  . ALA A 1 55  ? 12.546  11.298  -5.466  1.00 12.10 ? 191 ALA A CA  1 
ATOM   365  C C   . ALA A 1 55  ? 13.731  11.584  -4.589  1.00 13.65 ? 191 ALA A C   1 
ATOM   366  O O   . ALA A 1 55  ? 14.858  11.374  -5.033  1.00 12.45 ? 191 ALA A O   1 
ATOM   367  C CB  . ALA A 1 55  ? 12.337  9.729   -5.662  1.00 12.60 ? 191 ALA A CB  1 
ATOM   368  N N   . VAL A 1 56  ? 13.490  12.064  -3.361  1.00 12.14 ? 192 VAL A N   1 
ATOM   369  C CA  . VAL A 1 56  ? 14.576  12.297  -2.397  1.00 13.43 ? 192 VAL A CA  1 
ATOM   370  C C   . VAL A 1 56  ? 14.531  11.293  -1.238  1.00 12.96 ? 192 VAL A C   1 
ATOM   371  O O   . VAL A 1 56  ? 13.504  11.171  -0.578  1.00 12.53 ? 192 VAL A O   1 
ATOM   372  C CB  . VAL A 1 56  ? 14.566  13.777  -1.895  1.00 14.97 ? 192 VAL A CB  1 
ATOM   373  C CG1 . VAL A 1 56  ? 15.599  14.015  -0.730  1.00 13.80 ? 192 VAL A CG1 1 
ATOM   374  C CG2 . VAL A 1 56  ? 14.771  14.763  -3.137  1.00 14.10 ? 192 VAL A CG2 1 
ATOM   375  N N   . GLU A 1 57  ? 15.628  10.569  -0.993  1.00 12.15 ? 193 GLU A N   1 
ATOM   376  C CA  . GLU A 1 57  ? 15.625  9.522   0.103   1.00 12.19 ? 193 GLU A CA  1 
ATOM   377  C C   . GLU A 1 57  ? 15.534  10.110  1.533   1.00 13.05 ? 193 GLU A C   1 
ATOM   378  O O   . GLU A 1 57  ? 16.140  11.148  1.852   1.00 13.06 ? 193 GLU A O   1 
ATOM   379  C CB  . GLU A 1 57  ? 16.827  8.583   -0.131  1.00 13.02 ? 193 GLU A CB  1 
ATOM   380  C CG  . GLU A 1 57  ? 16.756  7.245   0.539   1.00 14.86 ? 193 GLU A CG  1 
ATOM   381  C CD  . GLU A 1 57  ? 18.123  6.462   0.342   1.00 19.14 ? 193 GLU A CD  1 
ATOM   382  O OE1 . GLU A 1 57  ? 18.954  6.867   -0.514  1.00 22.06 ? 193 GLU A OE1 1 
ATOM   383  O OE2 . GLU A 1 57  ? 18.309  5.476   1.035   1.00 19.66 ? 193 GLU A OE2 1 
ATOM   384  N N   . LEU A 1 58  ? 14.714  9.484   2.369   1.00 10.77 ? 194 LEU A N   1 
ATOM   385  C CA  . LEU A 1 58  ? 14.610  9.803   3.784   1.00 10.62 ? 194 LEU A CA  1 
ATOM   386  C C   . LEU A 1 58  ? 15.274  8.736   4.647   1.00 10.22 ? 194 LEU A C   1 
ATOM   387  O O   . LEU A 1 58  ? 15.459  7.555   4.206   1.00 14.08 ? 194 LEU A O   1 
ATOM   388  C CB  . LEU A 1 58  ? 13.093  9.882   4.162   1.00 9.48  ? 194 LEU A CB  1 
ATOM   389  C CG  . LEU A 1 58  ? 12.367  10.884  3.271   1.00 11.05 ? 194 LEU A CG  1 
ATOM   390  C CD1 . LEU A 1 58  ? 10.897  10.586  3.540   1.00 15.73 ? 194 LEU A CD1 1 
ATOM   391  C CD2 . LEU A 1 58  ? 12.726  12.277  3.754   1.00 14.63 ? 194 LEU A CD2 1 
ATOM   392  N N   . GLN A 1 59  ? 15.635  9.094   5.882   1.00 11.46 ? 195 GLN A N   1 
ATOM   393  C CA  . GLN A 1 59  ? 16.132  8.087   6.757   1.00 9.48  ? 195 GLN A CA  1 
ATOM   394  C C   . GLN A 1 59  ? 14.929  7.155   7.125   1.00 10.17 ? 195 GLN A C   1 
ATOM   395  O O   . GLN A 1 59  ? 13.797  7.558   7.029   1.00 10.07 ? 195 GLN A O   1 
ATOM   396  C CB  . GLN A 1 59  ? 16.704  8.744   8.055   1.00 9.63  ? 195 GLN A CB  1 
ATOM   397  C CG  . GLN A 1 59  ? 18.024  9.549   7.810   1.00 12.29 ? 195 GLN A CG  1 
ATOM   398  C CD  . GLN A 1 59  ? 19.235  8.598   7.640   1.00 14.97 ? 195 GLN A CD  1 
ATOM   399  O OE1 . GLN A 1 59  ? 19.381  7.633   8.397   1.00 16.80 ? 195 GLN A OE1 1 
ATOM   400  N NE2 . GLN A 1 59  ? 20.055  8.868   6.662   1.00 13.02 ? 195 GLN A NE2 1 
ATOM   401  N N   . PRO A 1 60  ? 15.195  5.902   7.483   1.00 11.82 ? 196 PRO A N   1 
ATOM   402  C CA  . PRO A 1 60  ? 14.122  4.968   7.845   1.00 11.87 ? 196 PRO A CA  1 
ATOM   403  C C   . PRO A 1 60  ? 13.173  5.447   8.953   1.00 11.63 ? 196 PRO A C   1 
ATOM   404  O O   . PRO A 1 60  ? 13.567  6.195   9.899   1.00 10.79 ? 196 PRO A O   1 
ATOM   405  C CB  . PRO A 1 60  ? 14.879  3.704   8.277   1.00 13.51 ? 196 PRO A CB  1 
ATOM   406  C CG  . PRO A 1 60  ? 16.200  3.830   7.582   1.00 13.02 ? 196 PRO A CG  1 
ATOM   407  C CD  . PRO A 1 60  ? 16.538  5.289   7.506   1.00 12.31 ? 196 PRO A CD  1 
ATOM   408  N N   . ARG A 1 61  ? 11.939  4.948   8.909   1.00 10.91 ? 197 ARG A N   1 
ATOM   409  C CA  . ARG A 1 61  ? 10.908  5.375   9.885   1.00 10.49 ? 197 ARG A CA  1 
ATOM   410  C C   . ARG A 1 61  ? 10.167  4.131   10.346  1.00 12.33 ? 197 ARG A C   1 
ATOM   411  O O   . ARG A 1 61  ? 10.137  3.148   9.611   1.00 14.08 ? 197 ARG A O   1 
ATOM   412  C CB  . ARG A 1 61  ? 9.902   6.333   9.205   1.00 12.52 ? 197 ARG A CB  1 
ATOM   413  C CG  . ARG A 1 61  ? 10.440  7.784   9.079   1.00 14.80 ? 197 ARG A CG  1 
ATOM   414  C CD  . ARG A 1 61  ? 9.678   8.656   8.131   1.00 12.88 ? 197 ARG A CD  1 
ATOM   415  N NE  . ARG A 1 61  ? 10.365  9.949   8.012   1.00 12.77 ? 197 ARG A NE  1 
ATOM   416  C CZ  . ARG A 1 61  ? 9.756   11.121  7.766   1.00 12.65 ? 197 ARG A CZ  1 
ATOM   417  N NH1 . ARG A 1 61  ? 8.415   11.177  7.584   1.00 12.67 ? 197 ARG A NH1 1 
ATOM   418  N NH2 . ARG A 1 61  ? 10.485  12.259  7.738   1.00 15.54 ? 197 ARG A NH2 1 
ATOM   419  N N   . GLU A 1 62  ? 9.496   4.219   11.494  1.00 12.88 ? 198 GLU A N   1 
ATOM   420  C CA  . GLU A 1 62  ? 8.668   3.109   12.053  1.00 13.94 ? 198 GLU A CA  1 
ATOM   421  C C   . GLU A 1 62  ? 7.141   3.353   11.955  1.00 12.74 ? 198 GLU A C   1 
ATOM   422  O O   . GLU A 1 62  ? 6.666   4.423   12.294  1.00 12.83 ? 198 GLU A O   1 
ATOM   423  C CB  . GLU A 1 62  ? 9.009   2.946   13.533  1.00 15.46 ? 198 GLU A CB  1 
ATOM   424  C CG  . GLU A 1 62  ? 10.369  2.363   13.764  1.00 19.28 ? 198 GLU A CG  1 
ATOM   425  C CD  . GLU A 1 62  ? 10.736  2.402   15.292  1.00 30.25 ? 198 GLU A CD  1 
ATOM   426  O OE1 . GLU A 1 62  ? 10.341  3.379   16.008  1.00 30.67 ? 198 GLU A OE1 1 
ATOM   427  O OE2 . GLU A 1 62  ? 11.428  1.449   15.761  1.00 33.24 ? 198 GLU A OE2 1 
ATOM   428  N N   . PHE A 1 63  ? 6.386   2.333   11.506  1.00 13.95 ? 199 PHE A N   1 
ATOM   429  C CA  . PHE A 1 63  ? 4.936   2.239   11.739  1.00 14.95 ? 199 PHE A CA  1 
ATOM   430  C C   . PHE A 1 63  ? 4.640   1.893   13.210  1.00 15.25 ? 199 PHE A C   1 
ATOM   431  O O   . PHE A 1 63  ? 5.463   1.281   13.918  1.00 16.50 ? 199 PHE A O   1 
ATOM   432  C CB  . PHE A 1 63  ? 4.326   1.120   10.876  1.00 13.16 ? 199 PHE A CB  1 
ATOM   433  C CG  . PHE A 1 63  ? 4.646   1.247   9.411   1.00 14.30 ? 199 PHE A CG  1 
ATOM   434  C CD1 . PHE A 1 63  ? 4.006   2.225   8.614   1.00 14.87 ? 199 PHE A CD1 1 
ATOM   435  C CD2 . PHE A 1 63  ? 5.527   0.381   8.789   1.00 12.42 ? 199 PHE A CD2 1 
ATOM   436  C CE1 . PHE A 1 63  ? 4.238   2.301   7.210   1.00 10.67 ? 199 PHE A CE1 1 
ATOM   437  C CE2 . PHE A 1 63  ? 5.783   0.454   7.426   1.00 12.21 ? 199 PHE A CE2 1 
ATOM   438  C CZ  . PHE A 1 63  ? 5.181   1.390   6.615   1.00 9.83  ? 199 PHE A CZ  1 
ATOM   439  N N   . ASP A 1 64  ? 3.463   2.333   13.681  1.00 15.19 ? 200 ASP A N   1 
ATOM   440  C CA  . ASP A 1 64  ? 3.070   2.115   15.069  1.00 17.00 ? 200 ASP A CA  1 
ATOM   441  C C   . ASP A 1 64  ? 2.218   0.847   15.129  1.00 16.08 ? 200 ASP A C   1 
ATOM   442  O O   . ASP A 1 64  ? 1.101   0.862   15.661  1.00 16.42 ? 200 ASP A O   1 
ATOM   443  C CB  . ASP A 1 64  ? 2.253   3.309   15.547  1.00 18.25 ? 200 ASP A CB  1 
ATOM   444  C CG  . ASP A 1 64  ? 3.089   4.576   15.687  1.00 25.28 ? 200 ASP A CG  1 
ATOM   445  O OD1 . ASP A 1 64  ? 4.298   4.475   16.029  1.00 36.30 ? 200 ASP A OD1 1 
ATOM   446  O OD2 . ASP A 1 64  ? 2.513   5.679   15.528  1.00 33.51 ? 200 ASP A OD2 1 
ATOM   447  N N   . VAL A 1 65  ? 2.708   -0.207  14.498  1.00 15.47 ? 201 VAL A N   1 
ATOM   448  C CA  . VAL A 1 65  ? 2.174   -1.577  14.735  1.00 14.84 ? 201 VAL A CA  1 
ATOM   449  C C   . VAL A 1 65  ? 3.372   -2.479  14.843  1.00 15.87 ? 201 VAL A C   1 
ATOM   450  O O   . VAL A 1 65  ? 4.427   -2.123  14.221  1.00 15.04 ? 201 VAL A O   1 
ATOM   451  C CB  . VAL A 1 65  ? 1.286   -2.123  13.568  1.00 16.19 ? 201 VAL A CB  1 
ATOM   452  C CG1 . VAL A 1 65  ? -0.006  -1.467  13.553  1.00 15.94 ? 201 VAL A CG1 1 
ATOM   453  C CG2 . VAL A 1 65  ? 1.989   -2.030  12.166  1.00 13.79 ? 201 VAL A CG2 1 
ATOM   454  N N   . ALA A 1 66  ? 3.242   -3.615  15.575  1.00 14.16 ? 202 ALA A N   1 
ATOM   455  C CA  . ALA A 1 66  ? 4.258   -4.702  15.542  1.00 14.78 ? 202 ALA A CA  1 
ATOM   456  C C   . ALA A 1 66  ? 4.004   -5.527  14.290  1.00 14.37 ? 202 ALA A C   1 
ATOM   457  O O   . ALA A 1 66  ? 2.855   -5.678  13.850  1.00 12.83 ? 202 ALA A O   1 
ATOM   458  C CB  . ALA A 1 66  ? 4.221   -5.637  16.781  1.00 12.93 ? 202 ALA A CB  1 
ATOM   459  N N   . LEU A 1 67  ? 5.067   -6.093  13.713  1.00 13.50 ? 203 LEU A N   1 
ATOM   460  C CA  . LEU A 1 67  ? 4.815   -7.027  12.617  1.00 11.72 ? 203 LEU A CA  1 
ATOM   461  C C   . LEU A 1 67  ? 3.793   -8.059  13.031  1.00 12.88 ? 203 LEU A C   1 
ATOM   462  O O   . LEU A 1 67  ? 2.872   -8.340  12.230  1.00 14.50 ? 203 LEU A O   1 
ATOM   463  C CB  . LEU A 1 67  ? 6.087   -7.758  12.207  1.00 11.81 ? 203 LEU A CB  1 
ATOM   464  C CG  . LEU A 1 67  ? 5.946   -8.796  11.102  1.00 15.36 ? 203 LEU A CG  1 
ATOM   465  C CD1 . LEU A 1 67  ? 5.510   -8.158  9.779   1.00 11.17 ? 203 LEU A CD1 1 
ATOM   466  C CD2 . LEU A 1 67  ? 7.366   -9.357  10.967  1.00 17.85 ? 203 LEU A CD2 1 
ATOM   467  N N   . LYS A 1 68  ? 3.928   -8.629  14.224  1.00 13.46 ? 204 LYS A N   1 
ATOM   468  C CA  . LYS A 1 68  ? 2.993   -9.741  14.554  1.00 15.77 ? 204 LYS A CA  1 
ATOM   469  C C   . LYS A 1 68  ? 1.533   -9.247  14.549  1.00 16.54 ? 204 LYS A C   1 
ATOM   470  O O   . LYS A 1 68  ? 0.624   -10.076 14.372  1.00 14.92 ? 204 LYS A O   1 
ATOM   471  C CB  . LYS A 1 68  ? 3.319   -10.448 15.866  1.00 18.09 ? 204 LYS A CB  1 
ATOM   472  C CG  . LYS A 1 68  ? 3.065   -9.660  17.179  1.00 23.35 ? 204 LYS A CG  1 
ATOM   473  C CD  . LYS A 1 68  ? 3.019   -10.545 18.399  1.00 31.58 ? 204 LYS A CD  1 
ATOM   474  C CE  . LYS A 1 68  ? 2.066   -9.945  19.431  1.00 34.89 ? 204 LYS A CE  1 
ATOM   475  N NZ  . LYS A 1 68  ? 2.680   -8.772  20.136  1.00 39.96 ? 204 LYS A NZ  1 
ATOM   476  N N   . ASP A 1 69  ? 1.290   -7.936  14.703  1.00 14.61 ? 205 ASP A N   1 
ATOM   477  C CA  . ASP A 1 69  ? -0.120  -7.464  14.696  1.00 14.72 ? 205 ASP A CA  1 
ATOM   478  C C   . ASP A 1 69  ? -0.856  -7.739  13.385  1.00 14.85 ? 205 ASP A C   1 
ATOM   479  O O   . ASP A 1 69  ? -2.102  -7.876  13.367  1.00 15.61 ? 205 ASP A O   1 
ATOM   480  C CB  . ASP A 1 69  ? -0.217  -5.942  14.936  1.00 14.85 ? 205 ASP A CB  1 
ATOM   481  C CG  . ASP A 1 69  ? 0.265   -5.553  16.314  1.00 17.38 ? 205 ASP A CG  1 
ATOM   482  O OD1 . ASP A 1 69  ? 0.168   -6.462  17.187  1.00 16.00 ? 205 ASP A OD1 1 
ATOM   483  O OD2 . ASP A 1 69  ? 0.799   -4.431  16.512  1.00 14.93 ? 205 ASP A OD2 1 
ATOM   484  N N   . LEU A 1 70  ? -0.078  -7.805  12.302  1.00 12.79 ? 206 LEU A N   1 
ATOM   485  C CA  . LEU A 1 70  ? -0.636  -7.949  10.960  1.00 11.51 ? 206 LEU A CA  1 
ATOM   486  C C   . LEU A 1 70  ? -0.655  -9.368  10.460  1.00 11.43 ? 206 LEU A C   1 
ATOM   487  O O   . LEU A 1 70  ? -1.125  -9.588  9.323   1.00 10.54 ? 206 LEU A O   1 
ATOM   488  C CB  . LEU A 1 70  ? 0.169   -7.093  9.978   1.00 11.78 ? 206 LEU A CB  1 
ATOM   489  C CG  . LEU A 1 70  ? 0.479   -5.669  10.437  1.00 15.58 ? 206 LEU A CG  1 
ATOM   490  C CD1 . LEU A 1 70  ? 1.394   -4.954  9.453   1.00 13.68 ? 206 LEU A CD1 1 
ATOM   491  C CD2 . LEU A 1 70  ? -0.784  -4.782  10.655  1.00 10.69 ? 206 LEU A CD2 1 
ATOM   492  N N   . LEU A 1 71  ? -0.079  -10.292 11.260  1.00 10.68 ? 207 LEU A N   1 
ATOM   493  C CA  . LEU A 1 71  ? 0.095   -11.685 10.883  1.00 11.64 ? 207 LEU A CA  1 
ATOM   494  C C   . LEU A 1 71  ? -0.897  -12.602 11.639  1.00 12.37 ? 207 LEU A C   1 
ATOM   495  O O   . LEU A 1 71  ? -1.454  -12.219 12.661  1.00 14.32 ? 207 LEU A O   1 
ATOM   496  C CB  . LEU A 1 71  ? 1.484   -12.193 11.145  1.00 11.51 ? 207 LEU A CB  1 
ATOM   497  C CG  . LEU A 1 71  ? 2.568   -11.426 10.324  1.00 9.17  ? 207 LEU A CG  1 
ATOM   498  C CD1 . LEU A 1 71  ? 3.911   -12.078 10.654  1.00 15.89 ? 207 LEU A CD1 1 
ATOM   499  C CD2 . LEU A 1 71  ? 2.362   -11.316 8.798   1.00 10.42 ? 207 LEU A CD2 1 
ATOM   500  N N   . GLY A 1 72  ? -1.225  -13.734 11.045  1.00 13.41 ? 208 GLY A N   1 
ATOM   501  C CA  . GLY A 1 72  ? -2.113  -14.655 11.740  1.00 14.03 ? 208 GLY A CA  1 
ATOM   502  C C   . GLY A 1 72  ? -2.249  -15.869 10.896  1.00 15.54 ? 208 GLY A C   1 
ATOM   503  O O   . GLY A 1 72  ? -1.292  -16.242 10.186  1.00 14.18 ? 208 GLY A O   1 
ATOM   504  N N   . ASN A 1 73  ? -3.424  -16.504 10.977  1.00 13.78 ? 209 ASN A N   1 
ATOM   505  C CA  . ASN A 1 73  ? -3.624  -17.725 10.204  1.00 16.04 ? 209 ASN A CA  1 
ATOM   506  C C   . ASN A 1 73  ? -4.616  -17.727 9.024   1.00 17.13 ? 209 ASN A C   1 
ATOM   507  O O   . ASN A 1 73  ? -5.044  -18.808 8.525   1.00 16.59 ? 209 ASN A O   1 
ATOM   508  C CB  . ASN A 1 73  ? -3.908  -18.918 11.176  1.00 12.83 ? 209 ASN A CB  1 
ATOM   509  C CG  . ASN A 1 73  ? -5.237  -18.767 11.893  1.00 17.85 ? 209 ASN A CG  1 
ATOM   510  O OD1 . ASN A 1 73  ? -6.001  -17.858 11.598  1.00 16.40 ? 209 ASN A OD1 1 
ATOM   511  N ND2 . ASN A 1 73  ? -5.513  -19.637 12.827  1.00 21.34 ? 209 ASN A ND2 1 
ATOM   512  N N   . THR A 1 74  ? -4.986  -16.542 8.552   1.00 14.87 ? 210 THR A N   1 
ATOM   513  C CA  . THR A 1 74  ? -5.897  -16.457 7.426   1.00 16.92 ? 210 THR A CA  1 
ATOM   514  C C   . THR A 1 74  ? -5.138  -16.257 6.080   1.00 16.67 ? 210 THR A C   1 
ATOM   515  O O   . THR A 1 74  ? -3.931  -15.939 6.076   1.00 16.85 ? 210 THR A O   1 
ATOM   516  C CB  . THR A 1 74  ? -6.939  -15.370 7.676   1.00 17.75 ? 210 THR A CB  1 
ATOM   517  O OG1 . THR A 1 74  ? -6.317  -14.084 7.561   1.00 17.62 ? 210 THR A OG1 1 
ATOM   518  C CG2 . THR A 1 74  ? -7.592  -15.517 9.067   1.00 15.70 ? 210 THR A CG2 1 
ATOM   519  N N   . LYS A 1 75  ? -5.819  -16.456 4.953   1.00 15.98 ? 211 LYS A N   1 
ATOM   520  C CA  . LYS A 1 75  ? -5.096  -16.380 3.698   1.00 17.27 ? 211 LYS A CA  1 
ATOM   521  C C   . LYS A 1 75  ? -4.892  -14.928 3.183   1.00 16.53 ? 211 LYS A C   1 
ATOM   522  O O   . LYS A 1 75  ? -5.799  -14.133 3.250   1.00 14.98 ? 211 LYS A O   1 
ATOM   523  C CB  . LYS A 1 75  ? -5.671  -17.347 2.667   1.00 20.33 ? 211 LYS A CB  1 
ATOM   524  C CG  . LYS A 1 75  ? -6.959  -17.064 2.052   1.00 25.29 ? 211 LYS A CG  1 
ATOM   525  C CD  . LYS A 1 75  ? -7.130  -18.217 1.015   1.00 31.92 ? 211 LYS A CD  1 
ATOM   526  C CE  . LYS A 1 75  ? -8.392  -18.149 0.123   1.00 34.93 ? 211 LYS A CE  1 
ATOM   527  N NZ  . LYS A 1 75  ? -8.747  -19.539 -0.323  1.00 35.06 ? 211 LYS A NZ  1 
ATOM   528  N N   . TRP A 1 76  ? -3.707  -14.614 2.652   1.00 15.72 ? 212 TRP A N   1 
ATOM   529  C CA  . TRP A 1 76  ? -3.536  -13.359 1.936   1.00 14.63 ? 212 TRP A CA  1 
ATOM   530  C C   . TRP A 1 76  ? -4.301  -13.472 0.615   1.00 14.93 ? 212 TRP A C   1 
ATOM   531  O O   . TRP A 1 76  ? -4.408  -14.600 0.062   1.00 14.28 ? 212 TRP A O   1 
ATOM   532  C CB  . TRP A 1 76  ? -2.047  -13.171 1.576   1.00 13.83 ? 212 TRP A CB  1 
ATOM   533  C CG  . TRP A 1 76  ? -1.222  -13.052 2.764   1.00 15.10 ? 212 TRP A CG  1 
ATOM   534  C CD1 . TRP A 1 76  ? -0.367  -14.029 3.299   1.00 16.37 ? 212 TRP A CD1 1 
ATOM   535  C CD2 . TRP A 1 76  ? -1.081  -11.903 3.568   1.00 14.83 ? 212 TRP A CD2 1 
ATOM   536  N NE1 . TRP A 1 76  ? 0.239   -13.533 4.417   1.00 15.46 ? 212 TRP A NE1 1 
ATOM   537  C CE2 . TRP A 1 76  ? -0.181  -12.237 4.627   1.00 10.97 ? 212 TRP A CE2 1 
ATOM   538  C CE3 . TRP A 1 76  ? -1.653  -10.624 3.537   1.00 17.13 ? 212 TRP A CE3 1 
ATOM   539  C CZ2 . TRP A 1 76  ? 0.199   -11.315 5.601   1.00 13.50 ? 212 TRP A CZ2 1 
ATOM   540  C CZ3 . TRP A 1 76  ? -1.295  -9.696  4.530   1.00 13.49 ? 212 TRP A CZ3 1 
ATOM   541  C CH2 . TRP A 1 76  ? -0.383  -10.050 5.555   1.00 12.06 ? 212 TRP A CH2 1 
ATOM   542  N N   . ARG A 1 77  ? -4.796  -12.330 0.090   1.00 13.56 ? 213 ARG A N   1 
ATOM   543  C CA  . ARG A 1 77  ? -5.396  -12.275 -1.252  1.00 13.58 ? 213 ARG A CA  1 
ATOM   544  C C   . ARG A 1 77  ? -4.358  -12.700 -2.309  1.00 13.28 ? 213 ARG A C   1 
ATOM   545  O O   . ARG A 1 77  ? -4.717  -13.372 -3.242  1.00 14.35 ? 213 ARG A O   1 
ATOM   546  C CB  . ARG A 1 77  ? -5.960  -10.857 -1.576  1.00 13.80 ? 213 ARG A CB  1 
ATOM   547  C CG  . ARG A 1 77  ? -7.301  -10.549 -0.963  1.00 14.27 ? 213 ARG A CG  1 
ATOM   548  C CD  . ARG A 1 77  ? -8.432  -11.229 -1.714  1.00 19.39 ? 213 ARG A CD  1 
ATOM   549  N NE  . ARG A 1 77  ? -9.693  -10.692 -1.220  1.00 20.37 ? 213 ARG A NE  1 
ATOM   550  C CZ  . ARG A 1 77  ? -10.341 -11.202 -0.179  1.00 20.02 ? 213 ARG A CZ  1 
ATOM   551  N NH1 . ARG A 1 77  ? -9.814  -12.263 0.438   1.00 19.89 ? 213 ARG A NH1 1 
ATOM   552  N NH2 . ARG A 1 77  ? -11.497 -10.678 0.249   1.00 15.93 ? 213 ARG A NH2 1 
ATOM   553  N N   . ASP A 1 78  ? -3.096  -12.248 -2.161  1.00 13.65 ? 214 ASP A N   1 
ATOM   554  C CA  . ASP A 1 78  ? -1.985  -12.602 -3.068  1.00 12.80 ? 214 ASP A CA  1 
ATOM   555  C C   . ASP A 1 78  ? -2.413  -12.308 -4.507  1.00 13.87 ? 214 ASP A C   1 
ATOM   556  O O   . ASP A 1 78  ? -2.306  -13.138 -5.364  1.00 12.55 ? 214 ASP A O   1 
ATOM   557  C CB  . ASP A 1 78  ? -1.542  -14.090 -2.822  1.00 14.44 ? 214 ASP A CB  1 
ATOM   558  C CG  . ASP A 1 78  ? -0.223  -14.438 -3.556  1.00 16.93 ? 214 ASP A CG  1 
ATOM   559  O OD1 . ASP A 1 78  ? 0.581   -13.519 -3.912  1.00 15.34 ? 214 ASP A OD1 1 
ATOM   560  O OD2 . ASP A 1 78  ? 0.001   -15.613 -3.828  1.00 22.14 ? 214 ASP A OD2 1 
ATOM   561  N N   . TRP A 1 79  ? -2.898  -11.074 -4.729  1.00 14.33 ? 215 TRP A N   1 
ATOM   562  C CA  . TRP A 1 79  ? -3.526  -10.648 -5.975  1.00 14.98 ? 215 TRP A CA  1 
ATOM   563  C C   . TRP A 1 79  ? -2.652  -10.926 -7.197  1.00 15.35 ? 215 TRP A C   1 
ATOM   564  O O   . TRP A 1 79  ? -3.155  -11.408 -8.242  1.00 15.21 ? 215 TRP A O   1 
ATOM   565  C CB  . TRP A 1 79  ? -3.773  -9.132  -5.865  1.00 14.81 ? 215 TRP A CB  1 
ATOM   566  C CG  . TRP A 1 79  ? -4.650  -8.630  -4.710  1.00 11.75 ? 215 TRP A CG  1 
ATOM   567  C CD1 . TRP A 1 79  ? -4.241  -8.145  -3.466  1.00 8.13  ? 215 TRP A CD1 1 
ATOM   568  C CD2 . TRP A 1 79  ? -6.074  -8.610  -4.690  1.00 14.68 ? 215 TRP A CD2 1 
ATOM   569  N NE1 . TRP A 1 79  ? -5.332  -7.760  -2.723  1.00 12.42 ? 215 TRP A NE1 1 
ATOM   570  C CE2 . TRP A 1 79  ? -6.475  -8.042  -3.441  1.00 14.16 ? 215 TRP A CE2 1 
ATOM   571  C CE3 . TRP A 1 79  ? -7.074  -8.988  -5.632  1.00 14.90 ? 215 TRP A CE3 1 
ATOM   572  C CZ2 . TRP A 1 79  ? -7.852  -7.853  -3.087  1.00 14.58 ? 215 TRP A CZ2 1 
ATOM   573  C CZ3 . TRP A 1 79  ? -8.439  -8.792  -5.299  1.00 17.32 ? 215 TRP A CZ3 1 
ATOM   574  C CH2 . TRP A 1 79  ? -8.813  -8.193  -4.032  1.00 11.82 ? 215 TRP A CH2 1 
ATOM   575  N N   . ASP A 1 80  ? -1.343  -10.658 -7.072  1.00 14.47 ? 216 ASP A N   1 
ATOM   576  C CA  . ASP A 1 80  ? -0.386  -10.762 -8.173  1.00 15.73 ? 216 ASP A CA  1 
ATOM   577  C C   . ASP A 1 80  ? 0.491   -12.018 -8.105  1.00 16.03 ? 216 ASP A C   1 
ATOM   578  O O   . ASP A 1 80  ? 1.527   -12.108 -8.802  1.00 15.56 ? 216 ASP A O   1 
ATOM   579  C CB  . ASP A 1 80  ? 0.458   -9.456  -8.268  1.00 14.46 ? 216 ASP A CB  1 
ATOM   580  C CG  . ASP A 1 80  ? 1.120   -9.086  -6.967  1.00 18.80 ? 216 ASP A CG  1 
ATOM   581  O OD1 . ASP A 1 80  ? 1.129   -9.950  -6.052  1.00 19.24 ? 216 ASP A OD1 1 
ATOM   582  O OD2 . ASP A 1 80  ? 1.698   -7.943  -6.847  1.00 17.46 ? 216 ASP A OD2 1 
ATOM   583  N N   . SER A 1 81  ? 0.094   -12.982 -7.252  1.00 16.24 ? 217 SER A N   1 
ATOM   584  C CA  . SER A 1 81  ? 0.801   -14.269 -7.070  1.00 17.06 ? 217 SER A CA  1 
ATOM   585  C C   . SER A 1 81  ? 2.249   -14.191 -6.583  1.00 16.20 ? 217 SER A C   1 
ATOM   586  O O   . SER A 1 81  ? 3.003   -15.160 -6.683  1.00 17.81 ? 217 SER A O   1 
ATOM   587  C CB  . SER A 1 81  ? 0.739   -15.053 -8.367  1.00 18.25 ? 217 SER A CB  1 
ATOM   588  O OG  . SER A 1 81  ? -0.587  -15.511 -8.559  1.00 22.88 ? 217 SER A OG  1 
ATOM   589  N N   . ARG A 1 82  ? 2.656   -13.062 -6.026  1.00 15.17 ? 218 ARG A N   1 
ATOM   590  C CA  . ARG A 1 82  ? 4.060   -12.947 -5.589  1.00 14.81 ? 218 ARG A CA  1 
ATOM   591  C C   . ARG A 1 82  ? 4.420   -13.823 -4.386  1.00 15.33 ? 218 ARG A C   1 
ATOM   592  O O   . ARG A 1 82  ? 5.620   -14.043 -4.069  1.00 15.21 ? 218 ARG A O   1 
ATOM   593  C CB  . ARG A 1 82  ? 4.381   -11.479 -5.320  1.00 14.41 ? 218 ARG A CB  1 
ATOM   594  C CG  . ARG A 1 82  ? 4.325   -10.626 -6.590  1.00 12.33 ? 218 ARG A CG  1 
ATOM   595  C CD  . ARG A 1 82  ? 4.857   -9.181  -6.337  1.00 11.26 ? 218 ARG A CD  1 
ATOM   596  N NE  . ARG A 1 82  ? 4.020   -8.470  -5.327  1.00 13.67 ? 218 ARG A NE  1 
ATOM   597  C CZ  . ARG A 1 82  ? 4.299   -8.313  -4.026  1.00 11.60 ? 218 ARG A CZ  1 
ATOM   598  N NH1 . ARG A 1 82  ? 5.458   -8.744  -3.466  1.00 9.48  ? 218 ARG A NH1 1 
ATOM   599  N NH2 . ARG A 1 82  ? 3.367   -7.686  -3.251  1.00 12.46 ? 218 ARG A NH2 1 
ATOM   600  N N   . LEU A 1 83  ? 3.371   -14.263 -3.670  1.00 15.00 ? 219 LEU A N   1 
ATOM   601  C CA  . LEU A 1 83  ? 3.541   -15.066 -2.456  1.00 15.54 ? 219 LEU A CA  1 
ATOM   602  C C   . LEU A 1 83  ? 3.204   -16.513 -2.685  1.00 16.97 ? 219 LEU A C   1 
ATOM   603  O O   . LEU A 1 83  ? 3.205   -17.303 -1.750  1.00 17.80 ? 219 LEU A O   1 
ATOM   604  C CB  . LEU A 1 83  ? 2.654   -14.520 -1.326  1.00 17.26 ? 219 LEU A CB  1 
ATOM   605  C CG  . LEU A 1 83  ? 2.894   -13.037 -1.026  1.00 13.53 ? 219 LEU A CG  1 
ATOM   606  C CD1 . LEU A 1 83  ? 1.905   -12.585 -0.032  1.00 22.54 ? 219 LEU A CD1 1 
ATOM   607  C CD2 . LEU A 1 83  ? 4.326   -12.857 -0.473  1.00 17.03 ? 219 LEU A CD2 1 
ATOM   608  N N   . SER A 1 84  ? 2.898   -16.877 -3.925  1.00 18.22 ? 220 SER A N   1 
ATOM   609  C CA  . SER A 1 84  ? 2.428   -18.241 -4.162  1.00 17.50 ? 220 SER A CA  1 
ATOM   610  C C   . SER A 1 84  ? 3.513   -19.315 -4.233  1.00 17.39 ? 220 SER A C   1 
ATOM   611  O O   . SER A 1 84  ? 3.194   -20.480 -4.288  1.00 16.85 ? 220 SER A O   1 
ATOM   612  C CB  . SER A 1 84  ? 1.577   -18.288 -5.449  1.00 17.95 ? 220 SER A CB  1 
ATOM   613  O OG  . SER A 1 84  ? 2.341   -17.888 -6.589  1.00 22.48 ? 220 SER A OG  1 
ATOM   614  N N   . TYR A 1 85  ? 4.780   -18.915 -4.241  1.00 17.75 ? 221 TYR A N   1 
ATOM   615  C CA  . TYR A 1 85  ? 5.868   -19.813 -4.596  1.00 15.87 ? 221 TYR A CA  1 
ATOM   616  C C   . TYR A 1 85  ? 6.391   -20.624 -3.392  1.00 16.21 ? 221 TYR A C   1 
ATOM   617  O O   . TYR A 1 85  ? 7.173   -21.553 -3.539  1.00 16.26 ? 221 TYR A O   1 
ATOM   618  C CB  . TYR A 1 85  ? 6.996   -18.987 -5.300  1.00 16.55 ? 221 TYR A CB  1 
ATOM   619  C CG  . TYR A 1 85  ? 7.787   -18.073 -4.356  1.00 14.53 ? 221 TYR A CG  1 
ATOM   620  C CD1 . TYR A 1 85  ? 7.295   -16.783 -3.991  1.00 16.64 ? 221 TYR A CD1 1 
ATOM   621  C CD2 . TYR A 1 85  ? 8.969   -18.497 -3.813  1.00 13.53 ? 221 TYR A CD2 1 
ATOM   622  C CE1 . TYR A 1 85  ? 8.012   -15.988 -3.110  1.00 11.03 ? 221 TYR A CE1 1 
ATOM   623  C CE2 . TYR A 1 85  ? 9.758   -17.649 -2.948  1.00 15.23 ? 221 TYR A CE2 1 
ATOM   624  C CZ  . TYR A 1 85  ? 9.254   -16.417 -2.616  1.00 13.53 ? 221 TYR A CZ  1 
ATOM   625  O OH  . TYR A 1 85  ? 9.985   -15.618 -1.743  1.00 14.06 ? 221 TYR A OH  1 
ATOM   626  N N   . THR A 1 86  ? 5.978   -20.244 -2.189  1.00 15.83 ? 222 THR A N   1 
ATOM   627  C CA  . THR A 1 86  ? 6.441   -20.892 -0.947  1.00 17.32 ? 222 THR A CA  1 
ATOM   628  C C   . THR A 1 86  ? 5.458   -20.608 0.171   1.00 16.97 ? 222 THR A C   1 
ATOM   629  O O   . THR A 1 86  ? 4.478   -19.848 -0.036  1.00 17.52 ? 222 THR A O   1 
ATOM   630  C CB  . THR A 1 86  ? 7.897   -20.433 -0.600  1.00 17.04 ? 222 THR A CB  1 
ATOM   631  O OG1 . THR A 1 86  ? 8.511   -21.324 0.330   1.00 20.74 ? 222 THR A OG1 1 
ATOM   632  C CG2 . THR A 1 86  ? 7.994   -18.962 -0.105  1.00 16.09 ? 222 THR A CG2 1 
ATOM   633  N N   . THR A 1 87  ? 5.684   -21.250 1.318   1.00 17.26 ? 223 THR A N   1 
ATOM   634  C CA  . THR A 1 87  ? 4.846   -21.150 2.469   1.00 17.18 ? 223 THR A CA  1 
ATOM   635  C C   . THR A 1 87  ? 5.162   -19.902 3.310   1.00 16.22 ? 223 THR A C   1 
ATOM   636  O O   . THR A 1 87  ? 6.262   -19.777 3.788   1.00 17.27 ? 223 THR A O   1 
ATOM   637  C CB  . THR A 1 87  ? 4.995   -22.366 3.331   1.00 18.08 ? 223 THR A CB  1 
ATOM   638  O OG1 . THR A 1 87  ? 4.538   -23.502 2.567   1.00 23.51 ? 223 THR A OG1 1 
ATOM   639  C CG2 . THR A 1 87  ? 4.107   -22.196 4.546   1.00 22.84 ? 223 THR A CG2 1 
ATOM   640  N N   . PHE A 1 88  ? 4.190   -19.008 3.457   1.00 15.12 ? 224 PHE A N   1 
ATOM   641  C CA  . PHE A 1 88  ? 4.322   -17.819 4.333   1.00 14.81 ? 224 PHE A CA  1 
ATOM   642  C C   . PHE A 1 88  ? 3.426   -17.817 5.573   1.00 15.22 ? 224 PHE A C   1 
ATOM   643  O O   . PHE A 1 88  ? 2.382   -18.477 5.615   1.00 15.66 ? 224 PHE A O   1 
ATOM   644  C CB  . PHE A 1 88  ? 4.071   -16.518 3.541   1.00 15.96 ? 224 PHE A CB  1 
ATOM   645  C CG  . PHE A 1 88  ? 5.109   -16.259 2.468   1.00 15.99 ? 224 PHE A CG  1 
ATOM   646  C CD1 . PHE A 1 88  ? 6.331   -15.667 2.800   1.00 19.32 ? 224 PHE A CD1 1 
ATOM   647  C CD2 . PHE A 1 88  ? 4.866   -16.606 1.128   1.00 15.94 ? 224 PHE A CD2 1 
ATOM   648  C CE1 . PHE A 1 88  ? 7.341   -15.472 1.796   1.00 17.26 ? 224 PHE A CE1 1 
ATOM   649  C CE2 . PHE A 1 88  ? 5.840   -16.377 0.141   1.00 13.59 ? 224 PHE A CE2 1 
ATOM   650  C CZ  . PHE A 1 88  ? 7.066   -15.791 0.455   1.00 16.95 ? 224 PHE A CZ  1 
ATOM   651  N N   . ARG A 1 89  ? 3.855   -17.069 6.574   1.00 15.59 ? 225 ARG A N   1 
ATOM   652  C CA  . ARG A 1 89  ? 2.958   -16.748 7.668   1.00 16.30 ? 225 ARG A CA  1 
ATOM   653  C C   . ARG A 1 89  ? 1.701   -16.065 7.010   1.00 15.83 ? 225 ARG A C   1 
ATOM   654  O O   . ARG A 1 89  ? 1.808   -15.361 5.981   1.00 15.17 ? 225 ARG A O   1 
ATOM   655  C CB  . ARG A 1 89  ? 3.680   -15.890 8.751   1.00 17.85 ? 225 ARG A CB  1 
ATOM   656  C CG  . ARG A 1 89  ? 2.852   -15.658 10.040  1.00 23.95 ? 225 ARG A CG  1 
ATOM   657  C CD  . ARG A 1 89  ? 2.660   -16.872 11.001  1.00 27.15 ? 225 ARG A CD  1 
ATOM   658  N NE  . ARG A 1 89  ? 1.538   -17.753 10.697  1.00 29.54 ? 225 ARG A NE  1 
ATOM   659  C CZ  . ARG A 1 89  ? 0.919   -18.510 11.630  1.00 36.08 ? 225 ARG A CZ  1 
ATOM   660  N NH1 . ARG A 1 89  ? -0.107  -19.325 11.328  1.00 27.26 ? 225 ARG A NH1 1 
ATOM   661  N NH2 . ARG A 1 89  ? 1.299   -18.432 12.913  1.00 37.79 ? 225 ARG A NH2 1 
ATOM   662  N N   . GLY A 1 90  ? 0.542   -16.411 7.553   1.00 15.11 ? 226 GLY A N   1 
ATOM   663  C CA  . GLY A 1 90  ? -0.709  -15.855 7.112   1.00 16.23 ? 226 GLY A CA  1 
ATOM   664  C C   . GLY A 1 90  ? -0.958  -14.431 7.596   1.00 16.19 ? 226 GLY A C   1 
ATOM   665  O O   . GLY A 1 90  ? -0.163  -13.802 8.322   1.00 15.18 ? 226 GLY A O   1 
ATOM   666  N N   . CYS A 1 91  ? -2.108  -13.951 7.144   1.00 15.66 ? 227 CYS A N   1 
ATOM   667  C CA  . CYS A 1 91  ? -2.598  -12.662 7.513   1.00 15.52 ? 227 CYS A CA  1 
ATOM   668  C C   . CYS A 1 91  ? -3.403  -12.728 8.786   1.00 15.53 ? 227 CYS A C   1 
ATOM   669  O O   . CYS A 1 91  ? -4.148  -13.727 9.037   1.00 14.39 ? 227 CYS A O   1 
ATOM   670  C CB  . CYS A 1 91  ? -3.405  -12.132 6.336   1.00 14.88 ? 227 CYS A CB  1 
ATOM   671  S SG  . CYS A 1 91  ? -4.220  -10.447 6.516   1.00 17.80 ? 227 CYS A SG  1 
ATOM   672  N N   . ARG A 1 92  ? -3.329  -11.622 9.563   1.00 14.30 ? 228 ARG A N   1 
ATOM   673  C CA  . ARG A 1 92  ? -4.144  -11.477 10.752  1.00 14.19 ? 228 ARG A CA  1 
ATOM   674  C C   . ARG A 1 92  ? -5.651  -11.587 10.381  1.00 15.76 ? 228 ARG A C   1 
ATOM   675  O O   . ARG A 1 92  ? -6.468  -12.150 11.113  1.00 16.41 ? 228 ARG A O   1 
ATOM   676  C CB  . ARG A 1 92  ? -3.885  -10.122 11.438  1.00 13.29 ? 228 ARG A CB  1 
ATOM   677  C CG  . ARG A 1 92  ? -4.825  -9.850  12.617  1.00 14.36 ? 228 ARG A CG  1 
ATOM   678  C CD  . ARG A 1 92  ? -4.711  -10.949 13.689  1.00 13.48 ? 228 ARG A CD  1 
ATOM   679  N NE  . ARG A 1 92  ? -3.360  -10.861 14.287  1.00 15.10 ? 228 ARG A NE  1 
ATOM   680  C CZ  . ARG A 1 92  ? -3.077  -10.776 15.598  1.00 15.30 ? 228 ARG A CZ  1 
ATOM   681  N NH1 . ARG A 1 92  ? -4.054  -10.863 16.518  1.00 16.42 ? 228 ARG A NH1 1 
ATOM   682  N NH2 . ARG A 1 92  ? -1.772  -10.717 16.000  1.00 14.02 ? 228 ARG A NH2 1 
ATOM   683  N N   . GLY A 1 93  ? -5.991  -11.074 9.212   1.00 15.15 ? 229 GLY A N   1 
ATOM   684  C CA  . GLY A 1 93  ? -7.376  -11.012 8.781   1.00 16.09 ? 229 GLY A CA  1 
ATOM   685  C C   . GLY A 1 93  ? -8.154  -10.140 9.746   1.00 15.15 ? 229 GLY A C   1 
ATOM   686  O O   . GLY A 1 93  ? -7.629  -9.137  10.326  1.00 16.17 ? 229 GLY A O   1 
ATOM   687  N N   . ASN A 1 94  ? -9.408  -10.539 9.955   1.00 16.62 ? 230 ASN A N   1 
ATOM   688  C CA  . ASN A 1 94  ? -10.415 -9.714  10.645  1.00 18.36 ? 230 ASN A CA  1 
ATOM   689  C C   . ASN A 1 94  ? -10.348 -8.203  10.290  1.00 17.57 ? 230 ASN A C   1 
ATOM   690  O O   . ASN A 1 94  ? -10.342 -7.304  11.179  1.00 18.36 ? 230 ASN A O   1 
ATOM   691  C CB  . ASN A 1 94  ? -10.376 -9.919  12.161  1.00 20.42 ? 230 ASN A CB  1 
ATOM   692  C CG  . ASN A 1 94  ? -11.756 -9.626  12.842  1.00 25.76 ? 230 ASN A CG  1 
ATOM   693  O OD1 . ASN A 1 94  ? -12.793 -10.248 12.519  1.00 32.50 ? 230 ASN A OD1 1 
ATOM   694  N ND2 . ASN A 1 94  ? -11.752 -8.721  13.795  1.00 30.14 ? 230 ASN A ND2 1 
ATOM   695  N N   . GLY A 1 95  ? -10.260 -7.941  9.002   1.00 15.43 ? 231 GLY A N   1 
ATOM   696  C CA  . GLY A 1 95  ? -10.296 -6.577  8.519   1.00 12.85 ? 231 GLY A CA  1 
ATOM   697  C C   . GLY A 1 95  ? -8.966  -6.211  7.871   1.00 10.33 ? 231 GLY A C   1 
ATOM   698  O O   . GLY A 1 95  ? -8.978  -5.413  6.937   1.00 10.85 ? 231 GLY A O   1 
ATOM   699  N N   . TYR A 1 96  ? -7.865  -6.818  8.337   1.00 10.63 ? 232 TYR A N   1 
ATOM   700  C CA  . TYR A 1 96  ? -6.509  -6.610  7.694   1.00 9.87  ? 232 TYR A CA  1 
ATOM   701  C C   . TYR A 1 96  ? -6.484  -7.425  6.420   1.00 10.20 ? 232 TYR A C   1 
ATOM   702  O O   . TYR A 1 96  ? -7.048  -8.518  6.394   1.00 10.71 ? 232 TYR A O   1 
ATOM   703  C CB  . TYR A 1 96  ? -5.371  -7.123  8.547   1.00 9.10  ? 232 TYR A CB  1 
ATOM   704  C CG  . TYR A 1 96  ? -5.026  -6.203  9.647   1.00 9.16  ? 232 TYR A CG  1 
ATOM   705  C CD1 . TYR A 1 96  ? -4.449  -4.936  9.348   1.00 12.08 ? 232 TYR A CD1 1 
ATOM   706  C CD2 . TYR A 1 96  ? -5.339  -6.512  10.962  1.00 14.09 ? 232 TYR A CD2 1 
ATOM   707  C CE1 . TYR A 1 96  ? -4.134  -4.027  10.390  1.00 16.09 ? 232 TYR A CE1 1 
ATOM   708  C CE2 . TYR A 1 96  ? -4.992  -5.622  12.008  1.00 16.41 ? 232 TYR A CE2 1 
ATOM   709  C CZ  . TYR A 1 96  ? -4.429  -4.391  11.713  1.00 19.37 ? 232 TYR A CZ  1 
ATOM   710  O OH  . TYR A 1 96  ? -4.129  -3.505  12.737  1.00 20.57 ? 232 TYR A OH  1 
ATOM   711  N N   . ILE A 1 97  ? -5.850  -6.893  5.387   1.00 9.10  ? 233 ILE A N   1 
ATOM   712  C CA  . ILE A 1 97  ? -5.818  -7.535  4.078   1.00 11.16 ? 233 ILE A CA  1 
ATOM   713  C C   . ILE A 1 97  ? -4.637  -6.937  3.279   1.00 11.42 ? 233 ILE A C   1 
ATOM   714  O O   . ILE A 1 97  ? -4.278  -5.798  3.475   1.00 12.74 ? 233 ILE A O   1 
ATOM   715  C CB  . ILE A 1 97  ? -7.168  -7.411  3.308   1.00 12.28 ? 233 ILE A CB  1 
ATOM   716  C CG1 . ILE A 1 97  ? -7.293  -8.545  2.251   1.00 13.91 ? 233 ILE A CG1 1 
ATOM   717  C CG2 . ILE A 1 97  ? -7.355  -6.061  2.664   1.00 13.54 ? 233 ILE A CG2 1 
ATOM   718  C CD1 . ILE A 1 97  ? -7.074  -10.053 2.826   1.00 16.29 ? 233 ILE A CD1 1 
ATOM   719  N N   . ASP A 1 98  ? -4.070  -7.705  2.364   1.00 11.92 ? 234 ASP A N   1 
ATOM   720  C CA  . ASP A 1 98  ? -3.021  -7.171  1.461   1.00 12.52 ? 234 ASP A CA  1 
ATOM   721  C C   . ASP A 1 98  ? -3.638  -6.447  0.244   1.00 13.29 ? 234 ASP A C   1 
ATOM   722  O O   . ASP A 1 98  ? -4.680  -6.867  -0.246  1.00 11.39 ? 234 ASP A O   1 
ATOM   723  C CB  . ASP A 1 98  ? -2.072  -8.281  0.938   1.00 12.73 ? 234 ASP A CB  1 
ATOM   724  C CG  . ASP A 1 98  ? -2.818  -9.460  0.313   1.00 17.48 ? 234 ASP A CG  1 
ATOM   725  O OD1 . ASP A 1 98  ? -3.851  -9.905  0.869   1.00 15.49 ? 234 ASP A OD1 1 
ATOM   726  O OD2 . ASP A 1 98  ? -2.334  -10.017 -0.699  1.00 18.87 ? 234 ASP A OD2 1 
ATOM   727  N N   . LEU A 1 99  ? -2.954  -5.413  -0.255  1.00 12.74 ? 235 LEU A N   1 
ATOM   728  C CA  . LEU A 1 99  ? -3.343  -4.743  -1.489  1.00 13.34 ? 235 LEU A CA  1 
ATOM   729  C C   . LEU A 1 99  ? -2.524  -5.280  -2.679  1.00 12.66 ? 235 LEU A C   1 
ATOM   730  O O   . LEU A 1 99  ? -1.527  -5.983  -2.487  1.00 15.44 ? 235 LEU A O   1 
ATOM   731  C CB  . LEU A 1 99  ? -3.097  -3.231  -1.333  1.00 10.91 ? 235 LEU A CB  1 
ATOM   732  C CG  . LEU A 1 99  ? -3.594  -2.540  -0.050  1.00 13.09 ? 235 LEU A CG  1 
ATOM   733  C CD1 . LEU A 1 99  ? -3.477  -1.076  -0.368  1.00 14.10 ? 235 LEU A CD1 1 
ATOM   734  C CD2 . LEU A 1 99  ? -5.064  -2.846  0.297   1.00 14.25 ? 235 LEU A CD2 1 
ATOM   735  N N   . ASP A 1 100 ? -2.967  -4.940  -3.897  1.00 13.31 ? 236 ASP A N   1 
ATOM   736  C CA  . ASP A 1 100 ? -2.337  -5.422  -5.109  1.00 12.70 ? 236 ASP A CA  1 
ATOM   737  C C   . ASP A 1 100 ? -1.218  -4.467  -5.510  1.00 12.99 ? 236 ASP A C   1 
ATOM   738  O O   . ASP A 1 100 ? -1.421  -3.494  -6.212  1.00 12.48 ? 236 ASP A O   1 
ATOM   739  C CB  . ASP A 1 100 ? -3.361  -5.629  -6.189  1.00 12.17 ? 236 ASP A CB  1 
ATOM   740  C CG  . ASP A 1 100 ? -2.780  -6.272  -7.461  1.00 15.69 ? 236 ASP A CG  1 
ATOM   741  O OD1 . ASP A 1 100 ? -1.529  -6.275  -7.676  1.00 14.22 ? 236 ASP A OD1 1 
ATOM   742  O OD2 . ASP A 1 100 ? -3.619  -6.703  -8.277  1.00 16.84 ? 236 ASP A OD2 1 
ATOM   743  N N   . ALA A 1 101 ? 0.011   -4.754  -5.051  1.00 12.17 ? 237 ALA A N   1 
ATOM   744  C CA  . ALA A 1 101 ? 1.161   -3.828  -5.398  1.00 11.98 ? 237 ALA A CA  1 
ATOM   745  C C   . ALA A 1 101 ? 1.437   -3.709  -6.928  1.00 13.48 ? 237 ALA A C   1 
ATOM   746  O O   . ALA A 1 101 ? 1.931   -2.639  -7.383  1.00 16.46 ? 237 ALA A O   1 
ATOM   747  C CB  . ALA A 1 101 ? 2.473   -4.309  -4.654  1.00 13.28 ? 237 ALA A CB  1 
ATOM   748  N N   . THR A 1 102 ? 1.113   -4.749  -7.682  1.00 13.72 ? 238 THR A N   1 
ATOM   749  C CA  . THR A 1 102 ? 1.267   -4.794  -9.172  1.00 15.15 ? 238 THR A CA  1 
ATOM   750  C C   . THR A 1 102 ? 0.242   -3.866  -9.814  1.00 13.62 ? 238 THR A C   1 
ATOM   751  O O   . THR A 1 102 ? 0.613   -2.916  -10.509 1.00 14.92 ? 238 THR A O   1 
ATOM   752  C CB  . THR A 1 102 ? 1.210   -6.240  -9.739  1.00 14.04 ? 238 THR A CB  1 
ATOM   753  O OG1 . THR A 1 102 ? 2.375   -6.979  -9.306  1.00 15.96 ? 238 THR A OG1 1 
ATOM   754  C CG2 . THR A 1 102 ? 1.095   -6.218  -11.261 1.00 16.04 ? 238 THR A CG2 1 
ATOM   755  N N   . TYR A 1 103 ? -1.034  -4.058  -9.519  1.00 12.27 ? 239 TYR A N   1 
ATOM   756  C CA  . TYR A 1 103 ? -2.036  -3.106  -9.954  1.00 13.24 ? 239 TYR A CA  1 
ATOM   757  C C   . TYR A 1 103 ? -1.683  -1.669  -9.603  1.00 12.83 ? 239 TYR A C   1 
ATOM   758  O O   . TYR A 1 103 ? -1.891  -0.790  -10.420 1.00 13.20 ? 239 TYR A O   1 
ATOM   759  C CB  . TYR A 1 103 ? -3.390  -3.380  -9.288  1.00 12.45 ? 239 TYR A CB  1 
ATOM   760  C CG  . TYR A 1 103 ? -4.479  -2.604  -9.941  1.00 15.90 ? 239 TYR A CG  1 
ATOM   761  C CD1 . TYR A 1 103 ? -5.019  -3.035  -11.142 1.00 16.76 ? 239 TYR A CD1 1 
ATOM   762  C CD2 . TYR A 1 103 ? -4.963  -1.436  -9.377  1.00 14.21 ? 239 TYR A CD2 1 
ATOM   763  C CE1 . TYR A 1 103 ? -6.014  -2.326  -11.780 1.00 19.52 ? 239 TYR A CE1 1 
ATOM   764  C CE2 . TYR A 1 103 ? -5.963  -0.702  -9.993  1.00 16.22 ? 239 TYR A CE2 1 
ATOM   765  C CZ  . TYR A 1 103 ? -6.520  -1.201  -11.178 1.00 18.43 ? 239 TYR A CZ  1 
ATOM   766  O OH  . TYR A 1 103 ? -7.476  -0.484  -11.783 1.00 18.78 ? 239 TYR A OH  1 
ATOM   767  N N   . LEU A 1 104 ? -1.229  -1.417  -8.375  1.00 12.20 ? 240 LEU A N   1 
ATOM   768  C CA  . LEU A 1 104 ? -1.043  -0.018  -7.951  1.00 13.21 ? 240 LEU A CA  1 
ATOM   769  C C   . LEU A 1 104 ? 0.048   0.655   -8.813  1.00 13.95 ? 240 LEU A C   1 
ATOM   770  O O   . LEU A 1 104 ? 0.162   1.901   -8.801  1.00 15.59 ? 240 LEU A O   1 
ATOM   771  C CB  . LEU A 1 104 ? -0.664  0.071   -6.471  1.00 12.42 ? 240 LEU A CB  1 
ATOM   772  C CG  . LEU A 1 104 ? -1.835  -0.215  -5.485  1.00 12.48 ? 240 LEU A CG  1 
ATOM   773  C CD1 . LEU A 1 104 ? -1.361  -0.499  -4.089  1.00 13.79 ? 240 LEU A CD1 1 
ATOM   774  C CD2 . LEU A 1 104 ? -2.872  0.937   -5.448  1.00 12.48 ? 240 LEU A CD2 1 
ATOM   775  N N   . ALA A 1 105 ? 0.915   -0.137  -9.447  1.00 13.83 ? 241 ALA A N   1 
ATOM   776  C CA  . ALA A 1 105 ? 1.961   0.474   -10.324 1.00 14.24 ? 241 ALA A CA  1 
ATOM   777  C C   . ALA A 1 105 ? 1.477   0.741   -11.781 1.00 14.14 ? 241 ALA A C   1 
ATOM   778  O O   . ALA A 1 105 ? 2.218   1.251   -12.636 1.00 14.54 ? 241 ALA A O   1 
ATOM   779  C CB  . ALA A 1 105 ? 3.286   -0.352  -10.284 1.00 14.38 ? 241 ALA A CB  1 
ATOM   780  N N   . THR A 1 106 ? 0.238   0.367   -12.069 1.00 15.17 ? 242 THR A N   1 
ATOM   781  C CA  . THR A 1 106 ? -0.281  0.489   -13.430 1.00 15.61 ? 242 THR A CA  1 
ATOM   782  C C   . THR A 1 106 ? -0.715  1.911   -13.768 1.00 15.95 ? 242 THR A C   1 
ATOM   783  O O   . THR A 1 106 ? -0.996  2.746   -12.892 1.00 15.95 ? 242 THR A O   1 
ATOM   784  C CB  . THR A 1 106 ? -1.493  -0.469  -13.709 1.00 15.13 ? 242 THR A CB  1 
ATOM   785  O OG1 . THR A 1 106 ? -2.629  -0.026  -12.978 1.00 17.65 ? 242 THR A OG1 1 
ATOM   786  C CG2 . THR A 1 106 ? -1.100  -1.931  -13.381 1.00 16.66 ? 242 THR A CG2 1 
ATOM   787  N N   . ASP A 1 107 ? -0.707  2.200   -15.063 1.00 18.88 ? 243 ASP A N   1 
ATOM   788  C CA  . ASP A 1 107 ? -1.227  3.478   -15.557 1.00 19.48 ? 243 ASP A CA  1 
ATOM   789  C C   . ASP A 1 107 ? -2.650  3.736   -15.095 1.00 18.87 ? 243 ASP A C   1 
ATOM   790  O O   . ASP A 1 107 ? -3.031  4.854   -14.743 1.00 18.17 ? 243 ASP A O   1 
ATOM   791  C CB  . ASP A 1 107 ? -1.164  3.475   -17.093 1.00 20.88 ? 243 ASP A CB  1 
ATOM   792  C CG  . ASP A 1 107 ? 0.207   3.848   -17.626 1.00 24.29 ? 243 ASP A CG  1 
ATOM   793  O OD1 . ASP A 1 107 ? 1.171   3.933   -16.828 1.00 26.09 ? 243 ASP A OD1 1 
ATOM   794  O OD2 . ASP A 1 107 ? 0.335   4.028   -18.864 1.00 27.36 ? 243 ASP A OD2 1 
ATOM   795  N N   . GLN A 1 108 ? -3.445  2.668   -15.113 1.00 18.96 ? 244 GLN A N   1 
ATOM   796  C CA  . GLN A 1 108 ? -4.752  2.704   -14.559 1.00 19.65 ? 244 GLN A CA  1 
ATOM   797  C C   . GLN A 1 108 ? -4.804  3.234   -13.111 1.00 17.45 ? 244 GLN A C   1 
ATOM   798  O O   . GLN A 1 108 ? -5.610  4.111   -12.766 1.00 17.26 ? 244 GLN A O   1 
ATOM   799  C CB  . GLN A 1 108 ? -5.306  1.281   -14.626 1.00 20.24 ? 244 GLN A CB  1 
ATOM   800  C CG  . GLN A 1 108 ? -6.745  1.227   -14.261 1.00 26.06 ? 244 GLN A CG  1 
ATOM   801  C CD  . GLN A 1 108 ? -7.581  1.990   -15.227 1.00 29.52 ? 244 GLN A CD  1 
ATOM   802  O OE1 . GLN A 1 108 ? -7.660  1.642   -16.412 1.00 30.78 ? 244 GLN A OE1 1 
ATOM   803  N NE2 . GLN A 1 108 ? -8.234  3.026   -14.741 1.00 31.26 ? 244 GLN A NE2 1 
ATOM   804  N N   . ALA A 1 109 ? -3.981  2.663   -12.244 1.00 15.33 ? 245 ALA A N   1 
ATOM   805  C CA  . ALA A 1 109 ? -3.997  3.096   -10.847 1.00 11.56 ? 245 ALA A CA  1 
ATOM   806  C C   . ALA A 1 109 ? -3.542  4.566   -10.741 1.00 13.11 ? 245 ALA A C   1 
ATOM   807  O O   . ALA A 1 109 ? -4.127  5.356   -9.980  1.00 12.71 ? 245 ALA A O   1 
ATOM   808  C CB  . ALA A 1 109 ? -3.131  2.180   -10.013 1.00 13.44 ? 245 ALA A CB  1 
ATOM   809  N N   . MET A 1 110 ? -2.569  4.918   -11.540 1.00 11.00 ? 246 MET A N   1 
ATOM   810  C CA  . MET A 1 110 ? -2.117  6.328   -11.598 1.00 12.71 ? 246 MET A CA  1 
ATOM   811  C C   . MET A 1 110 ? -3.207  7.319   -12.048 1.00 13.75 ? 246 MET A C   1 
ATOM   812  O O   . MET A 1 110 ? -3.301  8.412   -11.490 1.00 14.45 ? 246 MET A O   1 
ATOM   813  C CB  . MET A 1 110 ? -0.873  6.484   -12.462 1.00 13.28 ? 246 MET A CB  1 
ATOM   814  C CG  . MET A 1 110 ? 0.449   5.924   -11.943 1.00 17.54 ? 246 MET A CG  1 
ATOM   815  S SD  . MET A 1 110 ? 1.003   6.750   -10.438 1.00 25.71 ? 246 MET A SD  1 
ATOM   816  C CE  . MET A 1 110 ? 0.441   8.400   -10.675 1.00 14.33 ? 246 MET A CE  1 
ATOM   817  N N   . ARG A 1 111 ? -3.990  6.950   -13.070 1.00 15.10 ? 247 ARG A N   1 
ATOM   818  C CA  . ARG A 1 111 ? -5.097  7.807   -13.540 1.00 16.07 ? 247 ARG A CA  1 
ATOM   819  C C   . ARG A 1 111 ? -6.150  8.021   -12.447 1.00 17.01 ? 247 ARG A C   1 
ATOM   820  O O   . ARG A 1 111 ? -6.671  9.150   -12.259 1.00 15.81 ? 247 ARG A O   1 
ATOM   821  C CB  . ARG A 1 111 ? -5.782  7.241   -14.827 1.00 16.58 ? 247 ARG A CB  1 
ATOM   822  C CG  . ARG A 1 111 ? -4.891  7.160   -16.102 1.00 18.70 ? 247 ARG A CG  1 
ATOM   823  C CD  . ARG A 1 111 ? -5.705  6.798   -17.379 1.00 23.28 ? 247 ARG A CD  1 
ATOM   824  N NE  . ARG A 1 111 ? -4.826  6.449   -18.514 1.00 21.66 ? 247 ARG A NE  1 
ATOM   825  C CZ  . ARG A 1 111 ? -5.292  6.109   -19.730 1.00 25.87 ? 247 ARG A CZ  1 
ATOM   826  N NH1 . ARG A 1 111 ? -6.612  6.095   -19.938 1.00 28.16 ? 247 ARG A NH1 1 
ATOM   827  N NH2 . ARG A 1 111 ? -4.459  5.786   -20.731 1.00 23.61 ? 247 ARG A NH2 1 
ATOM   828  N N   . ASP A 1 112 ? -6.479  6.941   -11.733 1.00 15.42 ? 248 ASP A N   1 
ATOM   829  C CA  . ASP A 1 112 ? -7.595  6.981   -10.766 1.00 15.99 ? 248 ASP A CA  1 
ATOM   830  C C   . ASP A 1 112 ? -7.309  7.676   -9.444  1.00 15.18 ? 248 ASP A C   1 
ATOM   831  O O   . ASP A 1 112 ? -8.151  8.359   -8.911  1.00 14.82 ? 248 ASP A O   1 
ATOM   832  C CB  . ASP A 1 112 ? -8.087  5.554   -10.535 1.00 15.80 ? 248 ASP A CB  1 
ATOM   833  C CG  . ASP A 1 112 ? -8.740  4.974   -11.772 1.00 20.63 ? 248 ASP A CG  1 
ATOM   834  O OD1 . ASP A 1 112 ? -8.949  5.774   -12.726 1.00 25.03 ? 248 ASP A OD1 1 
ATOM   835  O OD2 . ASP A 1 112 ? -9.087  3.755   -11.812 1.00 21.98 ? 248 ASP A OD2 1 
ATOM   836  N N   . GLN A 1 113 ? -6.105  7.491   -8.932  1.00 15.10 ? 249 GLN A N   1 
ATOM   837  C CA  . GLN A 1 113 ? -5.734  7.895   -7.568  1.00 14.89 ? 249 GLN A CA  1 
ATOM   838  C C   . GLN A 1 113 ? -6.756  7.510   -6.505  1.00 14.13 ? 249 GLN A C   1 
ATOM   839  O O   . GLN A 1 113 ? -7.083  8.316   -5.635  1.00 15.48 ? 249 GLN A O   1 
ATOM   840  C CB  . GLN A 1 113 ? -5.429  9.392   -7.494  1.00 16.46 ? 249 GLN A CB  1 
ATOM   841  C CG  . GLN A 1 113 ? -4.233  9.868   -8.395  1.00 16.07 ? 249 GLN A CG  1 
ATOM   842  C CD  . GLN A 1 113 ? -2.909  9.374   -7.965  1.00 13.49 ? 249 GLN A CD  1 
ATOM   843  O OE1 . GLN A 1 113 ? -2.112  8.877   -8.756  1.00 20.03 ? 249 GLN A OE1 1 
ATOM   844  N NE2 . GLN A 1 113 ? -2.621  9.553   -6.717  1.00 11.74 ? 249 GLN A NE2 1 
ATOM   845  N N   . LYS A 1 114 ? -7.263  6.289   -6.577  1.00 12.84 ? 250 LYS A N   1 
ATOM   846  C CA  . LYS A 1 114 ? -8.054  5.699   -5.471  1.00 13.25 ? 250 LYS A CA  1 
ATOM   847  C C   . LYS A 1 114 ? -7.139  5.571   -4.256  1.00 13.39 ? 250 LYS A C   1 
ATOM   848  O O   . LYS A 1 114 ? -7.620  5.747   -3.140  1.00 14.92 ? 250 LYS A O   1 
ATOM   849  C CB  . LYS A 1 114 ? -8.560  4.312   -5.864  1.00 10.59 ? 250 LYS A CB  1 
ATOM   850  C CG  . LYS A 1 114 ? -9.639  4.384   -7.000  1.00 15.92 ? 250 LYS A CG  1 
ATOM   851  C CD  . LYS A 1 114 ? -9.894  2.984   -7.476  1.00 16.33 ? 250 LYS A CD  1 
ATOM   852  C CE  . LYS A 1 114 ? -11.053 3.044   -8.483  1.00 22.13 ? 250 LYS A CE  1 
ATOM   853  N NZ  . LYS A 1 114 ? -11.013 1.748   -9.252  1.00 20.27 ? 250 LYS A NZ  1 
ATOM   854  N N   . TYR A 1 115 ? -5.839  5.315   -4.466  1.00 12.52 ? 251 TYR A N   1 
ATOM   855  C CA  . TYR A 1 115 ? -4.819  5.535   -3.420  1.00 12.65 ? 251 TYR A CA  1 
ATOM   856  C C   . TYR A 1 115 ? -3.896  6.634   -3.941  1.00 13.10 ? 251 TYR A C   1 
ATOM   857  O O   . TYR A 1 115 ? -3.852  6.846   -5.145  1.00 12.62 ? 251 TYR A O   1 
ATOM   858  C CB  . TYR A 1 115 ? -3.976  4.239   -3.202  1.00 10.91 ? 251 TYR A CB  1 
ATOM   859  C CG  . TYR A 1 115 ? -4.775  3.199   -2.457  1.00 11.16 ? 251 TYR A CG  1 
ATOM   860  C CD1 . TYR A 1 115 ? -4.740  3.134   -1.043  1.00 7.19  ? 251 TYR A CD1 1 
ATOM   861  C CD2 . TYR A 1 115 ? -5.583  2.286   -3.158  1.00 13.45 ? 251 TYR A CD2 1 
ATOM   862  C CE1 . TYR A 1 115 ? -5.524  2.191   -0.346  1.00 13.36 ? 251 TYR A CE1 1 
ATOM   863  C CE2 . TYR A 1 115 ? -6.385  1.331   -2.453  1.00 11.57 ? 251 TYR A CE2 1 
ATOM   864  C CZ  . TYR A 1 115 ? -6.287  1.279   -1.046  1.00 11.97 ? 251 TYR A CZ  1 
ATOM   865  O OH  . TYR A 1 115 ? -7.029  0.337   -0.352  1.00 13.34 ? 251 TYR A OH  1 
ATOM   866  N N   . ASP A 1 116 ? -3.168  7.327   -3.074  1.00 13.56 ? 252 ASP A N   1 
ATOM   867  C CA  . ASP A 1 116 ? -2.260  8.375   -3.588  1.00 14.36 ? 252 ASP A CA  1 
ATOM   868  C C   . ASP A 1 116 ? -0.946  7.744   -4.016  1.00 13.84 ? 252 ASP A C   1 
ATOM   869  O O   . ASP A 1 116 ? -0.255  7.110   -3.201  1.00 12.43 ? 252 ASP A O   1 
ATOM   870  C CB  . ASP A 1 116 ? -1.928  9.410   -2.504  1.00 14.76 ? 252 ASP A CB  1 
ATOM   871  C CG  . ASP A 1 116 ? -3.165  10.186  -2.049  1.00 20.29 ? 252 ASP A CG  1 
ATOM   872  O OD1 . ASP A 1 116 ? -3.746  10.853  -2.903  1.00 27.98 ? 252 ASP A OD1 1 
ATOM   873  O OD2 . ASP A 1 116 ? -3.519  10.136  -0.847  1.00 22.69 ? 252 ASP A OD2 1 
ATOM   874  N N   . ILE A 1 117 ? -0.606  7.915   -5.292  1.00 13.68 ? 253 ILE A N   1 
ATOM   875  C CA  . ILE A 1 117 ? 0.547   7.251   -5.889  1.00 12.93 ? 253 ILE A CA  1 
ATOM   876  C C   . ILE A 1 117 ? 1.254   8.363   -6.697  1.00 12.46 ? 253 ILE A C   1 
ATOM   877  O O   . ILE A 1 117 ? 0.579   9.102   -7.391  1.00 12.85 ? 253 ILE A O   1 
ATOM   878  C CB  . ILE A 1 117 ? 0.076   6.154   -6.831  1.00 14.12 ? 253 ILE A CB  1 
ATOM   879  C CG1 . ILE A 1 117 ? -0.990  5.263   -6.145  1.00 13.55 ? 253 ILE A CG1 1 
ATOM   880  C CG2 . ILE A 1 117 ? 1.284   5.380   -7.395  1.00 13.31 ? 253 ILE A CG2 1 
ATOM   881  C CD1 . ILE A 1 117 ? -1.716  4.357   -7.166  1.00 13.77 ? 253 ILE A CD1 1 
ATOM   882  N N   . ARG A 1 118 ? 2.559   8.537   -6.542  1.00 13.75 ? 254 ARG A N   1 
ATOM   883  C CA  . ARG A 1 118 ? 3.288   9.581   -7.340  1.00 11.73 ? 254 ARG A CA  1 
ATOM   884  C C   . ARG A 1 118 ? 4.326   8.920   -8.182  1.00 11.95 ? 254 ARG A C   1 
ATOM   885  O O   . ARG A 1 118 ? 4.983   7.960   -7.739  1.00 12.35 ? 254 ARG A O   1 
ATOM   886  C CB  . ARG A 1 118 ? 3.921   10.669  -6.440  1.00 12.45 ? 254 ARG A CB  1 
ATOM   887  C CG  . ARG A 1 118 ? 2.853   11.621  -5.903  1.00 8.78  ? 254 ARG A CG  1 
ATOM   888  C CD  . ARG A 1 118 ? 3.446   12.811  -5.135  1.00 11.98 ? 254 ARG A CD  1 
ATOM   889  N NE  . ARG A 1 118 ? 2.377   13.746  -4.802  1.00 15.49 ? 254 ARG A NE  1 
ATOM   890  C CZ  . ARG A 1 118 ? 2.531   14.922  -4.182  1.00 16.52 ? 254 ARG A CZ  1 
ATOM   891  N NH1 . ARG A 1 118 ? 3.726   15.381  -3.884  1.00 18.02 ? 254 ARG A NH1 1 
ATOM   892  N NH2 . ARG A 1 118 ? 1.432   15.655  -3.888  1.00 19.33 ? 254 ARG A NH2 1 
ATOM   893  N N   . GLU A 1 119 ? 4.536   9.421   -9.406  1.00 10.01 ? 255 GLU A N   1 
ATOM   894  C CA  . GLU A 1 119 ? 5.654   8.882   -10.212 1.00 12.27 ? 255 GLU A CA  1 
ATOM   895  C C   . GLU A 1 119 ? 6.930   9.666   -9.918  1.00 13.13 ? 255 GLU A C   1 
ATOM   896  O O   . GLU A 1 119 ? 6.890   10.915  -9.898  1.00 11.00 ? 255 GLU A O   1 
ATOM   897  C CB  . GLU A 1 119 ? 5.297   9.063   -11.692 1.00 12.77 ? 255 GLU A CB  1 
ATOM   898  C CG  . GLU A 1 119 ? 6.198   8.245   -12.618 1.00 15.99 ? 255 GLU A CG  1 
ATOM   899  C CD  . GLU A 1 119 ? 5.471   7.857   -13.883 1.00 22.88 ? 255 GLU A CD  1 
ATOM   900  O OE1 . GLU A 1 119 ? 4.699   8.694   -14.393 1.00 23.65 ? 255 GLU A OE1 1 
ATOM   901  O OE2 . GLU A 1 119 ? 5.655   6.716   -14.330 1.00 26.62 ? 255 GLU A OE2 1 
ATOM   902  N N   . GLY A 1 120 ? 8.060   8.990   -9.724  1.00 12.67 ? 256 GLY A N   1 
ATOM   903  C CA  . GLY A 1 120 ? 9.263   9.813   -9.435  1.00 14.06 ? 256 GLY A CA  1 
ATOM   904  C C   . GLY A 1 120 ? 10.540  9.208   -10.010 1.00 15.77 ? 256 GLY A C   1 
ATOM   905  O O   . GLY A 1 120 ? 10.661  7.979   -10.231 1.00 14.68 ? 256 GLY A O   1 
ATOM   906  N N   . LYS A 1 121 ? 11.495  10.109  -10.205 1.00 16.45 ? 257 LYS A N   1 
ATOM   907  C CA  . LYS A 1 121 ? 12.769  9.778   -10.779 1.00 18.58 ? 257 LYS A CA  1 
ATOM   908  C C   . LYS A 1 121 ? 13.815  9.600   -9.637  1.00 17.90 ? 257 LYS A C   1 
ATOM   909  O O   . LYS A 1 121 ? 14.052  10.508  -8.895  1.00 16.79 ? 257 LYS A O   1 
ATOM   910  C CB  . LYS A 1 121 ? 13.243  10.861  -11.753 1.00 17.96 ? 257 LYS A CB  1 
ATOM   911  C CG  . LYS A 1 121 ? 14.596  10.406  -12.436 1.00 21.54 ? 257 LYS A CG  1 
ATOM   912  C CD  . LYS A 1 121 ? 15.214  11.518  -13.224 1.00 25.93 ? 257 LYS A CD  1 
ATOM   913  C CE  . LYS A 1 121 ? 16.533  11.055  -13.868 1.00 27.48 ? 257 LYS A CE  1 
ATOM   914  N NZ  . LYS A 1 121 ? 16.338  9.949   -14.928 1.00 31.93 ? 257 LYS A NZ  1 
ATOM   915  N N   . LYS A 1 122 ? 14.387  8.411   -9.509  1.00 17.95 ? 258 LYS A N   1 
ATOM   916  C CA  . LYS A 1 122 ? 15.414  8.179   -8.467  1.00 17.61 ? 258 LYS A CA  1 
ATOM   917  C C   . LYS A 1 122 ? 16.795  8.728   -8.804  1.00 18.33 ? 258 LYS A C   1 
ATOM   918  O O   . LYS A 1 122 ? 17.140  8.911   -9.982  1.00 18.71 ? 258 LYS A O   1 
ATOM   919  C CB  . LYS A 1 122 ? 15.543  6.687   -8.192  1.00 19.63 ? 258 LYS A CB  1 
ATOM   920  C CG  . LYS A 1 122 ? 14.212  6.067   -7.751  1.00 24.72 ? 258 LYS A CG  1 
ATOM   921  C CD  . LYS A 1 122 ? 14.327  5.088   -6.568  1.00 29.48 ? 258 LYS A CD  1 
ATOM   922  C CE  . LYS A 1 122 ? 14.765  3.720   -6.982  1.00 30.92 ? 258 LYS A CE  1 
ATOM   923  N NZ  . LYS A 1 122 ? 13.829  2.703   -6.381  1.00 31.86 ? 258 LYS A NZ  1 
ATOM   924  N N   . PRO A 1 123 ? 17.613  8.956   -7.772  1.00 17.74 ? 259 PRO A N   1 
ATOM   925  C CA  . PRO A 1 123 ? 19.027  9.217   -8.099  1.00 19.79 ? 259 PRO A CA  1 
ATOM   926  C C   . PRO A 1 123 ? 19.665  7.874   -8.569  1.00 21.08 ? 259 PRO A C   1 
ATOM   927  O O   . PRO A 1 123 ? 19.058  6.772   -8.372  1.00 22.21 ? 259 PRO A O   1 
ATOM   928  C CB  . PRO A 1 123 ? 19.643  9.640   -6.733  1.00 20.35 ? 259 PRO A CB  1 
ATOM   929  C CG  . PRO A 1 123 ? 18.559  9.600   -5.735  1.00 19.82 ? 259 PRO A CG  1 
ATOM   930  C CD  . PRO A 1 123 ? 17.339  8.949   -6.334  1.00 16.70 ? 259 PRO A CD  1 
ATOM   931  N N   . GLY A 1 124 ? 20.849  7.923   -9.163  1.00 23.39 ? 260 GLY A N   1 
ATOM   932  C CA  . GLY A 1 124 ? 21.541  6.677   -9.550  1.00 24.99 ? 260 GLY A CA  1 
ATOM   933  C C   . GLY A 1 124 ? 21.817  6.621   -11.048 1.00 26.30 ? 260 GLY A C   1 
ATOM   934  O O   . GLY A 1 124 ? 21.313  7.441   -11.783 1.00 26.14 ? 260 GLY A O   1 
ATOM   935  N N   . ALA A 1 125 ? 22.627  5.640   -11.496 1.00 27.92 ? 261 ALA A N   1 
ATOM   936  C CA  . ALA A 1 125 ? 23.243  5.692   -12.834 1.00 28.24 ? 261 ALA A CA  1 
ATOM   937  C C   . ALA A 1 125 ? 22.211  5.772   -13.953 1.00 29.04 ? 261 ALA A C   1 
ATOM   938  O O   . ALA A 1 125 ? 22.383  6.528   -14.937 1.00 29.05 ? 261 ALA A O   1 
ATOM   939  C CB  . ALA A 1 125 ? 24.160  4.484   -13.069 1.00 28.45 ? 261 ALA A CB  1 
ATOM   940  N N   . PHE A 1 126 ? 21.167  4.954   -13.817 1.00 28.82 ? 262 PHE A N   1 
ATOM   941  C CA  . PHE A 1 126 ? 20.144  4.826   -14.851 1.00 28.32 ? 262 PHE A CA  1 
ATOM   942  C C   . PHE A 1 126 ? 18.995  5.786   -14.571 1.00 28.39 ? 262 PHE A C   1 
ATOM   943  O O   . PHE A 1 126 ? 18.136  6.033   -15.470 1.00 28.15 ? 262 PHE A O   1 
ATOM   944  C CB  . PHE A 1 126 ? 19.633  3.373   -14.947 1.00 28.41 ? 262 PHE A CB  1 
ATOM   945  C CG  . PHE A 1 126 ? 20.660  2.400   -15.475 1.00 28.85 ? 262 PHE A CG  1 
ATOM   946  C CD1 . PHE A 1 126 ? 21.122  1.342   -14.692 1.00 32.33 ? 262 PHE A CD1 1 
ATOM   947  C CD2 . PHE A 1 126 ? 21.206  2.571   -16.766 1.00 34.45 ? 262 PHE A CD2 1 
ATOM   948  C CE1 . PHE A 1 126 ? 22.094  0.423   -15.198 1.00 30.66 ? 262 PHE A CE1 1 
ATOM   949  C CE2 . PHE A 1 126 ? 22.185  1.679   -17.280 1.00 34.45 ? 262 PHE A CE2 1 
ATOM   950  C CZ  . PHE A 1 126 ? 22.633  0.607   -16.489 1.00 34.46 ? 262 PHE A CZ  1 
ATOM   951  N N   . GLY A 1 127 ? 18.959  6.304   -13.331 1.00 28.22 ? 263 GLY A N   1 
ATOM   952  C CA  . GLY A 1 127 ? 17.960  7.328   -12.976 1.00 27.33 ? 263 GLY A CA  1 
ATOM   953  C C   . GLY A 1 127 ? 16.548  6.788   -13.157 1.00 24.76 ? 263 GLY A C   1 
ATOM   954  O O   . GLY A 1 127 ? 15.756  7.341   -13.934 1.00 27.87 ? 263 GLY A O   1 
ATOM   955  N N   . ASN A 1 128 ? 16.238  5.697   -12.474 1.00 23.80 ? 264 ASN A N   1 
ATOM   956  C CA  . ASN A 1 128 ? 14.998  4.963   -12.724 1.00 22.47 ? 264 ASN A CA  1 
ATOM   957  C C   . ASN A 1 128 ? 13.725  5.734   -12.375 1.00 20.67 ? 264 ASN A C   1 
ATOM   958  O O   . ASN A 1 128 ? 13.644  6.341   -11.306 1.00 20.25 ? 264 ASN A O   1 
ATOM   959  C CB  . ASN A 1 128 ? 15.010  3.647   -11.956 1.00 23.95 ? 264 ASN A CB  1 
ATOM   960  C CG  . ASN A 1 128 ? 16.109  2.720   -12.403 1.00 28.10 ? 264 ASN A CG  1 
ATOM   961  O OD1 . ASN A 1 128 ? 16.420  2.649   -13.583 1.00 27.76 ? 264 ASN A OD1 1 
ATOM   962  N ND2 . ASN A 1 128 ? 16.702  2.004   -11.453 1.00 32.85 ? 264 ASN A ND2 1 
ATOM   963  N N   . ILE A 1 129 ? 12.727  5.693   -13.251 1.00 18.02 ? 265 ILE A N   1 
ATOM   964  C CA  . ILE A 1 129 ? 11.467  6.346   -12.969 1.00 17.15 ? 265 ILE A CA  1 
ATOM   965  C C   . ILE A 1 129 ? 10.484  5.276   -12.480 1.00 15.72 ? 265 ILE A C   1 
ATOM   966  O O   . ILE A 1 129 ? 10.231  4.309   -13.194 1.00 17.39 ? 265 ILE A O   1 
ATOM   967  C CB  . ILE A 1 129 ? 10.947  7.183   -14.166 1.00 17.98 ? 265 ILE A CB  1 
ATOM   968  C CG1 . ILE A 1 129 ? 11.880  8.420   -14.407 1.00 19.05 ? 265 ILE A CG1 1 
ATOM   969  C CG2 . ILE A 1 129 ? 9.525   7.639   -13.898 1.00 14.53 ? 265 ILE A CG2 1 
ATOM   970  C CD1 . ILE A 1 129 ? 11.595  9.219   -15.723 1.00 17.33 ? 265 ILE A CD1 1 
ATOM   971  N N   . GLU A 1 130 ? 9.987   5.440   -11.258 1.00 13.48 ? 266 GLU A N   1 
ATOM   972  C CA  . GLU A 1 130 ? 9.180   4.372   -10.614 1.00 13.11 ? 266 GLU A CA  1 
ATOM   973  C C   . GLU A 1 130 ? 7.897   4.945   -10.091 1.00 13.72 ? 266 GLU A C   1 
ATOM   974  O O   . GLU A 1 130 ? 7.706   6.185   -10.103 1.00 14.85 ? 266 GLU A O   1 
ATOM   975  C CB  . GLU A 1 130 ? 10.010  3.695   -9.511  1.00 14.52 ? 266 GLU A CB  1 
ATOM   976  C CG  . GLU A 1 130 ? 11.128  2.843   -10.141 1.00 15.65 ? 266 GLU A CG  1 
ATOM   977  C CD  . GLU A 1 130 ? 12.049  2.139   -9.146  1.00 20.98 ? 266 GLU A CD  1 
ATOM   978  O OE1 . GLU A 1 130 ? 11.821  2.326   -7.924  1.00 22.85 ? 266 GLU A OE1 1 
ATOM   979  O OE2 . GLU A 1 130 ? 12.972  1.369   -9.640  1.00 24.13 ? 266 GLU A OE2 1 
ATOM   980  N N   . ARG A 1 131 ? 6.959   4.080   -9.708  1.00 11.90 ? 267 ARG A N   1 
ATOM   981  C CA  . ARG A 1 131 ? 5.737   4.564   -9.035  1.00 12.96 ? 267 ARG A CA  1 
ATOM   982  C C   . ARG A 1 131 ? 5.788   4.291   -7.541  1.00 11.37 ? 267 ARG A C   1 
ATOM   983  O O   . ARG A 1 131 ? 6.215   3.148   -7.105  1.00 12.05 ? 267 ARG A O   1 
ATOM   984  C CB  . ARG A 1 131 ? 4.471   4.000   -9.706  1.00 13.13 ? 267 ARG A CB  1 
ATOM   985  C CG  . ARG A 1 131 ? 4.175   4.851   -10.945 1.00 16.92 ? 267 ARG A CG  1 
ATOM   986  C CD  . ARG A 1 131 ? 3.859   4.086   -12.080 1.00 21.77 ? 267 ARG A CD  1 
ATOM   987  N NE  . ARG A 1 131 ? 3.872   4.881   -13.348 1.00 23.23 ? 267 ARG A NE  1 
ATOM   988  C CZ  . ARG A 1 131 ? 3.060   4.638   -14.358 1.00 23.74 ? 267 ARG A CZ  1 
ATOM   989  N NH1 . ARG A 1 131 ? 2.144   3.678   -14.231 1.00 26.75 ? 267 ARG A NH1 1 
ATOM   990  N NH2 . ARG A 1 131 ? 3.156   5.353   -15.488 1.00 18.30 ? 267 ARG A NH2 1 
ATOM   991  N N   . PHE A 1 132 ? 5.399   5.316   -6.749  1.00 11.20 ? 268 PHE A N   1 
ATOM   992  C CA  . PHE A 1 132 ? 5.632   5.335   -5.313  1.00 11.54 ? 268 PHE A CA  1 
ATOM   993  C C   . PHE A 1 132 ? 4.286   5.455   -4.588  1.00 11.15 ? 268 PHE A C   1 
ATOM   994  O O   . PHE A 1 132 ? 3.496   6.416   -4.820  1.00 12.17 ? 268 PHE A O   1 
ATOM   995  C CB  . PHE A 1 132 ? 6.492   6.529   -4.899  1.00 10.02 ? 268 PHE A CB  1 
ATOM   996  C CG  . PHE A 1 132 ? 7.887   6.455   -5.361  1.00 13.10 ? 268 PHE A CG  1 
ATOM   997  C CD1 . PHE A 1 132 ? 8.894   6.123   -4.483  1.00 12.86 ? 268 PHE A CD1 1 
ATOM   998  C CD2 . PHE A 1 132 ? 8.186   6.701   -6.679  1.00 13.48 ? 268 PHE A CD2 1 
ATOM   999  C CE1 . PHE A 1 132 ? 10.268  6.098   -4.941  1.00 11.08 ? 268 PHE A CE1 1 
ATOM   1000 C CE2 . PHE A 1 132 ? 9.483   6.678   -7.159  1.00 9.14  ? 268 PHE A CE2 1 
ATOM   1001 C CZ  . PHE A 1 132 ? 10.526  6.349   -6.311  1.00 14.42 ? 268 PHE A CZ  1 
ATOM   1002 N N   . ILE A 1 133 ? 3.992   4.482   -3.725  1.00 11.69 ? 269 ILE A N   1 
ATOM   1003 C CA  . ILE A 1 133 ? 2.737   4.569   -2.954  1.00 10.47 ? 269 ILE A CA  1 
ATOM   1004 C C   . ILE A 1 133 ? 2.944   5.517   -1.783  1.00 11.27 ? 269 ILE A C   1 
ATOM   1005 O O   . ILE A 1 133 ? 4.031   5.508   -1.146  1.00 10.99 ? 269 ILE A O   1 
ATOM   1006 C CB  . ILE A 1 133 ? 2.324   3.112   -2.503  1.00 11.77 ? 269 ILE A CB  1 
ATOM   1007 C CG1 . ILE A 1 133 ? 0.907   3.122   -1.931  1.00 11.46 ? 269 ILE A CG1 1 
ATOM   1008 C CG2 . ILE A 1 133 ? 3.423   2.447   -1.626  1.00 10.79 ? 269 ILE A CG2 1 
ATOM   1009 C CD1 . ILE A 1 133 ? -0.164  3.451   -3.001  1.00 15.65 ? 269 ILE A CD1 1 
ATOM   1010 N N   . TYR A 1 134 ? 1.958   6.373   -1.517  1.00 10.73 ? 270 TYR A N   1 
ATOM   1011 C CA  . TYR A 1 134 ? 2.093   7.244   -0.343  1.00 11.45 ? 270 TYR A CA  1 
ATOM   1012 C C   . TYR A 1 134 ? 1.690   6.474   0.913   1.00 13.84 ? 270 TYR A C   1 
ATOM   1013 O O   . TYR A 1 134 ? 0.650   5.756   0.885   1.00 11.88 ? 270 TYR A O   1 
ATOM   1014 C CB  . TYR A 1 134 ? 1.213   8.518   -0.511  1.00 13.28 ? 270 TYR A CB  1 
ATOM   1015 C CG  . TYR A 1 134 ? 1.220   9.412   0.719   1.00 10.75 ? 270 TYR A CG  1 
ATOM   1016 C CD1 . TYR A 1 134 ? 2.399   10.108  1.116   1.00 10.96 ? 270 TYR A CD1 1 
ATOM   1017 C CD2 . TYR A 1 134 ? 0.065   9.587   1.456   1.00 14.18 ? 270 TYR A CD2 1 
ATOM   1018 C CE1 . TYR A 1 134 ? 2.388   10.925  2.251   1.00 11.36 ? 270 TYR A CE1 1 
ATOM   1019 C CE2 . TYR A 1 134 ? 0.038   10.437  2.582   1.00 14.26 ? 270 TYR A CE2 1 
ATOM   1020 C CZ  . TYR A 1 134 ? 1.210   11.107  2.967   1.00 13.19 ? 270 TYR A CZ  1 
ATOM   1021 O OH  . TYR A 1 134 ? 1.208   11.932  4.079   1.00 15.23 ? 270 TYR A OH  1 
ATOM   1022 N N   . LEU A 1 135 ? 2.513   6.578   1.972   1.00 11.23 ? 271 LEU A N   1 
ATOM   1023 C CA  . LEU A 1 135 ? 2.227   5.966   3.272   1.00 13.33 ? 271 LEU A CA  1 
ATOM   1024 C C   . LEU A 1 135 ? 1.974   7.057   4.292   1.00 13.17 ? 271 LEU A C   1 
ATOM   1025 O O   . LEU A 1 135 ? 2.895   7.627   4.872   1.00 14.65 ? 271 LEU A O   1 
ATOM   1026 C CB  . LEU A 1 135 ? 3.378   5.047   3.730   1.00 11.75 ? 271 LEU A CB  1 
ATOM   1027 C CG  . LEU A 1 135 ? 3.989   4.071   2.710   1.00 13.41 ? 271 LEU A CG  1 
ATOM   1028 C CD1 . LEU A 1 135 ? 5.282   3.343   3.193   1.00 12.93 ? 271 LEU A CD1 1 
ATOM   1029 C CD2 . LEU A 1 135 ? 2.968   2.993   2.413   1.00 12.78 ? 271 LEU A CD2 1 
ATOM   1030 N N   . LYS A 1 136 ? 0.702   7.300   4.549   1.00 14.61 ? 272 LYS A N   1 
ATOM   1031 C CA  . LYS A 1 136 ? 0.270   8.377   5.470   1.00 13.63 ? 272 LYS A CA  1 
ATOM   1032 C C   . LYS A 1 136 ? 0.767   8.191   6.862   1.00 13.76 ? 272 LYS A C   1 
ATOM   1033 O O   . LYS A 1 136 ? 1.184   9.169   7.486   1.00 13.08 ? 272 LYS A O   1 
ATOM   1034 C CB  . LYS A 1 136 ? -1.261  8.397   5.461   1.00 13.95 ? 272 LYS A CB  1 
ATOM   1035 C CG  . LYS A 1 136 ? -1.930  9.390   6.449   1.00 14.29 ? 272 LYS A CG  1 
ATOM   1036 C CD  . LYS A 1 136 ? -1.409  10.836  6.276   1.00 14.57 ? 272 LYS A CD  1 
ATOM   1037 C CE  . LYS A 1 136 ? -2.367  11.852  6.973   1.00 17.45 ? 272 LYS A CE  1 
ATOM   1038 N NZ  . LYS A 1 136 ? -1.862  13.286  6.818   1.00 17.74 ? 272 LYS A NZ  1 
ATOM   1039 N N   . SER A 1 137 ? 0.754   6.929   7.330   1.00 15.19 ? 273 SER A N   1 
ATOM   1040 C CA  . SER A 1 137 ? 1.254   6.538   8.654   1.00 17.76 ? 273 SER A CA  1 
ATOM   1041 C C   . SER A 1 137 ? 2.622   7.110   8.956   1.00 17.29 ? 273 SER A C   1 
ATOM   1042 O O   . SER A 1 137 ? 2.903   7.521   10.100  1.00 18.26 ? 273 SER A O   1 
ATOM   1043 C CB  . SER A 1 137 ? 1.336   5.003   8.719   1.00 18.45 ? 273 SER A CB  1 
ATOM   1044 O OG  . SER A 1 137 ? 0.001   4.523   8.700   1.00 26.79 ? 273 SER A OG  1 
ATOM   1045 N N   . ILE A 1 138 ? 3.471   7.142   7.942   1.00 12.18 ? 274 ILE A N   1 
ATOM   1046 C CA  . ILE A 1 138 ? 4.805   7.728   8.139   1.00 11.55 ? 274 ILE A CA  1 
ATOM   1047 C C   . ILE A 1 138 ? 5.073   8.956   7.265   1.00 10.87 ? 274 ILE A C   1 
ATOM   1048 O O   . ILE A 1 138 ? 6.234   9.455   7.218   1.00 13.36 ? 274 ILE A O   1 
ATOM   1049 C CB  . ILE A 1 138 ? 5.945   6.598   7.996   1.00 9.40  ? 274 ILE A CB  1 
ATOM   1050 C CG1 . ILE A 1 138 ? 5.889   5.997   6.571   1.00 10.34 ? 274 ILE A CG1 1 
ATOM   1051 C CG2 . ILE A 1 138 ? 5.741   5.473   9.055   1.00 9.01  ? 274 ILE A CG2 1 
ATOM   1052 C CD1 . ILE A 1 138 ? 7.033   5.036   6.200   1.00 12.11 ? 274 ILE A CD1 1 
ATOM   1053 N N   . ASN A 1 139 ? 4.024   9.480   6.595   1.00 12.98 ? 275 ASN A N   1 
ATOM   1054 C CA  . ASN A 1 139 ? 4.097   10.595  5.615   1.00 11.31 ? 275 ASN A CA  1 
ATOM   1055 C C   . ASN A 1 139 ? 5.340   10.519  4.716   1.00 12.61 ? 275 ASN A C   1 
ATOM   1056 O O   . ASN A 1 139 ? 6.185   11.427  4.714   1.00 12.38 ? 275 ASN A O   1 
ATOM   1057 C CB  . ASN A 1 139 ? 4.073   11.948  6.380   1.00 13.10 ? 275 ASN A CB  1 
ATOM   1058 C CG  . ASN A 1 139 ? 3.986   13.166  5.461   1.00 12.04 ? 275 ASN A CG  1 
ATOM   1059 O OD1 . ASN A 1 139 ? 3.220   13.193  4.503   1.00 14.45 ? 275 ASN A OD1 1 
ATOM   1060 N ND2 . ASN A 1 139 ? 4.726   14.233  5.833   1.00 12.52 ? 275 ASN A ND2 1 
ATOM   1061 N N   . ALA A 1 140 ? 5.430   9.455   3.921   1.00 11.42 ? 276 ALA A N   1 
ATOM   1062 C CA  . ALA A 1 140 ? 6.588   9.238   3.093   1.00 11.76 ? 276 ALA A CA  1 
ATOM   1063 C C   . ALA A 1 140 ? 6.084   8.281   2.029   1.00 11.17 ? 276 ALA A C   1 
ATOM   1064 O O   . ALA A 1 140 ? 4.983   7.655   2.157   1.00 11.87 ? 276 ALA A O   1 
ATOM   1065 C CB  . ALA A 1 140 ? 7.774   8.653   3.890   1.00 11.79 ? 276 ALA A CB  1 
ATOM   1066 N N   . TYR A 1 141 ? 6.931   8.081   1.043   1.00 9.85  ? 277 TYR A N   1 
ATOM   1067 C CA  . TYR A 1 141 ? 6.568   7.316   -0.159  1.00 9.27  ? 277 TYR A CA  1 
ATOM   1068 C C   . TYR A 1 141 ? 7.456   6.079   -0.233  1.00 10.74 ? 277 TYR A C   1 
ATOM   1069 O O   . TYR A 1 141 ? 8.605   6.082   0.188   1.00 10.09 ? 277 TYR A O   1 
ATOM   1070 C CB  . TYR A 1 141 ? 6.819   8.165   -1.399  1.00 8.31  ? 277 TYR A CB  1 
ATOM   1071 C CG  . TYR A 1 141 ? 5.812   9.217   -1.588  1.00 10.89 ? 277 TYR A CG  1 
ATOM   1072 C CD1 . TYR A 1 141 ? 4.660   8.966   -2.353  1.00 9.46  ? 277 TYR A CD1 1 
ATOM   1073 C CD2 . TYR A 1 141 ? 5.970   10.445  -0.975  1.00 11.52 ? 277 TYR A CD2 1 
ATOM   1074 C CE1 . TYR A 1 141 ? 3.636   10.008  -2.496  1.00 12.21 ? 277 TYR A CE1 1 
ATOM   1075 C CE2 . TYR A 1 141 ? 5.003   11.478  -1.125  1.00 15.35 ? 277 TYR A CE2 1 
ATOM   1076 C CZ  . TYR A 1 141 ? 3.867   11.246  -1.881  1.00 14.52 ? 277 TYR A CZ  1 
ATOM   1077 O OH  . TYR A 1 141 ? 2.950   12.277  -1.997  1.00 16.96 ? 277 TYR A OH  1 
ATOM   1078 N N   . CYS A 1 142 ? 6.917   5.027   -0.815  1.00 9.70  ? 278 CYS A N   1 
ATOM   1079 C CA  . CYS A 1 142 ? 7.727   3.767   -0.931  1.00 10.83 ? 278 CYS A CA  1 
ATOM   1080 C C   . CYS A 1 142 ? 7.557   3.243   -2.374  1.00 9.53  ? 278 CYS A C   1 
ATOM   1081 O O   . CYS A 1 142 ? 6.429   3.297   -2.915  1.00 10.52 ? 278 CYS A O   1 
ATOM   1082 C CB  . CYS A 1 142 ? 7.208   2.738   0.100   1.00 11.42 ? 278 CYS A CB  1 
ATOM   1083 S SG  . CYS A 1 142 ? 8.321   1.281   0.169   1.00 14.74 ? 278 CYS A SG  1 
ATOM   1084 N N   . SER A 1 143 ? 8.650   2.834   -3.036  1.00 7.69  ? 279 SER A N   1 
ATOM   1085 C CA  . SER A 1 143 ? 8.622   2.404   -4.463  1.00 9.19  ? 279 SER A CA  1 
ATOM   1086 C C   . SER A 1 143 ? 7.881   1.056   -4.598  1.00 8.38  ? 279 SER A C   1 
ATOM   1087 O O   . SER A 1 143 ? 8.319   0.098   -3.946  1.00 10.46 ? 279 SER A O   1 
ATOM   1088 C CB  . SER A 1 143 ? 10.028  2.175   -4.954  1.00 10.61 ? 279 SER A CB  1 
ATOM   1089 O OG  . SER A 1 143 ? 9.957   1.681   -6.290  1.00 11.42 ? 279 SER A OG  1 
ATOM   1090 N N   . LEU A 1 144 ? 6.869   0.986   -5.466  1.00 9.17  ? 280 LEU A N   1 
ATOM   1091 C CA  . LEU A 1 144 ? 6.148   -0.254  -5.791  1.00 11.25 ? 280 LEU A CA  1 
ATOM   1092 C C   . LEU A 1 144 ? 7.099   -1.305  -6.473  1.00 13.44 ? 280 LEU A C   1 
ATOM   1093 O O   . LEU A 1 144 ? 6.954   -2.549  -6.315  1.00 13.52 ? 280 LEU A O   1 
ATOM   1094 C CB  . LEU A 1 144 ? 4.902   0.098   -6.659  1.00 11.95 ? 280 LEU A CB  1 
ATOM   1095 C CG  . LEU A 1 144 ? 3.878   0.848   -5.775  1.00 12.01 ? 280 LEU A CG  1 
ATOM   1096 C CD1 . LEU A 1 144 ? 2.873   1.570   -6.725  1.00 11.49 ? 280 LEU A CD1 1 
ATOM   1097 C CD2 . LEU A 1 144 ? 3.184   -0.172  -4.786  1.00 11.18 ? 280 LEU A CD2 1 
ATOM   1098 N N   . SER A 1 145 ? 8.137   -0.759  -7.123  1.00 14.10 ? 281 SER A N   1 
ATOM   1099 C CA  . SER A 1 145 ? 9.175   -1.553  -7.763  1.00 15.18 ? 281 SER A CA  1 
ATOM   1100 C C   . SER A 1 145 ? 9.951   -2.303  -6.709  1.00 14.97 ? 281 SER A C   1 
ATOM   1101 O O   . SER A 1 145 ? 10.140  -3.501  -6.866  1.00 16.53 ? 281 SER A O   1 
ATOM   1102 C CB  . SER A 1 145 ? 10.143  -0.724  -8.632  1.00 15.67 ? 281 SER A CB  1 
ATOM   1103 O OG  . SER A 1 145 ? 9.460   -0.282  -9.823  1.00 17.56 ? 281 SER A OG  1 
ATOM   1104 N N   . ASP A 1 146 ? 10.307  -1.634  -5.613  1.00 12.26 ? 282 ASP A N   1 
ATOM   1105 C CA  . ASP A 1 146 ? 11.039  -2.244  -4.529  1.00 13.63 ? 282 ASP A CA  1 
ATOM   1106 C C   . ASP A 1 146 ? 10.181  -3.303  -3.780  1.00 13.88 ? 282 ASP A C   1 
ATOM   1107 O O   . ASP A 1 146 ? 10.618  -4.423  -3.576  1.00 13.09 ? 282 ASP A O   1 
ATOM   1108 C CB  . ASP A 1 146 ? 11.513  -1.195  -3.495  1.00 13.01 ? 282 ASP A CB  1 
ATOM   1109 C CG  . ASP A 1 146 ? 12.568  -0.226  -4.011  1.00 16.12 ? 282 ASP A CG  1 
ATOM   1110 O OD1 . ASP A 1 146 ? 12.964  -0.338  -5.191  1.00 20.38 ? 282 ASP A OD1 1 
ATOM   1111 O OD2 . ASP A 1 146 ? 13.034  0.651   -3.208  1.00 19.80 ? 282 ASP A OD2 1 
ATOM   1112 N N   . ILE A 1 147 ? 8.957   -2.927  -3.386  1.00 11.94 ? 283 ILE A N   1 
ATOM   1113 C CA  . ILE A 1 147 ? 8.046   -3.832  -2.636  1.00 11.13 ? 283 ILE A CA  1 
ATOM   1114 C C   . ILE A 1 147 ? 7.819   -5.166  -3.415  1.00 9.98  ? 283 ILE A C   1 
ATOM   1115 O O   . ILE A 1 147 ? 7.772   -6.234  -2.822  1.00 10.40 ? 283 ILE A O   1 
ATOM   1116 C CB  . ILE A 1 147 ? 6.682   -3.098  -2.377  1.00 12.01 ? 283 ILE A CB  1 
ATOM   1117 C CG1 . ILE A 1 147 ? 6.962   -1.863  -1.490  1.00 7.43  ? 283 ILE A CG1 1 
ATOM   1118 C CG2 . ILE A 1 147 ? 5.603   -4.091  -1.838  1.00 11.07 ? 283 ILE A CG2 1 
ATOM   1119 C CD1 . ILE A 1 147 ? 5.753   -0.898  -1.371  1.00 7.07  ? 283 ILE A CD1 1 
ATOM   1120 N N   . ALA A 1 148 ? 7.591   -5.089  -4.714  1.00 12.31 ? 284 ALA A N   1 
ATOM   1121 C CA  . ALA A 1 148 ? 7.242   -6.219  -5.525  1.00 12.71 ? 284 ALA A CA  1 
ATOM   1122 C C   . ALA A 1 148 ? 8.409   -6.911  -6.288  1.00 13.97 ? 284 ALA A C   1 
ATOM   1123 O O   . ALA A 1 148 ? 8.172   -7.742  -7.175  1.00 12.72 ? 284 ALA A O   1 
ATOM   1124 C CB  . ALA A 1 148 ? 6.070   -5.840  -6.498  1.00 14.28 ? 284 ALA A CB  1 
ATOM   1125 N N   . ALA A 1 149 ? 9.644   -6.596  -5.935  1.00 12.84 ? 285 ALA A N   1 
ATOM   1126 C CA  . ALA A 1 149 ? 10.839  -7.160  -6.615  1.00 14.85 ? 285 ALA A CA  1 
ATOM   1127 C C   . ALA A 1 149 ? 10.967  -8.643  -6.342  1.00 15.00 ? 285 ALA A C   1 
ATOM   1128 O O   . ALA A 1 149 ? 10.506  -9.169  -5.355  1.00 14.95 ? 285 ALA A O   1 
ATOM   1129 C CB  . ALA A 1 149 ? 12.112  -6.479  -6.156  1.00 13.78 ? 285 ALA A CB  1 
ATOM   1130 N N   . TYR A 1 150 ? 11.619  -9.310  -7.264  1.00 16.61 ? 286 TYR A N   1 
ATOM   1131 C CA  . TYR A 1 150 ? 11.864  -10.740 -7.149  1.00 17.89 ? 286 TYR A CA  1 
ATOM   1132 C C   . TYR A 1 150 ? 12.449  -11.025 -5.777  1.00 16.53 ? 286 TYR A C   1 
ATOM   1133 O O   . TYR A 1 150 ? 13.432  -10.397 -5.364  1.00 17.25 ? 286 TYR A O   1 
ATOM   1134 C CB  . TYR A 1 150 ? 12.800  -11.162 -8.268  1.00 18.90 ? 286 TYR A CB  1 
ATOM   1135 C CG  . TYR A 1 150 ? 13.053  -12.637 -8.363  1.00 24.38 ? 286 TYR A CG  1 
ATOM   1136 C CD1 . TYR A 1 150 ? 12.040  -13.519 -8.747  1.00 25.22 ? 286 TYR A CD1 1 
ATOM   1137 C CD2 . TYR A 1 150 ? 14.342  -13.153 -8.113  1.00 26.50 ? 286 TYR A CD2 1 
ATOM   1138 C CE1 . TYR A 1 150 ? 12.298  -14.888 -8.856  1.00 29.87 ? 286 TYR A CE1 1 
ATOM   1139 C CE2 . TYR A 1 150 ? 14.602  -14.476 -8.217  1.00 29.36 ? 286 TYR A CE2 1 
ATOM   1140 C CZ  . TYR A 1 150 ? 13.598  -15.357 -8.595  1.00 30.88 ? 286 TYR A CZ  1 
ATOM   1141 O OH  . TYR A 1 150 ? 13.950  -16.691 -8.702  1.00 30.53 ? 286 TYR A OH  1 
ATOM   1142 N N   . HIS A 1 151 ? 11.773  -11.916 -5.043  1.00 14.83 ? 287 HIS A N   1 
ATOM   1143 C CA  . HIS A 1 151 ? 12.190  -12.303 -3.663  1.00 15.86 ? 287 HIS A CA  1 
ATOM   1144 C C   . HIS A 1 151 ? 12.111  -11.257 -2.553  1.00 13.44 ? 287 HIS A C   1 
ATOM   1145 O O   . HIS A 1 151 ? 12.582  -11.537 -1.429  1.00 12.35 ? 287 HIS A O   1 
ATOM   1146 C CB  . HIS A 1 151 ? 13.578  -12.979 -3.615  1.00 17.69 ? 287 HIS A CB  1 
ATOM   1147 C CG  . HIS A 1 151 ? 13.558  -14.418 -4.086  1.00 23.00 ? 287 HIS A CG  1 
ATOM   1148 N ND1 . HIS A 1 151 ? 14.616  -15.003 -4.749  1.00 22.67 ? 287 HIS A ND1 1 
ATOM   1149 C CD2 . HIS A 1 151 ? 12.574  -15.366 -4.040  1.00 25.47 ? 287 HIS A CD2 1 
ATOM   1150 C CE1 . HIS A 1 151 ? 14.307  -16.257 -5.054  1.00 26.19 ? 287 HIS A CE1 1 
ATOM   1151 N NE2 . HIS A 1 151 ? 13.069  -16.496 -4.655  1.00 27.16 ? 287 HIS A NE2 1 
ATOM   1152 N N   . ALA A 1 152 ? 11.565  -10.074 -2.830  1.00 12.25 ? 288 ALA A N   1 
ATOM   1153 C CA  . ALA A 1 152 ? 11.430  -9.063  -1.748  1.00 12.74 ? 288 ALA A CA  1 
ATOM   1154 C C   . ALA A 1 152 ? 10.361  -9.487  -0.720  1.00 11.88 ? 288 ALA A C   1 
ATOM   1155 O O   . ALA A 1 152 ? 10.440  -9.120  0.482   1.00 12.21 ? 288 ALA A O   1 
ATOM   1156 C CB  . ALA A 1 152 ? 11.026  -7.673  -2.290  1.00 12.50 ? 288 ALA A CB  1 
ATOM   1157 N N   . ASP A 1 153 ? 9.410   -10.270 -1.210  1.00 10.50 ? 289 ASP A N   1 
ATOM   1158 C CA  . ASP A 1 153 ? 8.265   -10.736 -0.419  1.00 9.55  ? 289 ASP A CA  1 
ATOM   1159 C C   . ASP A 1 153 ? 7.546   -9.566  0.322   1.00 11.41 ? 289 ASP A C   1 
ATOM   1160 O O   . ASP A 1 153 ? 7.105   -9.692  1.496   1.00 10.85 ? 289 ASP A O   1 
ATOM   1161 C CB  . ASP A 1 153 ? 8.713   -11.741 0.623   1.00 11.45 ? 289 ASP A CB  1 
ATOM   1162 C CG  . ASP A 1 153 ? 9.276   -13.001 0.010   1.00 12.12 ? 289 ASP A CG  1 
ATOM   1163 O OD1 . ASP A 1 153 ? 8.994   -13.257 -1.185  1.00 13.44 ? 289 ASP A OD1 1 
ATOM   1164 O OD2 . ASP A 1 153 ? 9.978   -13.676 0.788   1.00 14.90 ? 289 ASP A OD2 1 
ATOM   1165 N N   . GLY A 1 154 ? 7.459   -8.435  -0.366  1.00 11.06 ? 290 GLY A N   1 
ATOM   1166 C CA  . GLY A 1 154 ? 6.840   -7.225  0.205   1.00 11.21 ? 290 GLY A CA  1 
ATOM   1167 C C   . GLY A 1 154 ? 5.339   -7.304  0.123   1.00 11.16 ? 290 GLY A C   1 
ATOM   1168 O O   . GLY A 1 154 ? 4.786   -7.761  -0.895  1.00 12.62 ? 290 GLY A O   1 
ATOM   1169 N N   . VAL A 1 155 ? 4.661   -6.873  1.197   1.00 11.97 ? 291 VAL A N   1 
ATOM   1170 C CA  . VAL A 1 155 ? 3.213   -6.762  1.213   1.00 11.37 ? 291 VAL A CA  1 
ATOM   1171 C C   . VAL A 1 155 ? 2.775   -5.376  1.753   1.00 11.81 ? 291 VAL A C   1 
ATOM   1172 O O   . VAL A 1 155 ? 3.300   -4.857  2.774   1.00 10.86 ? 291 VAL A O   1 
ATOM   1173 C CB  . VAL A 1 155 ? 2.661   -7.882  2.143   1.00 13.50 ? 291 VAL A CB  1 
ATOM   1174 C CG1 . VAL A 1 155 ? 1.147   -7.898  2.209   1.00 13.51 ? 291 VAL A CG1 1 
ATOM   1175 C CG2 . VAL A 1 155 ? 3.163   -9.203  1.674   1.00 14.98 ? 291 VAL A CG2 1 
ATOM   1176 N N   . ILE A 1 156 ? 1.815   -4.797  1.033   1.00 10.98 ? 292 ILE A N   1 
ATOM   1177 C CA  . ILE A 1 156 ? 1.168   -3.585  1.503   1.00 12.36 ? 292 ILE A CA  1 
ATOM   1178 C C   . ILE A 1 156 ? -0.104  -4.097  2.209   1.00 11.49 ? 292 ILE A C   1 
ATOM   1179 O O   . ILE A 1 156 ? -1.003  -4.724  1.557   1.00 12.71 ? 292 ILE A O   1 
ATOM   1180 C CB  . ILE A 1 156 ? 0.772   -2.654  0.333   1.00 11.07 ? 292 ILE A CB  1 
ATOM   1181 C CG1 . ILE A 1 156 ? 1.998   -2.306  -0.552  1.00 11.05 ? 292 ILE A CG1 1 
ATOM   1182 C CG2 . ILE A 1 156 ? 0.133   -1.343  0.883   1.00 9.60  ? 292 ILE A CG2 1 
ATOM   1183 C CD1 . ILE A 1 156 ? 1.668   -1.860  -1.954  1.00 10.02 ? 292 ILE A CD1 1 
ATOM   1184 N N   . VAL A 1 157 ? -0.193  -3.728  3.483   1.00 10.92 ? 293 VAL A N   1 
ATOM   1185 C CA  . VAL A 1 157 ? -1.296  -4.170  4.342   1.00 11.10 ? 293 VAL A CA  1 
ATOM   1186 C C   . VAL A 1 157 ? -2.240  -3.012  4.597   1.00 12.65 ? 293 VAL A C   1 
ATOM   1187 O O   . VAL A 1 157 ? -1.881  -2.007  5.176   1.00 11.88 ? 293 VAL A O   1 
ATOM   1188 C CB  . VAL A 1 157 ? -0.811  -4.758  5.717   1.00 10.88 ? 293 VAL A CB  1 
ATOM   1189 C CG1 . VAL A 1 157 ? -2.024  -5.335  6.472   1.00 11.13 ? 293 VAL A CG1 1 
ATOM   1190 C CG2 . VAL A 1 157 ? 0.201   -5.907  5.513   1.00 12.79 ? 293 VAL A CG2 1 
ATOM   1191 N N   . GLY A 1 158 ? -3.477  -3.184  4.175   1.00 11.72 ? 294 GLY A N   1 
ATOM   1192 C CA  . GLY A 1 158 ? -4.517  -2.231  4.546   1.00 12.19 ? 294 GLY A CA  1 
ATOM   1193 C C   . GLY A 1 158 ? -5.533  -2.797  5.543   1.00 9.46  ? 294 GLY A C   1 
ATOM   1194 O O   . GLY A 1 158 ? -5.369  -3.900  6.048   1.00 12.02 ? 294 GLY A O   1 
ATOM   1195 N N   . PHE A 1 159 ? -6.511  -1.978  5.912   1.00 9.38  ? 295 PHE A N   1 
ATOM   1196 C CA  . PHE A 1 159 ? -7.514  -2.443  6.830   1.00 9.67  ? 295 PHE A CA  1 
ATOM   1197 C C   . PHE A 1 159 ? -8.855  -1.949  6.336   1.00 9.73  ? 295 PHE A C   1 
ATOM   1198 O O   . PHE A 1 159 ? -9.051  -0.759  6.106   1.00 9.80  ? 295 PHE A O   1 
ATOM   1199 C CB  . PHE A 1 159 ? -7.227  -2.049  8.277   1.00 9.66  ? 295 PHE A CB  1 
ATOM   1200 C CG  . PHE A 1 159 ? -8.289  -2.531  9.267   1.00 8.44  ? 295 PHE A CG  1 
ATOM   1201 C CD1 . PHE A 1 159 ? -8.100  -3.680  10.036  1.00 12.65 ? 295 PHE A CD1 1 
ATOM   1202 C CD2 . PHE A 1 159 ? -9.475  -1.769  9.430   1.00 13.04 ? 295 PHE A CD2 1 
ATOM   1203 C CE1 . PHE A 1 159 ? -9.113  -4.129  10.882  1.00 14.45 ? 295 PHE A CE1 1 
ATOM   1204 C CE2 . PHE A 1 159 ? -10.519 -2.214  10.279  1.00 11.95 ? 295 PHE A CE2 1 
ATOM   1205 C CZ  . PHE A 1 159 ? -10.328 -3.357  11.013  1.00 13.01 ? 295 PHE A CZ  1 
ATOM   1206 N N   . TRP A 1 160 ? -9.770  -2.905  6.116   1.00 11.45 ? 296 TRP A N   1 
ATOM   1207 C CA  . TRP A 1 160 ? -11.063 -2.624  5.478   1.00 10.53 ? 296 TRP A CA  1 
ATOM   1208 C C   . TRP A 1 160 ? -12.013 -2.035  6.516   1.00 11.73 ? 296 TRP A C   1 
ATOM   1209 O O   . TRP A 1 160 ? -12.383 -2.715  7.565   1.00 12.03 ? 296 TRP A O   1 
ATOM   1210 C CB  . TRP A 1 160 ? -11.666 -3.932  4.907   1.00 11.96 ? 296 TRP A CB  1 
ATOM   1211 C CG  . TRP A 1 160 ? -12.828 -3.645  4.098   1.00 11.62 ? 296 TRP A CG  1 
ATOM   1212 C CD1 . TRP A 1 160 ? -14.140 -3.707  4.479   1.00 14.03 ? 296 TRP A CD1 1 
ATOM   1213 C CD2 . TRP A 1 160 ? -12.825 -3.242  2.735   1.00 11.61 ? 296 TRP A CD2 1 
ATOM   1214 N NE1 . TRP A 1 160 ? -14.946 -3.371  3.424   1.00 14.56 ? 296 TRP A NE1 1 
ATOM   1215 C CE2 . TRP A 1 160 ? -14.165 -3.036  2.356   1.00 10.53 ? 296 TRP A CE2 1 
ATOM   1216 C CE3 . TRP A 1 160 ? -11.800 -2.960  1.805   1.00 14.67 ? 296 TRP A CE3 1 
ATOM   1217 C CZ2 . TRP A 1 160 ? -14.515 -2.642  1.090   1.00 11.23 ? 296 TRP A CZ2 1 
ATOM   1218 C CZ3 . TRP A 1 160 ? -12.152 -2.577  0.522   1.00 14.72 ? 296 TRP A CZ3 1 
ATOM   1219 C CH2 . TRP A 1 160 ? -13.512 -2.372  0.197   1.00 12.81 ? 296 TRP A CH2 1 
ATOM   1220 N N   . ARG A 1 161 ? -12.451 -0.814  6.213   1.00 11.28 ? 297 ARG A N   1 
ATOM   1221 C CA  . ARG A 1 161 ? -13.252 0.021   7.129   1.00 12.92 ? 297 ARG A CA  1 
ATOM   1222 C C   . ARG A 1 161 ? -14.697 0.124   6.698   1.00 12.36 ? 297 ARG A C   1 
ATOM   1223 O O   . ARG A 1 161 ? -15.532 0.593   7.473   1.00 13.83 ? 297 ARG A O   1 
ATOM   1224 C CB  . ARG A 1 161 ? -12.655 1.443   7.166   1.00 10.73 ? 297 ARG A CB  1 
ATOM   1225 C CG  . ARG A 1 161 ? -11.263 1.400   7.786   1.00 12.02 ? 297 ARG A CG  1 
ATOM   1226 C CD  . ARG A 1 161 ? -10.898 2.774   8.282   1.00 13.99 ? 297 ARG A CD  1 
ATOM   1227 N NE  . ARG A 1 161 ? -11.693 3.168   9.459   1.00 14.50 ? 297 ARG A NE  1 
ATOM   1228 C CZ  . ARG A 1 161 ? -12.080 4.432   9.711   1.00 16.74 ? 297 ARG A CZ  1 
ATOM   1229 N NH1 . ARG A 1 161 ? -11.701 5.444   8.879   1.00 12.51 ? 297 ARG A NH1 1 
ATOM   1230 N NH2 . ARG A 1 161 ? -12.773 4.717   10.863  1.00 10.56 ? 297 ARG A NH2 1 
ATOM   1231 N N   . ASP A 1 162 ? -15.018 -0.306  5.469   1.00 12.96 ? 298 ASP A N   1 
ATOM   1232 C CA  . ASP A 1 162 ? -16.335 -0.060  4.869   1.00 12.79 ? 298 ASP A CA  1 
ATOM   1233 C C   . ASP A 1 162 ? -17.346 -1.074  5.434   1.00 13.95 ? 298 ASP A C   1 
ATOM   1234 O O   . ASP A 1 162 ? -17.174 -2.278  5.261   1.00 13.61 ? 298 ASP A O   1 
ATOM   1235 C CB  . ASP A 1 162 ? -16.258 -0.138  3.326   1.00 12.99 ? 298 ASP A CB  1 
ATOM   1236 C CG  . ASP A 1 162 ? -17.580 0.271   2.600   1.00 15.13 ? 298 ASP A CG  1 
ATOM   1237 O OD1 . ASP A 1 162 ? -18.671 0.329   3.188   1.00 20.13 ? 298 ASP A OD1 1 
ATOM   1238 O OD2 . ASP A 1 162 ? -17.532 0.544   1.383   1.00 22.18 ? 298 ASP A OD2 1 
ATOM   1239 N N   . PRO A 1 163 ? -18.402 -0.563  6.125   1.00 15.49 ? 299 PRO A N   1 
ATOM   1240 C CA  . PRO A 1 163 ? -19.356 -1.471  6.713   1.00 15.54 ? 299 PRO A CA  1 
ATOM   1241 C C   . PRO A 1 163 ? -20.369 -1.997  5.699   1.00 17.92 ? 299 PRO A C   1 
ATOM   1242 O O   . PRO A 1 163 ? -21.182 -2.849  6.069   1.00 19.81 ? 299 PRO A O   1 
ATOM   1243 C CB  . PRO A 1 163 ? -20.062 -0.598  7.756   1.00 14.90 ? 299 PRO A CB  1 
ATOM   1244 C CG  . PRO A 1 163 ? -20.029 0.861   7.089   1.00 13.00 ? 299 PRO A CG  1 
ATOM   1245 C CD  . PRO A 1 163 ? -18.618 0.844   6.567   1.00 14.60 ? 299 PRO A CD  1 
ATOM   1246 N N   . SER A 1 164 ? -20.353 -1.486  4.461   1.00 20.17 ? 300 SER A N   1 
ATOM   1247 C CA  . SER A 1 164 ? -21.259 -1.994  3.378   1.00 21.12 ? 300 SER A CA  1 
ATOM   1248 C C   . SER A 1 164 ? -21.107 -3.507  3.146   1.00 22.49 ? 300 SER A C   1 
ATOM   1249 O O   . SER A 1 164 ? -20.055 -4.087  3.376   1.00 18.25 ? 300 SER A O   1 
ATOM   1250 C CB  . SER A 1 164 ? -21.028 -1.259  2.036   1.00 22.97 ? 300 SER A CB  1 
ATOM   1251 O OG  . SER A 1 164 ? -20.854 0.140   2.218   1.00 24.78 ? 300 SER A OG  1 
ATOM   1252 N N   . SER A 1 165 ? -22.192 -4.125  2.645   1.00 23.49 ? 301 SER A N   1 
ATOM   1253 C CA  . SER A 1 165 ? -22.319 -5.594  2.472   1.00 23.26 ? 301 SER A CA  1 
ATOM   1254 C C   . SER A 1 165 ? -21.794 -6.404  3.668   1.00 21.17 ? 301 SER A C   1 
ATOM   1255 O O   . SER A 1 165 ? -21.079 -7.385  3.504   1.00 20.07 ? 301 SER A O   1 
ATOM   1256 C CB  . SER A 1 165 ? -21.677 -6.086  1.150   1.00 24.02 ? 301 SER A CB  1 
ATOM   1257 O OG  . SER A 1 165 ? -21.951 -5.233  0.047   1.00 25.67 ? 301 SER A OG  1 
ATOM   1258 N N   . GLY A 1 166 ? -22.165 -5.970  4.872   1.00 20.02 ? 302 GLY A N   1 
ATOM   1259 C CA  . GLY A 1 166 ? -21.719 -6.625  6.108   1.00 19.32 ? 302 GLY A CA  1 
ATOM   1260 C C   . GLY A 1 166 ? -20.243 -6.521  6.378   1.00 20.87 ? 302 GLY A C   1 
ATOM   1261 O O   . GLY A 1 166 ? -19.714 -7.294  7.195   1.00 21.64 ? 302 GLY A O   1 
ATOM   1262 N N   . GLY A 1 167 ? -19.554 -5.554  5.745   1.00 19.02 ? 303 GLY A N   1 
ATOM   1263 C CA  . GLY A 1 167 ? -18.119 -5.411  6.041   1.00 17.21 ? 303 GLY A CA  1 
ATOM   1264 C C   . GLY A 1 167 ? -17.260 -6.330  5.192   1.00 14.92 ? 303 GLY A C   1 
ATOM   1265 O O   . GLY A 1 167 ? -16.024 -6.382  5.372   1.00 15.93 ? 303 GLY A O   1 
ATOM   1266 N N   . ALA A 1 168 ? -17.875 -7.056  4.253   1.00 13.72 ? 304 ALA A N   1 
ATOM   1267 C CA  . ALA A 1 168 ? -17.118 -8.033  3.408   1.00 12.32 ? 304 ALA A CA  1 
ATOM   1268 C C   . ALA A 1 168 ? -16.064 -7.339  2.511   1.00 12.48 ? 304 ALA A C   1 
ATOM   1269 O O   . ALA A 1 168 ? -16.373 -6.365  1.808   1.00 11.43 ? 304 ALA A O   1 
ATOM   1270 C CB  . ALA A 1 168 ? -18.072 -8.820  2.566   1.00 14.17 ? 304 ALA A CB  1 
ATOM   1271 N N   . ILE A 1 169 ? -14.850 -7.901  2.497   1.00 11.65 ? 305 ILE A N   1 
ATOM   1272 C CA  . ILE A 1 169 ? -13.750 -7.376  1.652   1.00 10.84 ? 305 ILE A CA  1 
ATOM   1273 C C   . ILE A 1 169 ? -13.908 -7.938  0.234   1.00 12.52 ? 305 ILE A C   1 
ATOM   1274 O O   . ILE A 1 169 ? -14.100 -9.158  0.081   1.00 11.70 ? 305 ILE A O   1 
ATOM   1275 C CB  . ILE A 1 169 ? -12.357 -7.717  2.256   1.00 9.18  ? 305 ILE A CB  1 
ATOM   1276 C CG1 . ILE A 1 169 ? -12.312 -7.239  3.700   1.00 10.06 ? 305 ILE A CG1 1 
ATOM   1277 C CG2 . ILE A 1 169 ? -11.244 -7.038  1.390   1.00 10.53 ? 305 ILE A CG2 1 
ATOM   1278 C CD1 . ILE A 1 169 ? -11.043 -7.646  4.429   1.00 13.02 ? 305 ILE A CD1 1 
ATOM   1279 N N   . PRO A 1 170 ? -13.935 -7.058  -0.780  1.00 12.90 ? 306 PRO A N   1 
ATOM   1280 C CA  . PRO A 1 170 ? -14.162 -7.486  -2.189  1.00 15.06 ? 306 PRO A CA  1 
ATOM   1281 C C   . PRO A 1 170 ? -13.055 -8.439  -2.648  1.00 15.09 ? 306 PRO A C   1 
ATOM   1282 O O   . PRO A 1 170 ? -11.931 -8.479  -2.107  1.00 13.32 ? 306 PRO A O   1 
ATOM   1283 C CB  . PRO A 1 170 ? -14.079 -6.162  -2.991  1.00 14.96 ? 306 PRO A CB  1 
ATOM   1284 C CG  . PRO A 1 170 ? -14.336 -5.070  -1.965  1.00 15.50 ? 306 PRO A CG  1 
ATOM   1285 C CD  . PRO A 1 170 ? -13.801 -5.586  -0.672  1.00 12.92 ? 306 PRO A CD  1 
ATOM   1286 N N   . PHE A 1 171 ? -13.381 -9.235  -3.660  1.00 15.22 ? 307 PHE A N   1 
ATOM   1287 C CA  . PHE A 1 171 ? -12.385 -10.032 -4.328  1.00 15.41 ? 307 PHE A CA  1 
ATOM   1288 C C   . PHE A 1 171 ? -11.951 -9.321  -5.629  1.00 16.75 ? 307 PHE A C   1 
ATOM   1289 O O   . PHE A 1 171 ? -11.402 -9.959  -6.552  1.00 17.12 ? 307 PHE A O   1 
ATOM   1290 C CB  . PHE A 1 171 ? -13.036 -11.372 -4.613  1.00 15.23 ? 307 PHE A CB  1 
ATOM   1291 C CG  . PHE A 1 171 ? -13.308 -12.153 -3.366  1.00 19.28 ? 307 PHE A CG  1 
ATOM   1292 C CD1 . PHE A 1 171 ? -12.287 -12.952 -2.807  1.00 24.57 ? 307 PHE A CD1 1 
ATOM   1293 C CD2 . PHE A 1 171 ? -14.547 -12.044 -2.726  1.00 19.09 ? 307 PHE A CD2 1 
ATOM   1294 C CE1 . PHE A 1 171 ? -12.521 -13.667 -1.600  1.00 27.03 ? 307 PHE A CE1 1 
ATOM   1295 C CE2 . PHE A 1 171 ? -14.807 -12.764 -1.509  1.00 25.59 ? 307 PHE A CE2 1 
ATOM   1296 C CZ  . PHE A 1 171 ? -13.776 -13.555 -0.943  1.00 26.13 ? 307 PHE A CZ  1 
ATOM   1297 N N   . ASP A 1 172 ? -12.277 -8.018  -5.730  1.00 16.98 ? 308 ASP A N   1 
ATOM   1298 C CA  . ASP A 1 172 ? -11.930 -7.225  -6.905  1.00 16.49 ? 308 ASP A CA  1 
ATOM   1299 C C   . ASP A 1 172 ? -11.199 -5.968  -6.394  1.00 16.15 ? 308 ASP A C   1 
ATOM   1300 O O   . ASP A 1 172 ? -11.802 -5.115  -5.746  1.00 14.77 ? 308 ASP A O   1 
ATOM   1301 C CB  . ASP A 1 172 ? -13.187 -6.887  -7.731  1.00 18.38 ? 308 ASP A CB  1 
ATOM   1302 C CG  . ASP A 1 172 ? -12.918 -5.823  -8.815  1.00 18.88 ? 308 ASP A CG  1 
ATOM   1303 O OD1 . ASP A 1 172 ? -11.747 -5.400  -9.008  1.00 21.46 ? 308 ASP A OD1 1 
ATOM   1304 O OD2 . ASP A 1 172 ? -13.874 -5.490  -9.566  1.00 28.68 ? 308 ASP A OD2 1 
ATOM   1305 N N   . PHE A 1 173 ? -9.897  -5.896  -6.683  1.00 14.69 ? 309 PHE A N   1 
ATOM   1306 C CA  . PHE A 1 173 ? -9.051  -4.851  -6.096  1.00 15.21 ? 309 PHE A CA  1 
ATOM   1307 C C   . PHE A 1 173 ? -9.449  -3.445  -6.572  1.00 14.16 ? 309 PHE A C   1 
ATOM   1308 O O   . PHE A 1 173 ? -9.206  -2.446  -5.901  1.00 13.95 ? 309 PHE A O   1 
ATOM   1309 C CB  . PHE A 1 173 ? -7.540  -5.127  -6.300  1.00 13.29 ? 309 PHE A CB  1 
ATOM   1310 C CG  . PHE A 1 173 ? -6.689  -4.127  -5.592  1.00 12.95 ? 309 PHE A CG  1 
ATOM   1311 C CD1 . PHE A 1 173 ? -6.668  -4.083  -4.211  1.00 11.12 ? 309 PHE A CD1 1 
ATOM   1312 C CD2 . PHE A 1 173 ? -5.988  -3.140  -6.337  1.00 11.81 ? 309 PHE A CD2 1 
ATOM   1313 C CE1 . PHE A 1 173 ? -5.940  -3.121  -3.528  1.00 15.26 ? 309 PHE A CE1 1 
ATOM   1314 C CE2 . PHE A 1 173 ? -5.276  -2.147  -5.661  1.00 15.75 ? 309 PHE A CE2 1 
ATOM   1315 C CZ  . PHE A 1 173 ? -5.265  -2.112  -4.275  1.00 12.30 ? 309 PHE A CZ  1 
ATOM   1316 N N   . THR A 1 174 ? -10.108 -3.372  -7.715  1.00 14.96 ? 310 THR A N   1 
ATOM   1317 C CA  . THR A 1 174 ? -10.529 -2.067  -8.204  1.00 16.60 ? 310 THR A CA  1 
ATOM   1318 C C   . THR A 1 174 ? -11.668 -1.507  -7.363  1.00 16.86 ? 310 THR A C   1 
ATOM   1319 O O   . THR A 1 174 ? -11.996 -0.322  -7.500  1.00 18.98 ? 310 THR A O   1 
ATOM   1320 C CB  . THR A 1 174 ? -10.933 -2.120  -9.698  1.00 17.80 ? 310 THR A CB  1 
ATOM   1321 O OG1 . THR A 1 174 ? -12.183 -2.804  -9.776  1.00 16.42 ? 310 THR A OG1 1 
ATOM   1322 C CG2 . THR A 1 174 ? -9.900  -2.842  -10.540 1.00 19.71 ? 310 THR A CG2 1 
ATOM   1323 N N   . LYS A 1 175 ? -12.272 -2.322  -6.471  1.00 17.27 ? 311 LYS A N   1 
ATOM   1324 C CA  . LYS A 1 175 ? -13.247 -1.814  -5.514  1.00 15.32 ? 311 LYS A CA  1 
ATOM   1325 C C   . LYS A 1 175 ? -12.595 -1.152  -4.302  1.00 15.21 ? 311 LYS A C   1 
ATOM   1326 O O   . LYS A 1 175 ? -13.277 -0.571  -3.501  1.00 14.55 ? 311 LYS A O   1 
ATOM   1327 C CB  . LYS A 1 175 ? -14.244 -2.915  -5.078  1.00 16.23 ? 311 LYS A CB  1 
ATOM   1328 C CG  . LYS A 1 175 ? -14.981 -3.468  -6.359  1.00 17.93 ? 311 LYS A CG  1 
ATOM   1329 C CD  . LYS A 1 175 ? -16.398 -4.040  -5.982  1.00 25.45 ? 311 LYS A CD  1 
ATOM   1330 C CE  . LYS A 1 175 ? -17.253 -4.170  -7.233  1.00 32.23 ? 311 LYS A CE  1 
ATOM   1331 N NZ  . LYS A 1 175 ? -16.553 -5.223  -8.036  1.00 33.21 ? 311 LYS A NZ  1 
ATOM   1332 N N   . PHE A 1 176 ? -11.273 -1.239  -4.162  1.00 14.41 ? 312 PHE A N   1 
ATOM   1333 C CA  . PHE A 1 176 ? -10.575 -0.642  -2.998  1.00 12.86 ? 312 PHE A CA  1 
ATOM   1334 C C   . PHE A 1 176 ? -10.178 0.824   -3.238  1.00 13.59 ? 312 PHE A C   1 
ATOM   1335 O O   . PHE A 1 176 ? -9.916  1.211   -4.386  1.00 15.22 ? 312 PHE A O   1 
ATOM   1336 C CB  . PHE A 1 176 ? -9.233  -1.414  -2.798  1.00 12.50 ? 312 PHE A CB  1 
ATOM   1337 C CG  . PHE A 1 176 ? -9.366  -2.755  -2.144  1.00 14.80 ? 312 PHE A CG  1 
ATOM   1338 C CD1 . PHE A 1 176 ? -8.660  -3.050  -0.960  1.00 11.14 ? 312 PHE A CD1 1 
ATOM   1339 C CD2 . PHE A 1 176 ? -10.190 -3.729  -2.696  1.00 14.06 ? 312 PHE A CD2 1 
ATOM   1340 C CE1 . PHE A 1 176 ? -8.774  -4.327  -0.350  1.00 15.31 ? 312 PHE A CE1 1 
ATOM   1341 C CE2 . PHE A 1 176 ? -10.320 -5.030  -2.107  1.00 15.23 ? 312 PHE A CE2 1 
ATOM   1342 C CZ  . PHE A 1 176 ? -9.584  -5.344  -0.971  1.00 13.33 ? 312 PHE A CZ  1 
ATOM   1343 N N   . ASP A 1 177 ? -10.141 1.612   -2.168  1.00 12.75 ? 313 ASP A N   1 
ATOM   1344 C CA  . ASP A 1 177 ? -9.647  2.992   -2.201  1.00 11.31 ? 313 ASP A CA  1 
ATOM   1345 C C   . ASP A 1 177 ? -9.135  3.374   -0.847  1.00 11.99 ? 313 ASP A C   1 
ATOM   1346 O O   . ASP A 1 177 ? -9.414  2.683   0.095   1.00 11.73 ? 313 ASP A O   1 
ATOM   1347 C CB  . ASP A 1 177 ? -10.674 3.940   -2.818  1.00 13.73 ? 313 ASP A CB  1 
ATOM   1348 C CG  . ASP A 1 177 ? -11.862 4.271   -1.894  1.00 16.69 ? 313 ASP A CG  1 
ATOM   1349 O OD1 . ASP A 1 177 ? -11.741 4.421   -0.668  1.00 15.93 ? 313 ASP A OD1 1 
ATOM   1350 O OD2 . ASP A 1 177 ? -12.950 4.397   -2.456  1.00 20.46 ? 313 ASP A OD2 1 
ATOM   1351 N N   . LYS A 1 178 ? -8.392  4.469   -0.720  1.00 9.72  ? 314 LYS A N   1 
ATOM   1352 C CA  . LYS A 1 178 ? -7.775  4.769   0.551   1.00 9.60  ? 314 LYS A CA  1 
ATOM   1353 C C   . LYS A 1 178 ? -8.721  5.105   1.698   1.00 10.32 ? 314 LYS A C   1 
ATOM   1354 O O   . LYS A 1 178 ? -8.295  5.017   2.851   1.00 10.32 ? 314 LYS A O   1 
ATOM   1355 C CB  . LYS A 1 178 ? -6.794  5.935   0.300   1.00 11.56 ? 314 LYS A CB  1 
ATOM   1356 C CG  . LYS A 1 178 ? -7.564  7.229   0.056   1.00 12.02 ? 314 LYS A CG  1 
ATOM   1357 C CD  . LYS A 1 178 ? -6.594  8.271   -0.512  1.00 17.16 ? 314 LYS A CD  1 
ATOM   1358 C CE  . LYS A 1 178 ? -7.193  9.622   -0.469  1.00 18.16 ? 314 LYS A CE  1 
ATOM   1359 N NZ  . LYS A 1 178 ? -6.101  10.650  -0.506  1.00 22.31 ? 314 LYS A NZ  1 
ATOM   1360 N N   . THR A 1 179 ? -9.961  5.519   1.418   1.00 9.97  ? 315 THR A N   1 
ATOM   1361 C CA  . THR A 1 179 ? -10.965 5.740   2.472   1.00 10.92 ? 315 THR A CA  1 
ATOM   1362 C C   . THR A 1 179 ? -11.643 4.407   2.972   1.00 10.11 ? 315 THR A C   1 
ATOM   1363 O O   . THR A 1 179 ? -11.740 4.192   4.187   1.00 11.61 ? 315 THR A O   1 
ATOM   1364 C CB  . THR A 1 179 ? -12.007 6.696   1.958   1.00 12.36 ? 315 THR A CB  1 
ATOM   1365 O OG1 . THR A 1 179 ? -11.275 7.852   1.492   1.00 17.04 ? 315 THR A OG1 1 
ATOM   1366 C CG2 . THR A 1 179 ? -12.920 7.174   3.091   1.00 14.94 ? 315 THR A CG2 1 
ATOM   1367 N N   . LYS A 1 180 ? -12.007 3.545   2.030   1.00 10.52 ? 316 LYS A N   1 
ATOM   1368 C CA  . LYS A 1 180 ? -12.522 2.222   2.344   1.00 9.97  ? 316 LYS A CA  1 
ATOM   1369 C C   . LYS A 1 180 ? -11.485 1.351   3.002   1.00 10.70 ? 316 LYS A C   1 
ATOM   1370 O O   . LYS A 1 180 ? -11.839 0.490   3.836   1.00 10.83 ? 316 LYS A O   1 
ATOM   1371 C CB  . LYS A 1 180 ? -12.975 1.535   1.091   1.00 11.93 ? 316 LYS A CB  1 
ATOM   1372 C CG  . LYS A 1 180 ? -14.201 2.168   0.534   1.00 12.91 ? 316 LYS A CG  1 
ATOM   1373 C CD  . LYS A 1 180 ? -14.605 1.408   -0.701  1.00 16.87 ? 316 LYS A CD  1 
ATOM   1374 C CE  . LYS A 1 180 ? -15.603 2.101   -1.628  1.00 25.15 ? 316 LYS A CE  1 
ATOM   1375 N NZ  . LYS A 1 180 ? -15.844 1.094   -2.758  1.00 27.65 ? 316 LYS A NZ  1 
ATOM   1376 N N   . CYS A 1 181 ? -10.225 1.485   2.561   1.00 9.58  ? 317 CYS A N   1 
ATOM   1377 C CA  . CYS A 1 181 ? -9.165  0.559   3.005   1.00 10.90 ? 317 CYS A CA  1 
ATOM   1378 C C   . CYS A 1 181 ? -7.785  1.229   3.134   1.00 11.17 ? 317 CYS A C   1 
ATOM   1379 O O   . CYS A 1 181 ? -6.878  0.958   2.322   1.00 13.61 ? 317 CYS A O   1 
ATOM   1380 C CB  . CYS A 1 181 ? -9.110  -0.674  2.100   1.00 11.75 ? 317 CYS A CB  1 
ATOM   1381 S SG  . CYS A 1 181 ? -8.150  -2.100  2.651   1.00 13.57 ? 317 CYS A SG  1 
ATOM   1382 N N   . PRO A 1 182 ? -7.599  2.032   4.206   1.00 14.04 ? 318 PRO A N   1 
ATOM   1383 C CA  . PRO A 1 182 ? -6.339  2.763   4.277   1.00 12.72 ? 318 PRO A CA  1 
ATOM   1384 C C   . PRO A 1 182 ? -5.154  1.836   4.558   1.00 12.50 ? 318 PRO A C   1 
ATOM   1385 O O   . PRO A 1 182 ? -5.304  0.778   5.213   1.00 9.35  ? 318 PRO A O   1 
ATOM   1386 C CB  . PRO A 1 182 ? -6.566  3.755   5.425   1.00 11.92 ? 318 PRO A CB  1 
ATOM   1387 C CG  . PRO A 1 182 ? -7.697  3.125   6.263   1.00 15.50 ? 318 PRO A CG  1 
ATOM   1388 C CD  . PRO A 1 182 ? -8.581  2.555   5.177   1.00 12.72 ? 318 PRO A CD  1 
ATOM   1389 N N   . ILE A 1 183 ? -3.998  2.225   4.001   1.00 9.44  ? 319 ILE A N   1 
ATOM   1390 C CA  . ILE A 1 183 ? -2.773  1.433   4.244   1.00 9.80  ? 319 ILE A CA  1 
ATOM   1391 C C   . ILE A 1 183 ? -2.361  1.607   5.676   1.00 9.63  ? 319 ILE A C   1 
ATOM   1392 O O   . ILE A 1 183 ? -2.319  2.746   6.185   1.00 12.67 ? 319 ILE A O   1 
ATOM   1393 C CB  . ILE A 1 183 ? -1.627  1.864   3.250   1.00 8.33  ? 319 ILE A CB  1 
ATOM   1394 C CG1 . ILE A 1 183 ? -2.143  1.692   1.803   1.00 10.55 ? 319 ILE A CG1 1 
ATOM   1395 C CG2 . ILE A 1 183 ? -0.230  1.185   3.635   1.00 9.01  ? 319 ILE A CG2 1 
ATOM   1396 C CD1 . ILE A 1 183 ? -1.322  2.396   0.698   1.00 11.16 ? 319 ILE A CD1 1 
ATOM   1397 N N   . GLN A 1 184 ? -1.992  0.510   6.316   1.00 7.87  ? 320 GLN A N   1 
ATOM   1398 C CA  . GLN A 1 184 ? -1.563  0.522   7.739   1.00 9.57  ? 320 GLN A CA  1 
ATOM   1399 C C   . GLN A 1 184 ? -0.078  0.332   7.809   1.00 12.25 ? 320 GLN A C   1 
ATOM   1400 O O   . GLN A 1 184 ? 0.568   0.833   8.742   1.00 12.46 ? 320 GLN A O   1 
ATOM   1401 C CB  . GLN A 1 184 ? -2.190  -0.654  8.459   1.00 10.99 ? 320 GLN A CB  1 
ATOM   1402 C CG  . GLN A 1 184 ? -3.735  -0.798  8.354   1.00 11.54 ? 320 GLN A CG  1 
ATOM   1403 C CD  . GLN A 1 184 ? -4.415  0.414   8.943   1.00 11.78 ? 320 GLN A CD  1 
ATOM   1404 O OE1 . GLN A 1 184 ? -5.011  1.213   8.215   1.00 20.34 ? 320 GLN A OE1 1 
ATOM   1405 N NE2 . GLN A 1 184 ? -4.184  0.646   10.221  1.00 8.69  ? 320 GLN A NE2 1 
ATOM   1406 N N   . ALA A 1 185 ? 0.477   -0.467  6.893   1.00 11.85 ? 321 ALA A N   1 
ATOM   1407 C CA  . ALA A 1 185 ? 1.929   -0.737  6.911   1.00 12.67 ? 321 ALA A CA  1 
ATOM   1408 C C   . ALA A 1 185 ? 2.396   -1.440  5.644   1.00 11.50 ? 321 ALA A C   1 
ATOM   1409 O O   . ALA A 1 185 ? 1.580   -1.983  4.884   1.00 11.03 ? 321 ALA A O   1 
ATOM   1410 C CB  . ALA A 1 185 ? 2.333   -1.553  8.150   1.00 13.88 ? 321 ALA A CB  1 
ATOM   1411 N N   . VAL A 1 186 ? 3.716   -1.404  5.395   1.00 9.03  ? 322 VAL A N   1 
ATOM   1412 C CA  . VAL A 1 186 ? 4.312   -2.193  4.303   1.00 9.52  ? 322 VAL A CA  1 
ATOM   1413 C C   . VAL A 1 186 ? 5.247   -3.111  5.057   1.00 7.97  ? 322 VAL A C   1 
ATOM   1414 O O   . VAL A 1 186 ? 6.076   -2.654  5.932   1.00 9.67  ? 322 VAL A O   1 
ATOM   1415 C CB  . VAL A 1 186 ? 5.165   -1.323  3.271   1.00 10.68 ? 322 VAL A CB  1 
ATOM   1416 C CG1 . VAL A 1 186 ? 5.984   -2.266  2.341   1.00 12.28 ? 322 VAL A CG1 1 
ATOM   1417 C CG2 . VAL A 1 186 ? 4.290   -0.441  2.404   1.00 10.10 ? 322 VAL A CG2 1 
ATOM   1418 N N   . ILE A 1 187 ? 5.143   -4.417  4.772   1.00 9.72  ? 323 ILE A N   1 
ATOM   1419 C CA  . ILE A 1 187 ? 5.970   -5.396  5.492   1.00 8.67  ? 323 ILE A CA  1 
ATOM   1420 C C   . ILE A 1 187 ? 6.714   -6.304  4.528   1.00 9.56  ? 323 ILE A C   1 
ATOM   1421 O O   . ILE A 1 187 ? 6.352   -6.385  3.338   1.00 11.24 ? 323 ILE A O   1 
ATOM   1422 C CB  . ILE A 1 187 ? 5.115   -6.307  6.503   1.00 9.21  ? 323 ILE A CB  1 
ATOM   1423 C CG1 . ILE A 1 187 ? 4.114   -7.132  5.678   1.00 11.47 ? 323 ILE A CG1 1 
ATOM   1424 C CG2 . ILE A 1 187 ? 4.289   -5.409  7.446   1.00 8.82  ? 323 ILE A CG2 1 
ATOM   1425 C CD1 . ILE A 1 187 ? 3.310   -8.186  6.537   1.00 8.53  ? 323 ILE A CD1 1 
ATOM   1426 N N   . VAL A 1 188 ? 7.699   -7.013  5.086   1.00 8.08  ? 324 VAL A N   1 
ATOM   1427 C CA  . VAL A 1 188 ? 8.203   -8.240  4.472   1.00 10.11 ? 324 VAL A CA  1 
ATOM   1428 C C   . VAL A 1 188 ? 7.540   -9.465  5.185   1.00 11.31 ? 324 VAL A C   1 
ATOM   1429 O O   . VAL A 1 188 ? 7.736   -9.684  6.379   1.00 12.08 ? 324 VAL A O   1 
ATOM   1430 C CB  . VAL A 1 188 ? 9.752   -8.298  4.458   1.00 8.05  ? 324 VAL A CB  1 
ATOM   1431 C CG1 . VAL A 1 188 ? 10.204  -9.686  3.954   1.00 9.43  ? 324 VAL A CG1 1 
ATOM   1432 C CG2 . VAL A 1 188 ? 10.381  -7.214  3.481   1.00 9.21  ? 324 VAL A CG2 1 
ATOM   1433 N N   . VAL A 1 189 ? 6.663   -10.199 4.483   1.00 11.79 ? 325 VAL A N   1 
ATOM   1434 C CA  . VAL A 1 189 ? 5.979   -11.315 5.176   1.00 12.90 ? 325 VAL A CA  1 
ATOM   1435 C C   . VAL A 1 189 ? 6.971   -12.463 5.464   1.00 12.71 ? 325 VAL A C   1 
ATOM   1436 O O   . VAL A 1 189 ? 7.618   -12.975 4.542   1.00 12.73 ? 325 VAL A O   1 
ATOM   1437 C CB  . VAL A 1 189 ? 4.711   -11.778 4.439   1.00 13.59 ? 325 VAL A CB  1 
ATOM   1438 C CG1 . VAL A 1 189 ? 5.039   -12.260 3.031   1.00 15.89 ? 325 VAL A CG1 1 
ATOM   1439 C CG2 . VAL A 1 189 ? 3.937   -12.841 5.243   1.00 13.37 ? 325 VAL A CG2 1 
ATOM   1440 N N   . PRO A 1 190 ? 7.094   -12.879 6.732   1.00 14.00 ? 326 PRO A N   1 
ATOM   1441 C CA  . PRO A 1 190 ? 8.001   -14.044 7.051   1.00 15.03 ? 326 PRO A CA  1 
ATOM   1442 C C   . PRO A 1 190 ? 7.594   -15.345 6.394   1.00 16.15 ? 326 PRO A C   1 
ATOM   1443 O O   . PRO A 1 190 ? 6.405   -15.666 6.283   1.00 16.65 ? 326 PRO A O   1 
ATOM   1444 C CB  . PRO A 1 190 ? 7.859   -14.234 8.558   1.00 15.08 ? 326 PRO A CB  1 
ATOM   1445 C CG  . PRO A 1 190 ? 7.256   -12.906 9.043   1.00 15.59 ? 326 PRO A CG  1 
ATOM   1446 C CD  . PRO A 1 190 ? 6.346   -12.440 7.916   1.00 13.04 ? 326 PRO A CD  1 
ATOM   1447 N N   . ARG A 1 191 ? 8.604   -16.103 5.977   1.00 14.75 ? 327 ARG A N   1 
ATOM   1448 C CA  . ARG A 1 191 ? 8.371   -17.507 5.592   1.00 17.20 ? 327 ARG A CA  1 
ATOM   1449 C C   . ARG A 1 191 ? 7.873   -18.356 6.722   1.00 18.71 ? 327 ARG A C   1 
ATOM   1450 O O   . ARG A 1 191 ? 8.176   -18.088 7.870   1.00 17.40 ? 327 ARG A O   1 
ATOM   1451 C CB  . ARG A 1 191 ? 9.648   -18.124 5.067   1.00 16.82 ? 327 ARG A CB  1 
ATOM   1452 C CG  . ARG A 1 191 ? 9.930   -17.605 3.675   1.00 13.98 ? 327 ARG A CG  1 
ATOM   1453 C CD  . ARG A 1 191 ? 11.396  -17.870 3.232   1.00 11.11 ? 327 ARG A CD  1 
ATOM   1454 N NE  . ARG A 1 191 ? 12.382  -17.115 4.008   1.00 13.00 ? 327 ARG A NE  1 
ATOM   1455 C CZ  . ARG A 1 191 ? 13.153  -16.159 3.457   1.00 11.20 ? 327 ARG A CZ  1 
ATOM   1456 N NH1 . ARG A 1 191 ? 13.047  -15.905 2.170   1.00 9.73  ? 327 ARG A NH1 1 
ATOM   1457 N NH2 . ARG A 1 191 ? 14.032  -15.515 4.183   1.00 14.78 ? 327 ARG A NH2 1 
ATOM   1458 N N   . ALA A 1 192 ? 7.151   -19.423 6.388   1.00 21.65 ? 328 ALA A N   1 
ATOM   1459 C CA  . ALA A 1 192 ? 6.730   -20.344 7.436   1.00 25.82 ? 328 ALA A CA  1 
ATOM   1460 C C   . ALA A 1 192 ? 6.867   -21.783 6.940   1.00 28.28 ? 328 ALA A C   1 
ATOM   1461 O O   . ALA A 1 192 ? 7.662   -22.100 6.020   1.00 29.64 ? 328 ALA A O   1 
ATOM   1462 C CB  . ALA A 1 192 ? 5.308   -20.029 7.892   1.00 26.93 ? 328 ALA A CB  1 
ATOM   1463 O OXT . ALA A 1 192 ? 6.190   -22.683 7.448   1.00 30.55 ? 328 ALA A OXT 1 
HETATM 1464 O O1  . PG4 B 2 .   ? 23.784  8.725   6.660   1.00 36.98 ? 401 PG4 A O1  1 
HETATM 1465 C C1  . PG4 B 2 .   ? 23.893  7.348   6.332   1.00 31.65 ? 401 PG4 A C1  1 
HETATM 1466 C C2  . PG4 B 2 .   ? 23.594  7.167   4.866   1.00 31.39 ? 401 PG4 A C2  1 
HETATM 1467 O O2  . PG4 B 2 .   ? 22.192  7.107   4.850   1.00 28.05 ? 401 PG4 A O2  1 
HETATM 1468 C C3  . PG4 B 2 .   ? 21.634  6.625   3.641   1.00 22.82 ? 401 PG4 A C3  1 
HETATM 1469 C C4  . PG4 B 2 .   ? 20.194  7.079   3.451   1.00 25.94 ? 401 PG4 A C4  1 
HETATM 1470 O O3  . PG4 B 2 .   ? 20.242  8.492   3.586   1.00 27.15 ? 401 PG4 A O3  1 
HETATM 1471 C C5  . PG4 B 2 .   ? 18.948  9.091   3.497   1.00 27.89 ? 401 PG4 A C5  1 
HETATM 1472 C C6  . PG4 B 2 .   ? 19.105  10.593  3.456   1.00 26.14 ? 401 PG4 A C6  1 
HETATM 1473 O O4  . PG4 B 2 .   ? 18.928  11.059  4.791   1.00 28.35 ? 401 PG4 A O4  1 
HETATM 1474 C C7  . PG4 B 2 .   ? 19.497  12.364  4.965   1.00 34.75 ? 401 PG4 A C7  1 
HETATM 1475 C C8  . PG4 B 2 .   ? 19.303  12.833  6.403   1.00 37.34 ? 401 PG4 A C8  1 
HETATM 1476 O O5  . PG4 B 2 .   ? 20.614  13.092  6.910   1.00 41.40 ? 401 PG4 A O5  1 
HETATM 1477 O O   . HOH C 3 .   ? 14.178  -0.731  -0.887  1.00 19.13 ? 501 HOH A O   1 
HETATM 1478 O O   . HOH C 3 .   ? -8.647  -7.589  -8.551  1.00 20.41 ? 502 HOH A O   1 
HETATM 1479 O O   . HOH C 3 .   ? -0.192  4.593   5.632   1.00 20.27 ? 503 HOH A O   1 
HETATM 1480 O O   . HOH C 3 .   ? 13.023  20.329  -12.050 1.00 18.60 ? 504 HOH A O   1 
HETATM 1481 O O   . HOH C 3 .   ? 7.002   1.331   -10.120 1.00 20.84 ? 505 HOH A O   1 
HETATM 1482 O O   . HOH C 3 .   ? 15.427  11.930  6.627   1.00 14.22 ? 506 HOH A O   1 
HETATM 1483 O O   . HOH C 3 .   ? -17.615 -3.828  2.217   1.00 13.30 ? 507 HOH A O   1 
HETATM 1484 O O   . HOH C 3 .   ? 11.450  15.852  -4.167  1.00 18.84 ? 508 HOH A O   1 
HETATM 1485 O O   . HOH C 3 .   ? 13.001  -8.062  1.185   1.00 15.51 ? 509 HOH A O   1 
HETATM 1486 O O   . HOH C 3 .   ? -1.293  13.614  3.965   1.00 19.96 ? 510 HOH A O   1 
HETATM 1487 O O   . HOH C 3 .   ? 11.793  -3.842  10.102  1.00 23.95 ? 511 HOH A O   1 
HETATM 1488 O O   . HOH C 3 .   ? -2.680  -7.246  17.639  1.00 17.41 ? 512 HOH A O   1 
HETATM 1489 O O   . HOH C 3 .   ? -5.461  4.262   -7.677  1.00 16.20 ? 513 HOH A O   1 
HETATM 1490 O O   . HOH C 3 .   ? 11.430  2.331   -2.018  1.00 16.09 ? 514 HOH A O   1 
HETATM 1491 O O   . HOH C 3 .   ? 14.656  -8.045  -0.786  1.00 20.14 ? 515 HOH A O   1 
HETATM 1492 O O   . HOH C 3 .   ? 0.781   -6.430  -1.274  1.00 15.66 ? 516 HOH A O   1 
HETATM 1493 O O   . HOH C 3 .   ? 11.171  -14.869 5.747   1.00 15.21 ? 517 HOH A O   1 
HETATM 1494 O O   . HOH C 3 .   ? -10.798 5.614   6.246   1.00 18.37 ? 518 HOH A O   1 
HETATM 1495 O O   . HOH C 3 .   ? -3.279  -0.998  12.065  1.00 15.13 ? 519 HOH A O   1 
HETATM 1496 O O   . HOH C 3 .   ? 16.715  17.751  -7.852  1.00 17.52 ? 520 HOH A O   1 
HETATM 1497 O O   . HOH C 3 .   ? 14.881  4.952   3.574   1.00 11.75 ? 521 HOH A O   1 
HETATM 1498 O O   . HOH C 3 .   ? 12.495  -14.102 -0.400  1.00 11.77 ? 522 HOH A O   1 
HETATM 1499 O O   . HOH C 3 .   ? 3.325   14.471  -0.326  1.00 21.32 ? 523 HOH A O   1 
HETATM 1500 O O   . HOH C 3 .   ? 18.252  10.850  -2.239  1.00 12.83 ? 524 HOH A O   1 
HETATM 1501 O O   . HOH C 3 .   ? 1.027   14.271  0.605   1.00 41.50 ? 525 HOH A O   1 
HETATM 1502 O O   . HOH C 3 .   ? -13.271 -4.996  8.759   1.00 17.54 ? 526 HOH A O   1 
HETATM 1503 O O   . HOH C 3 .   ? -8.008  0.262   -6.142  1.00 17.72 ? 527 HOH A O   1 
HETATM 1504 O O   . HOH C 3 .   ? 1.127   -10.834 -3.489  1.00 20.60 ? 528 HOH A O   1 
HETATM 1505 O O   . HOH C 3 .   ? 13.459  -4.534  -3.241  1.00 15.19 ? 529 HOH A O   1 
HETATM 1506 O O   . HOH C 3 .   ? -8.720  -17.618 5.403   1.00 24.39 ? 530 HOH A O   1 
HETATM 1507 O O   . HOH C 3 .   ? -4.026  -7.075  15.265  1.00 16.94 ? 531 HOH A O   1 
HETATM 1508 O O   . HOH C 3 .   ? 3.169   11.748  -9.780  1.00 11.80 ? 532 HOH A O   1 
HETATM 1509 O O   . HOH C 3 .   ? 11.132  16.524  -1.281  1.00 18.76 ? 533 HOH A O   1 
HETATM 1510 O O   . HOH C 3 .   ? -8.561  -17.489 12.309  1.00 12.91 ? 534 HOH A O   1 
HETATM 1511 O O   . HOH C 3 .   ? 6.916   13.936  0.005   1.00 15.38 ? 535 HOH A O   1 
HETATM 1512 O O   . HOH C 3 .   ? 7.931   -12.688 -3.468  1.00 22.56 ? 536 HOH A O   1 
HETATM 1513 O O   . HOH C 3 .   ? 11.345  -17.105 0.193   1.00 14.05 ? 537 HOH A O   1 
HETATM 1514 O O   . HOH C 3 .   ? 0.296   5.917   13.386  1.00 30.17 ? 538 HOH A O   1 
HETATM 1515 O O   . HOH C 3 .   ? -3.277  11.410  -11.955 1.00 26.11 ? 539 HOH A O   1 
HETATM 1516 O O   . HOH C 3 .   ? 13.621  18.876  -14.128 1.00 22.94 ? 540 HOH A O   1 
HETATM 1517 O O   . HOH C 3 .   ? -14.509 -0.943  14.739  1.00 22.05 ? 541 HOH A O   1 
HETATM 1518 O O   . HOH C 3 .   ? -5.760  4.169   -22.719 1.00 32.46 ? 542 HOH A O   1 
HETATM 1519 O O   . HOH C 3 .   ? 18.775  10.356  -11.542 1.00 22.38 ? 543 HOH A O   1 
HETATM 1520 O O   . HOH C 3 .   ? -3.369  8.230   1.507   1.00 30.35 ? 544 HOH A O   1 
HETATM 1521 O O   . HOH C 3 .   ? 9.618   -13.257 -5.351  1.00 33.65 ? 545 HOH A O   1 
HETATM 1522 O O   . HOH C 3 .   ? 3.876   20.047  -19.626 1.00 31.18 ? 546 HOH A O   1 
HETATM 1523 O O   . HOH C 3 .   ? 1.501   -19.199 2.387   1.00 27.57 ? 547 HOH A O   1 
HETATM 1524 O O   . HOH C 3 .   ? 6.201   -8.532  15.883  1.00 18.90 ? 548 HOH A O   1 
HETATM 1525 O O   . HOH C 3 .   ? 19.379  8.390   -2.759  1.00 18.62 ? 549 HOH A O   1 
HETATM 1526 O O   . HOH C 3 .   ? -39.705 13.232  9.393   1.00 34.02 ? 550 HOH A O   1 
HETATM 1527 O O   . HOH C 3 .   ? -6.709  1.992   -7.954  1.00 16.08 ? 551 HOH A O   1 
HETATM 1528 O O   . HOH C 3 .   ? 1.188   -20.904 7.418   1.00 28.95 ? 552 HOH A O   1 
HETATM 1529 O O   . HOH C 3 .   ? 10.032  -13.390 3.429   1.00 13.56 ? 553 HOH A O   1 
HETATM 1530 O O   . HOH C 3 .   ? -1.157  5.590   -1.127  1.00 19.84 ? 554 HOH A O   1 
HETATM 1531 O O   . HOH C 3 .   ? 11.246  -3.338  12.920  1.00 21.41 ? 555 HOH A O   1 
HETATM 1532 O O   . HOH C 3 .   ? 7.612   -5.600  14.719  1.00 15.21 ? 556 HOH A O   1 
HETATM 1533 O O   . HOH C 3 .   ? 16.514  13.406  -6.066  1.00 15.84 ? 557 HOH A O   1 
HETATM 1534 O O   . HOH C 3 .   ? 16.289  16.259  -5.883  1.00 23.36 ? 558 HOH A O   1 
HETATM 1535 O O   . HOH C 3 .   ? 11.810  3.077   6.843   1.00 12.41 ? 559 HOH A O   1 
HETATM 1536 O O   . HOH C 3 .   ? -1.105  5.682   2.942   1.00 19.40 ? 560 HOH A O   1 
HETATM 1537 O O   . HOH C 3 .   ? -14.616 5.906   -0.930  1.00 34.80 ? 561 HOH A O   1 
HETATM 1538 O O   . HOH C 3 .   ? 0.662   -7.504  -4.325  1.00 17.02 ? 562 HOH A O   1 
HETATM 1539 O O   . HOH C 3 .   ? 14.463  0.488   5.965   1.00 25.60 ? 563 HOH A O   1 
HETATM 1540 O O   . HOH C 3 .   ? 17.114  3.869   2.591   1.00 19.66 ? 564 HOH A O   1 
HETATM 1541 O O   . HOH C 3 .   ? -8.350  6.736   6.627   1.00 24.88 ? 565 HOH A O   1 
HETATM 1542 O O   . HOH C 3 .   ? 2.484   10.598  -25.156 1.00 16.31 ? 566 HOH A O   1 
HETATM 1543 O O   . HOH C 3 .   ? 9.583   6.733   12.868  1.00 18.69 ? 567 HOH A O   1 
HETATM 1544 O O   . HOH C 3 .   ? 1.765   3.848   11.925  1.00 20.30 ? 568 HOH A O   1 
HETATM 1545 O O   . HOH C 3 .   ? -9.952  -9.560  6.750   1.00 20.06 ? 569 HOH A O   1 
HETATM 1546 O O   . HOH C 3 .   ? 0.045   2.324   10.802  1.00 30.90 ? 570 HOH A O   1 
HETATM 1547 O O   . HOH C 3 .   ? 9.721   -10.332 7.959   1.00 25.64 ? 571 HOH A O   1 
HETATM 1548 O O   . HOH C 3 .   ? -12.615 -5.814  11.411  1.00 23.16 ? 572 HOH A O   1 
HETATM 1549 O O   . HOH C 3 .   ? -0.045  -9.027  -1.832  1.00 20.86 ? 573 HOH A O   1 
HETATM 1550 O O   . HOH C 3 .   ? -6.389  3.492   9.273   1.00 19.48 ? 574 HOH A O   1 
HETATM 1551 O O   . HOH C 3 .   ? -3.192  -4.375  15.240  1.00 19.01 ? 575 HOH A O   1 
HETATM 1552 O O   . HOH C 3 .   ? -1.642  11.314  -28.469 1.00 18.74 ? 576 HOH A O   1 
HETATM 1553 O O   . HOH C 3 .   ? -1.774  7.958   -21.727 1.00 23.40 ? 577 HOH A O   1 
HETATM 1554 O O   . HOH C 3 .   ? 7.875   -9.881  -4.135  1.00 15.98 ? 578 HOH A O   1 
HETATM 1555 O O   . HOH C 3 .   ? 6.936   1.857   -13.164 1.00 27.15 ? 579 HOH A O   1 
HETATM 1556 O O   . HOH C 3 .   ? 17.087  1.129   2.714   1.00 25.76 ? 580 HOH A O   1 
HETATM 1557 O O   . HOH C 3 .   ? -24.717 -2.988  2.346   1.00 25.08 ? 581 HOH A O   1 
HETATM 1558 O O   . HOH C 3 .   ? 3.486   12.737  -22.246 1.00 32.33 ? 582 HOH A O   1 
HETATM 1559 O O   . HOH C 3 .   ? 10.469  -22.254 6.699   1.00 30.98 ? 583 HOH A O   1 
HETATM 1560 O O   . HOH C 3 .   ? 10.861  19.858  -16.622 1.00 22.02 ? 584 HOH A O   1 
HETATM 1561 O O   . HOH C 3 .   ? -3.664  0.524   14.755  1.00 21.48 ? 585 HOH A O   1 
HETATM 1562 O O   . HOH C 3 .   ? 16.033  12.626  -8.752  1.00 28.32 ? 586 HOH A O   1 
HETATM 1563 O O   . HOH C 3 .   ? 13.226  10.089  8.152   1.00 12.52 ? 587 HOH A O   1 
HETATM 1564 O O   . HOH C 3 .   ? -2.042  -17.001 2.361   1.00 22.37 ? 588 HOH A O   1 
HETATM 1565 O O   . HOH C 3 .   ? 12.651  14.587  6.901   1.00 30.55 ? 589 HOH A O   1 
HETATM 1566 O O   . HOH C 3 .   ? -16.001 -9.049  -4.717  1.00 25.17 ? 590 HOH A O   1 
HETATM 1567 O O   . HOH C 3 .   ? -7.422  7.340   3.958   1.00 20.21 ? 591 HOH A O   1 
HETATM 1568 O O   . HOH C 3 .   ? -4.396  -5.255  18.925  1.00 23.20 ? 592 HOH A O   1 
HETATM 1569 O O   . HOH C 3 .   ? -9.303  9.020   3.290   1.00 19.59 ? 593 HOH A O   1 
HETATM 1570 O O   . HOH C 3 .   ? -9.832  -0.170  17.861  1.00 31.29 ? 594 HOH A O   1 
HETATM 1571 O O   . HOH C 3 .   ? 6.208   10.265  -19.558 1.00 24.54 ? 595 HOH A O   1 
HETATM 1572 O O   . HOH C 3 .   ? -1.941  6.024   -19.055 1.00 25.60 ? 596 HOH A O   1 
HETATM 1573 O O   . HOH C 3 .   ? 0.689   15.293  -7.983  1.00 35.03 ? 597 HOH A O   1 
HETATM 1574 O O   . HOH C 3 .   ? 8.258   -11.992 -7.602  1.00 32.78 ? 598 HOH A O   1 
HETATM 1575 O O   . HOH C 3 .   ? -3.452  6.290   -0.129  1.00 19.00 ? 599 HOH A O   1 
HETATM 1576 O O   . HOH C 3 .   ? -2.430  -7.473  -10.625 1.00 18.53 ? 600 HOH A O   1 
HETATM 1577 O O   . HOH C 3 .   ? -5.959  -7.411  -9.157  1.00 24.74 ? 601 HOH A O   1 
HETATM 1578 O O   . HOH C 3 .   ? -7.158  -12.798 5.339   1.00 23.46 ? 602 HOH A O   1 
HETATM 1579 O O   . HOH C 3 .   ? 2.658   -3.442  -12.699 1.00 29.18 ? 603 HOH A O   1 
HETATM 1580 O O   . HOH C 3 .   ? -8.339  1.799   -10.107 1.00 24.66 ? 604 HOH A O   1 
HETATM 1581 O O   . HOH C 3 .   ? -21.246 -3.845  8.533   1.00 41.75 ? 605 HOH A O   1 
HETATM 1582 O O   . HOH C 3 .   ? 4.711   -5.500  -9.857  1.00 25.80 ? 606 HOH A O   1 
HETATM 1583 O O   . HOH C 3 .   ? 7.238   4.146   -14.072 1.00 30.43 ? 607 HOH A O   1 
HETATM 1584 O O   . HOH C 3 .   ? 0.407   11.700  -8.848  1.00 23.52 ? 608 HOH A O   1 
HETATM 1585 O O   . HOH C 3 .   ? 8.641   -21.252 3.420   1.00 29.88 ? 609 HOH A O   1 
HETATM 1586 O O   . HOH C 3 .   ? -7.766  -13.991 0.668   1.00 26.85 ? 610 HOH A O   1 
HETATM 1587 O O   . HOH C 3 .   ? -24.404 -4.114  5.444   1.00 31.42 ? 611 HOH A O   1 
HETATM 1588 O O   . HOH C 3 .   ? 4.496   0.336   -14.016 1.00 26.66 ? 612 HOH A O   1 
HETATM 1589 O O   . HOH C 3 .   ? -0.255  12.940  -5.693  1.00 31.68 ? 613 HOH A O   1 
HETATM 1590 O O   . HOH C 3 .   ? 0.433   -21.200 -4.204  1.00 33.12 ? 614 HOH A O   1 
HETATM 1591 O O   . HOH C 3 .   ? 10.296  -7.858  8.332   1.00 27.04 ? 615 HOH A O   1 
HETATM 1592 O O   . HOH C 3 .   ? -1.890  12.654  -9.888  1.00 20.49 ? 616 HOH A O   1 
HETATM 1593 O O   . HOH C 3 .   ? -3.971  4.992   2.368   1.00 12.35 ? 617 HOH A O   1 
HETATM 1594 O O   . HOH C 3 .   ? -6.619  -8.130  15.052  1.00 18.90 ? 618 HOH A O   1 
HETATM 1595 O O   . HOH C 3 .   ? -8.699  11.470  2.268   1.00 16.19 ? 619 HOH A O   1 
HETATM 1596 O O   . HOH C 3 .   ? -17.523 -9.706  -2.512  1.00 32.71 ? 620 HOH A O   1 
HETATM 1597 O O   . HOH C 3 .   ? -2.775  0.018   -16.816 1.00 25.49 ? 621 HOH A O   1 
HETATM 1598 O O   . HOH C 3 .   ? -8.299  5.408   -22.350 1.00 22.25 ? 622 HOH A O   1 
HETATM 1599 O O   . HOH C 3 .   ? 15.738  -0.957  1.143   1.00 25.75 ? 623 HOH A O   1 
HETATM 1600 O O   . HOH C 3 .   ? -23.072 -9.741  3.766   1.00 35.10 ? 624 HOH A O   1 
HETATM 1601 O O   . HOH C 3 .   ? -15.602 1.604   -5.946  1.00 33.47 ? 625 HOH A O   1 
HETATM 1602 O O   . HOH C 3 .   ? 13.646  2.919   4.778   1.00 13.50 ? 626 HOH A O   1 
HETATM 1603 O O   . HOH C 3 .   ? 5.972   -3.131  22.679  1.00 35.72 ? 627 HOH A O   1 
HETATM 1604 O O   . HOH C 3 .   ? 18.401  12.035  0.505   1.00 15.69 ? 628 HOH A O   1 
HETATM 1605 O O   . HOH C 3 .   ? -5.528  -14.717 12.023  1.00 17.68 ? 629 HOH A O   1 
HETATM 1606 O O   . HOH C 3 .   ? 9.233   -5.338  -9.358  1.00 35.26 ? 630 HOH A O   1 
HETATM 1607 O O   . HOH C 3 .   ? 2.559   17.999  -1.748  1.00 28.73 ? 631 HOH A O   1 
HETATM 1608 O O   . HOH C 3 .   ? -17.770 -6.709  -0.796  1.00 32.86 ? 632 HOH A O   1 
HETATM 1609 O O   . HOH C 3 .   ? 7.324   21.634  -5.318  1.00 39.28 ? 633 HOH A O   1 
HETATM 1610 O O   . HOH C 3 .   ? 10.957  1.338   -14.083 1.00 35.16 ? 634 HOH A O   1 
HETATM 1611 O O   . HOH C 3 .   ? -2.209  4.117   10.758  1.00 34.59 ? 635 HOH A O   1 
HETATM 1612 O O   . HOH C 3 .   ? -5.787  9.955   -3.960  1.00 25.46 ? 636 HOH A O   1 
HETATM 1613 O O   . HOH C 3 .   ? 21.357  10.198  -10.331 1.00 30.77 ? 637 HOH A O   1 
HETATM 1614 O O   . HOH C 3 .   ? 14.132  17.326  -5.097  1.00 27.84 ? 638 HOH A O   1 
HETATM 1615 O O   . HOH C 3 .   ? 12.045  -0.715  14.931  1.00 40.51 ? 639 HOH A O   1 
HETATM 1616 O O   . HOH C 3 .   ? 2.835   18.695  -6.079  1.00 26.89 ? 640 HOH A O   1 
HETATM 1617 O O   . HOH C 3 .   ? -1.237  -17.919 13.451  1.00 25.13 ? 641 HOH A O   1 
HETATM 1618 O O   . HOH C 3 .   ? 1.513   -18.804 -0.205  1.00 31.05 ? 642 HOH A O   1 
HETATM 1619 O O   . HOH C 3 .   ? 14.762  2.281   -3.950  1.00 32.37 ? 643 HOH A O   1 
HETATM 1620 O O   . HOH C 3 .   ? 0.993   14.748  -24.242 1.00 33.23 ? 644 HOH A O   1 
HETATM 1621 O O   . HOH C 3 .   ? -2.234  -13.418 -9.607  1.00 31.56 ? 645 HOH A O   1 
HETATM 1622 O O   . HOH C 3 .   ? -0.138  -18.899 8.693   1.00 29.96 ? 646 HOH A O   1 
HETATM 1623 O O   . HOH C 3 .   ? -14.206 -7.076  7.253   1.00 27.22 ? 647 HOH A O   1 
HETATM 1624 O O   . HOH C 3 .   ? 16.014  6.139   11.014  1.00 34.84 ? 648 HOH A O   1 
HETATM 1625 O O   . HOH C 3 .   ? -20.686 -0.955  11.223  1.00 31.22 ? 649 HOH A O   1 
HETATM 1626 O O   . HOH C 3 .   ? -14.361 0.891   17.203  1.00 28.42 ? 650 HOH A O   1 
HETATM 1627 O O   . HOH C 3 .   ? -1.149  16.217  -5.361  1.00 41.06 ? 651 HOH A O   1 
HETATM 1628 O O   . HOH C 3 .   ? 6.801   -24.380 1.849   1.00 43.60 ? 652 HOH A O   1 
HETATM 1629 O O   . HOH C 3 .   ? 16.980  -14.077 -5.410  1.00 26.03 ? 653 HOH A O   1 
HETATM 1630 O O   . HOH C 3 .   ? 6.479   -3.026  -10.771 1.00 43.53 ? 654 HOH A O   1 
HETATM 1631 O O   . HOH C 3 .   ? 22.404  10.172  4.429   1.00 24.14 ? 655 HOH A O   1 
# 
